data_2KJG
#
_entry.id   2KJG
#
_entity_poly.entity_id   1
_entity_poly.type   'polypeptide(L)'
_entity_poly.pdbx_seq_one_letter_code
;MSILEDPEFVKLRQFKGKVNFNLVMQILDEIELDLRGSDNIKTSIIYVYSSHLDEIRKNKEFYDMIAEILQRYYKKIGIE
NVNQLILTTIKLEHHHHHH
;
_entity_poly.pdbx_strand_id   A
#
# COMPACT_ATOMS: atom_id res chain seq x y z
N MET A 1 -0.30 -7.35 16.48
CA MET A 1 -0.46 -6.26 15.52
C MET A 1 0.89 -5.74 15.08
N SER A 2 1.39 -6.29 14.01
CA SER A 2 2.65 -5.90 13.46
C SER A 2 2.52 -5.84 11.94
N ILE A 3 3.59 -5.50 11.29
CA ILE A 3 3.66 -5.42 9.84
C ILE A 3 5.15 -5.58 9.48
N LEU A 4 5.89 -6.05 10.46
CA LEU A 4 7.33 -6.04 10.43
C LEU A 4 7.89 -7.38 10.01
N GLU A 5 7.05 -8.40 10.04
CA GLU A 5 7.45 -9.76 9.73
C GLU A 5 7.94 -9.91 8.28
N ASP A 6 7.61 -8.97 7.42
CA ASP A 6 7.95 -9.17 6.02
C ASP A 6 9.01 -8.19 5.53
N PRO A 7 10.05 -8.73 4.83
CA PRO A 7 11.11 -7.93 4.21
C PRO A 7 10.63 -6.89 3.16
N GLU A 8 9.46 -7.08 2.55
CA GLU A 8 8.99 -6.08 1.55
C GLU A 8 8.72 -4.75 2.25
N PHE A 9 8.25 -4.84 3.48
CA PHE A 9 7.87 -3.67 4.26
C PHE A 9 9.10 -2.83 4.62
N VAL A 10 10.19 -3.48 5.02
CA VAL A 10 11.39 -2.76 5.41
C VAL A 10 11.96 -2.01 4.20
N LYS A 11 11.84 -2.61 3.04
CA LYS A 11 12.31 -1.99 1.81
C LYS A 11 11.50 -0.73 1.49
N LEU A 12 10.19 -0.77 1.77
CA LEU A 12 9.33 0.42 1.63
C LEU A 12 9.83 1.52 2.55
N ARG A 13 10.15 1.13 3.77
CA ARG A 13 10.68 2.02 4.79
C ARG A 13 12.01 2.63 4.34
N GLN A 14 12.84 1.82 3.68
CA GLN A 14 14.14 2.25 3.16
C GLN A 14 13.97 3.32 2.07
N PHE A 15 12.99 3.13 1.19
CA PHE A 15 12.76 4.06 0.11
C PHE A 15 12.10 5.34 0.60
N LYS A 16 11.60 5.30 1.84
CA LYS A 16 10.97 6.47 2.53
C LYS A 16 9.63 6.83 1.90
N GLY A 17 9.22 6.08 0.91
CA GLY A 17 7.99 6.34 0.20
C GLY A 17 8.25 7.14 -1.06
N LYS A 18 8.41 8.47 -0.90
CA LYS A 18 8.66 9.45 -1.99
C LYS A 18 7.49 9.55 -2.98
N VAL A 19 6.40 8.96 -2.62
CA VAL A 19 5.22 8.89 -3.46
C VAL A 19 4.19 9.92 -3.04
N ASN A 20 3.19 10.09 -3.85
CA ASN A 20 2.12 11.02 -3.59
C ASN A 20 1.21 10.41 -2.56
N PHE A 21 1.18 11.00 -1.39
CA PHE A 21 0.35 10.53 -0.31
C PHE A 21 -1.11 10.51 -0.71
N ASN A 22 -1.48 11.46 -1.52
CA ASN A 22 -2.87 11.64 -1.88
C ASN A 22 -3.29 10.58 -2.84
N LEU A 23 -2.40 10.25 -3.73
CA LEU A 23 -2.72 9.29 -4.74
C LEU A 23 -2.68 7.89 -4.18
N VAL A 24 -1.69 7.60 -3.33
CA VAL A 24 -1.58 6.27 -2.72
C VAL A 24 -2.77 6.02 -1.81
N MET A 25 -3.17 7.06 -1.10
CA MET A 25 -4.34 7.01 -0.23
C MET A 25 -5.56 6.63 -1.06
N GLN A 26 -5.62 7.13 -2.28
CA GLN A 26 -6.69 6.80 -3.19
C GLN A 26 -6.53 5.40 -3.76
N ILE A 27 -5.30 5.01 -4.10
CA ILE A 27 -4.99 3.66 -4.62
C ILE A 27 -5.47 2.60 -3.61
N LEU A 28 -5.04 2.79 -2.38
CA LEU A 28 -5.38 1.90 -1.28
C LEU A 28 -6.88 1.91 -1.05
N ASP A 29 -7.46 3.09 -1.12
CA ASP A 29 -8.91 3.28 -0.95
C ASP A 29 -9.68 2.56 -2.03
N GLU A 30 -9.19 2.72 -3.24
CA GLU A 30 -9.83 2.19 -4.43
C GLU A 30 -9.87 0.65 -4.39
N ILE A 31 -8.76 0.02 -4.01
CA ILE A 31 -8.76 -1.44 -3.88
C ILE A 31 -9.61 -1.85 -2.68
N GLU A 32 -9.55 -1.06 -1.61
CA GLU A 32 -10.26 -1.32 -0.38
C GLU A 32 -11.75 -1.32 -0.60
N LEU A 33 -12.28 -0.26 -1.19
CA LEU A 33 -13.71 -0.14 -1.42
C LEU A 33 -14.25 -1.26 -2.30
N ASP A 34 -13.43 -1.73 -3.23
CA ASP A 34 -13.83 -2.84 -4.09
C ASP A 34 -13.83 -4.11 -3.27
N LEU A 35 -12.76 -4.32 -2.52
CA LEU A 35 -12.59 -5.51 -1.68
C LEU A 35 -13.62 -5.56 -0.54
N ARG A 36 -14.15 -4.43 -0.15
CA ARG A 36 -15.17 -4.39 0.88
C ARG A 36 -16.48 -4.97 0.35
N GLY A 37 -16.73 -4.76 -0.92
CA GLY A 37 -17.93 -5.30 -1.55
C GLY A 37 -17.66 -6.68 -2.13
N SER A 38 -16.50 -6.83 -2.71
CA SER A 38 -16.08 -8.05 -3.35
C SER A 38 -15.29 -8.93 -2.36
N ASP A 39 -14.66 -9.99 -2.85
CA ASP A 39 -13.90 -10.88 -1.95
C ASP A 39 -12.48 -11.13 -2.46
N ASN A 40 -12.17 -10.69 -3.65
CA ASN A 40 -10.89 -11.02 -4.26
C ASN A 40 -10.05 -9.77 -4.39
N ILE A 41 -9.05 -9.66 -3.55
CA ILE A 41 -8.21 -8.47 -3.53
C ILE A 41 -7.25 -8.47 -4.72
N LYS A 42 -6.90 -9.65 -5.21
CA LYS A 42 -6.05 -9.77 -6.38
C LYS A 42 -6.72 -9.07 -7.55
N THR A 43 -7.99 -9.40 -7.72
CA THR A 43 -8.80 -8.79 -8.75
C THR A 43 -8.99 -7.29 -8.48
N SER A 44 -9.16 -6.91 -7.20
CA SER A 44 -9.25 -5.51 -6.81
C SER A 44 -7.98 -4.74 -7.24
N ILE A 45 -6.81 -5.39 -7.05
CA ILE A 45 -5.52 -4.84 -7.46
C ILE A 45 -5.52 -4.58 -8.97
N ILE A 46 -6.02 -5.56 -9.73
CA ILE A 46 -6.07 -5.51 -11.19
C ILE A 46 -6.72 -4.23 -11.70
N TYR A 47 -7.91 -3.90 -11.17
CA TYR A 47 -8.66 -2.73 -11.66
C TYR A 47 -7.85 -1.46 -11.46
N VAL A 48 -7.43 -1.26 -10.24
CA VAL A 48 -6.79 -0.05 -9.81
C VAL A 48 -5.44 0.13 -10.46
N TYR A 49 -4.68 -0.93 -10.54
CA TYR A 49 -3.36 -0.88 -11.12
C TYR A 49 -3.43 -0.69 -12.63
N SER A 50 -4.40 -1.33 -13.27
CA SER A 50 -4.57 -1.18 -14.71
C SER A 50 -5.16 0.20 -15.02
N SER A 51 -5.95 0.72 -14.12
CA SER A 51 -6.55 2.01 -14.30
C SER A 51 -5.49 3.11 -14.11
N HIS A 52 -4.67 2.95 -13.09
CA HIS A 52 -3.67 3.95 -12.73
C HIS A 52 -2.27 3.50 -13.16
N LEU A 53 -2.19 2.84 -14.34
CA LEU A 53 -0.92 2.30 -14.89
C LEU A 53 0.22 3.28 -14.82
N ASP A 54 -0.06 4.53 -15.15
CA ASP A 54 0.95 5.58 -15.15
C ASP A 54 1.63 5.72 -13.80
N GLU A 55 0.86 5.76 -12.74
CA GLU A 55 1.45 5.89 -11.45
C GLU A 55 2.10 4.58 -11.00
N ILE A 56 1.49 3.47 -11.39
CA ILE A 56 1.99 2.15 -11.02
C ILE A 56 3.40 1.95 -11.57
N ARG A 57 3.60 2.32 -12.82
CA ARG A 57 4.90 2.19 -13.46
C ARG A 57 5.88 3.23 -12.91
N LYS A 58 5.35 4.32 -12.36
CA LYS A 58 6.15 5.41 -11.82
C LYS A 58 6.87 4.90 -10.58
N ASN A 59 6.09 4.35 -9.68
CA ASN A 59 6.58 3.89 -8.39
C ASN A 59 6.46 2.39 -8.38
N LYS A 60 7.02 1.73 -9.39
CA LYS A 60 6.85 0.29 -9.56
C LYS A 60 7.38 -0.52 -8.39
N GLU A 61 8.43 -0.04 -7.72
CA GLU A 61 8.99 -0.72 -6.58
C GLU A 61 7.98 -0.70 -5.45
N PHE A 62 7.45 0.47 -5.22
CA PHE A 62 6.48 0.70 -4.20
C PHE A 62 5.21 -0.10 -4.46
N TYR A 63 4.66 0.03 -5.66
CA TYR A 63 3.42 -0.64 -6.01
C TYR A 63 3.54 -2.15 -6.10
N ASP A 64 4.72 -2.65 -6.40
CA ASP A 64 4.91 -4.11 -6.39
C ASP A 64 4.89 -4.64 -4.97
N MET A 65 5.69 -4.01 -4.13
CA MET A 65 5.82 -4.43 -2.75
C MET A 65 4.56 -4.26 -1.96
N ILE A 66 3.88 -3.12 -2.13
CA ILE A 66 2.65 -2.92 -1.39
C ILE A 66 1.58 -3.90 -1.83
N ALA A 67 1.45 -4.16 -3.14
CA ALA A 67 0.46 -5.10 -3.66
C ALA A 67 0.62 -6.46 -3.03
N GLU A 68 1.85 -6.87 -2.84
CA GLU A 68 2.14 -8.12 -2.19
C GLU A 68 1.63 -8.05 -0.74
N ILE A 69 2.13 -7.06 -0.01
CA ILE A 69 1.82 -6.83 1.41
C ILE A 69 0.31 -6.69 1.67
N LEU A 70 -0.36 -5.93 0.82
CA LEU A 70 -1.79 -5.67 0.94
C LEU A 70 -2.60 -6.96 0.99
N GLN A 71 -2.34 -7.84 0.05
CA GLN A 71 -3.05 -9.12 -0.03
C GLN A 71 -2.62 -10.02 1.14
N ARG A 72 -1.33 -10.06 1.33
CA ARG A 72 -0.62 -10.87 2.31
C ARG A 72 -1.10 -10.57 3.73
N TYR A 73 -1.24 -9.31 4.06
CA TYR A 73 -1.63 -8.91 5.38
C TYR A 73 -3.12 -8.69 5.53
N TYR A 74 -3.86 -8.55 4.43
CA TYR A 74 -5.31 -8.36 4.55
C TYR A 74 -5.95 -9.61 5.12
N LYS A 75 -5.39 -10.76 4.79
CA LYS A 75 -5.89 -12.02 5.34
C LYS A 75 -5.60 -12.13 6.85
N LYS A 76 -4.58 -11.44 7.31
CA LYS A 76 -4.14 -11.54 8.70
C LYS A 76 -4.66 -10.39 9.61
N ILE A 77 -4.53 -9.15 9.15
CA ILE A 77 -4.95 -8.01 9.99
C ILE A 77 -6.11 -7.23 9.38
N GLY A 78 -6.31 -7.36 8.08
CA GLY A 78 -7.42 -6.67 7.43
C GLY A 78 -6.92 -5.58 6.53
N ILE A 79 -7.56 -5.40 5.39
CA ILE A 79 -7.10 -4.44 4.39
C ILE A 79 -7.12 -3.00 4.93
N GLU A 80 -8.14 -2.69 5.73
CA GLU A 80 -8.29 -1.36 6.36
C GLU A 80 -7.01 -1.01 7.10
N ASN A 81 -6.57 -1.97 7.88
CA ASN A 81 -5.39 -1.86 8.71
C ASN A 81 -4.12 -1.78 7.90
N VAL A 82 -4.01 -2.60 6.86
CA VAL A 82 -2.80 -2.61 6.04
C VAL A 82 -2.65 -1.28 5.31
N ASN A 83 -3.74 -0.80 4.72
CA ASN A 83 -3.76 0.47 3.98
C ASN A 83 -3.29 1.61 4.86
N GLN A 84 -3.77 1.62 6.09
CA GLN A 84 -3.41 2.63 7.05
C GLN A 84 -1.90 2.54 7.34
N LEU A 85 -1.42 1.33 7.55
CA LEU A 85 -0.01 1.11 7.84
C LEU A 85 0.88 1.53 6.67
N ILE A 86 0.41 1.32 5.45
CA ILE A 86 1.15 1.72 4.25
C ILE A 86 1.27 3.26 4.22
N LEU A 87 0.19 3.93 4.57
CA LEU A 87 0.18 5.40 4.65
C LEU A 87 1.16 5.88 5.70
N THR A 88 1.22 5.16 6.79
CA THR A 88 2.13 5.43 7.86
C THR A 88 3.61 5.25 7.40
N THR A 89 3.81 4.30 6.49
CA THR A 89 5.12 3.97 5.96
C THR A 89 5.64 5.07 5.01
N ILE A 90 4.74 5.73 4.32
CA ILE A 90 5.13 6.77 3.38
C ILE A 90 5.15 8.13 4.03
N LYS A 91 4.64 8.22 5.23
CA LYS A 91 4.61 9.47 5.91
C LYS A 91 5.71 9.63 6.91
N LEU A 92 6.40 10.73 6.80
CA LEU A 92 7.31 11.14 7.82
C LEU A 92 6.46 11.75 8.92
N GLU A 93 6.86 11.56 10.15
CA GLU A 93 6.09 11.93 11.34
C GLU A 93 5.49 13.38 11.30
N HIS A 94 6.25 14.41 11.59
CA HIS A 94 5.71 15.79 11.50
C HIS A 94 6.76 16.77 11.01
N HIS A 95 7.93 16.27 10.70
CA HIS A 95 8.99 17.13 10.22
C HIS A 95 9.01 17.06 8.71
N HIS A 96 8.36 17.99 8.08
CA HIS A 96 8.30 18.05 6.63
C HIS A 96 8.82 19.38 6.15
N HIS A 97 8.12 20.45 6.54
CA HIS A 97 8.52 21.79 6.15
C HIS A 97 9.83 22.17 6.83
N HIS A 98 10.07 21.61 7.99
CA HIS A 98 11.34 21.79 8.62
C HIS A 98 11.94 20.42 8.84
N HIS A 99 12.63 19.97 7.85
CA HIS A 99 13.26 18.69 7.84
C HIS A 99 14.57 18.84 7.10
N MET A 1 0.65 -7.58 15.46
CA MET A 1 1.23 -6.52 16.29
C MET A 1 2.05 -5.58 15.43
N SER A 2 3.09 -6.10 14.83
CA SER A 2 3.95 -5.31 14.02
C SER A 2 3.83 -5.77 12.57
N ILE A 3 3.82 -4.83 11.66
CA ILE A 3 3.77 -5.14 10.24
C ILE A 3 5.21 -5.23 9.68
N LEU A 4 6.16 -4.94 10.57
CA LEU A 4 7.59 -4.98 10.25
C LEU A 4 8.12 -6.42 10.10
N GLU A 5 7.22 -7.39 10.05
CA GLU A 5 7.60 -8.78 9.88
C GLU A 5 7.93 -9.04 8.42
N ASP A 6 7.43 -8.19 7.56
CA ASP A 6 7.56 -8.40 6.13
C ASP A 6 8.86 -7.83 5.57
N PRO A 7 9.58 -8.59 4.70
CA PRO A 7 10.82 -8.13 4.08
C PRO A 7 10.59 -7.03 3.04
N GLU A 8 9.47 -7.06 2.37
CA GLU A 8 9.18 -6.09 1.34
C GLU A 8 8.79 -4.78 2.00
N PHE A 9 8.09 -4.90 3.11
CA PHE A 9 7.63 -3.75 3.88
C PHE A 9 8.81 -2.91 4.39
N VAL A 10 9.84 -3.59 4.88
CA VAL A 10 11.03 -2.89 5.34
C VAL A 10 11.72 -2.18 4.17
N LYS A 11 11.66 -2.79 2.98
CA LYS A 11 12.18 -2.14 1.76
C LYS A 11 11.41 -0.87 1.47
N LEU A 12 10.10 -0.90 1.72
CA LEU A 12 9.23 0.26 1.52
C LEU A 12 9.64 1.41 2.44
N ARG A 13 10.04 1.08 3.65
CA ARG A 13 10.43 2.11 4.60
C ARG A 13 11.74 2.79 4.13
N GLN A 14 12.59 1.99 3.51
CA GLN A 14 13.87 2.46 2.97
C GLN A 14 13.62 3.27 1.69
N PHE A 15 12.57 2.91 0.98
CA PHE A 15 12.14 3.59 -0.24
C PHE A 15 11.47 4.93 0.13
N LYS A 16 10.81 4.89 1.28
CA LYS A 16 10.09 6.01 1.91
C LYS A 16 8.80 6.32 1.18
N GLY A 17 8.92 6.81 -0.03
CA GLY A 17 7.76 7.18 -0.78
C GLY A 17 8.07 8.20 -1.82
N LYS A 18 8.12 7.76 -3.05
CA LYS A 18 8.39 8.60 -4.19
C LYS A 18 7.12 8.68 -5.03
N VAL A 19 6.04 8.39 -4.35
CA VAL A 19 4.72 8.31 -4.89
C VAL A 19 3.88 9.46 -4.38
N ASN A 20 2.76 9.70 -5.01
CA ASN A 20 1.83 10.72 -4.53
C ASN A 20 0.98 10.17 -3.42
N PHE A 21 1.08 10.79 -2.24
CA PHE A 21 0.33 10.37 -1.05
C PHE A 21 -1.16 10.27 -1.33
N ASN A 22 -1.71 11.30 -1.96
CA ASN A 22 -3.13 11.35 -2.29
C ASN A 22 -3.51 10.21 -3.17
N LEU A 23 -2.63 9.81 -4.06
CA LEU A 23 -2.94 8.75 -4.94
C LEU A 23 -2.85 7.41 -4.24
N VAL A 24 -1.83 7.20 -3.42
CA VAL A 24 -1.71 5.94 -2.67
C VAL A 24 -2.92 5.76 -1.78
N MET A 25 -3.31 6.82 -1.10
CA MET A 25 -4.48 6.83 -0.24
C MET A 25 -5.73 6.47 -1.04
N GLN A 26 -5.79 6.95 -2.28
CA GLN A 26 -6.86 6.64 -3.20
C GLN A 26 -6.76 5.20 -3.70
N ILE A 27 -5.55 4.73 -3.96
CA ILE A 27 -5.29 3.34 -4.40
C ILE A 27 -5.85 2.37 -3.37
N LEU A 28 -5.50 2.63 -2.14
CA LEU A 28 -5.91 1.80 -1.00
C LEU A 28 -7.43 1.86 -0.82
N ASP A 29 -7.98 3.01 -1.11
CA ASP A 29 -9.43 3.27 -1.02
C ASP A 29 -10.16 2.56 -2.14
N GLU A 30 -9.60 2.66 -3.32
CA GLU A 30 -10.16 2.10 -4.53
C GLU A 30 -10.09 0.56 -4.50
N ILE A 31 -8.98 0.00 -4.00
CA ILE A 31 -8.90 -1.47 -3.86
C ILE A 31 -9.88 -1.93 -2.80
N GLU A 32 -10.02 -1.13 -1.73
CA GLU A 32 -10.94 -1.40 -0.66
C GLU A 32 -12.38 -1.49 -1.18
N LEU A 33 -12.77 -0.54 -2.02
CA LEU A 33 -14.15 -0.50 -2.53
C LEU A 33 -14.47 -1.72 -3.38
N ASP A 34 -13.47 -2.23 -4.09
CA ASP A 34 -13.67 -3.43 -4.88
C ASP A 34 -13.69 -4.66 -3.99
N LEU A 35 -12.69 -4.73 -3.12
CA LEU A 35 -12.53 -5.84 -2.17
C LEU A 35 -13.76 -6.00 -1.31
N ARG A 36 -14.33 -4.89 -0.93
CA ARG A 36 -15.56 -4.84 -0.19
C ARG A 36 -16.67 -5.44 -1.06
N GLY A 37 -16.96 -6.70 -0.83
CA GLY A 37 -17.93 -7.42 -1.62
C GLY A 37 -17.42 -8.81 -1.97
N SER A 38 -16.12 -9.00 -1.90
CA SER A 38 -15.49 -10.28 -2.17
C SER A 38 -14.26 -10.42 -1.26
N ASP A 39 -13.32 -11.28 -1.59
CA ASP A 39 -12.07 -11.36 -0.85
C ASP A 39 -10.91 -11.37 -1.83
N ASN A 40 -11.22 -11.06 -3.06
CA ASN A 40 -10.28 -11.16 -4.15
C ASN A 40 -9.55 -9.85 -4.32
N ILE A 41 -8.80 -9.48 -3.30
CA ILE A 41 -8.04 -8.24 -3.26
C ILE A 41 -6.99 -8.18 -4.36
N LYS A 42 -6.47 -9.35 -4.73
CA LYS A 42 -5.47 -9.42 -5.78
C LYS A 42 -6.03 -8.95 -7.10
N THR A 43 -7.30 -9.22 -7.32
CA THR A 43 -7.94 -8.83 -8.52
C THR A 43 -8.31 -7.35 -8.42
N SER A 44 -8.64 -6.90 -7.21
CA SER A 44 -8.94 -5.51 -6.94
C SER A 44 -7.71 -4.65 -7.28
N ILE A 45 -6.53 -5.16 -6.93
CA ILE A 45 -5.25 -4.53 -7.24
C ILE A 45 -5.15 -4.26 -8.74
N ILE A 46 -5.47 -5.29 -9.52
CA ILE A 46 -5.39 -5.24 -10.98
C ILE A 46 -6.16 -4.05 -11.56
N TYR A 47 -7.41 -3.87 -11.15
CA TYR A 47 -8.24 -2.79 -11.71
C TYR A 47 -7.65 -1.43 -11.39
N VAL A 48 -7.40 -1.23 -10.11
CA VAL A 48 -6.93 0.05 -9.59
C VAL A 48 -5.60 0.45 -10.21
N TYR A 49 -4.69 -0.49 -10.26
CA TYR A 49 -3.39 -0.24 -10.83
C TYR A 49 -3.48 0.05 -12.31
N SER A 50 -4.37 -0.63 -13.00
CA SER A 50 -4.55 -0.41 -14.43
C SER A 50 -5.26 0.94 -14.70
N SER A 51 -5.98 1.44 -13.71
CA SER A 51 -6.70 2.68 -13.84
C SER A 51 -5.82 3.87 -13.42
N HIS A 52 -4.66 3.60 -12.84
CA HIS A 52 -3.75 4.67 -12.38
C HIS A 52 -2.30 4.30 -12.72
N LEU A 53 -2.14 3.65 -13.88
CA LEU A 53 -0.85 3.08 -14.38
C LEU A 53 0.36 3.99 -14.29
N ASP A 54 0.15 5.27 -14.56
CA ASP A 54 1.22 6.26 -14.60
C ASP A 54 2.06 6.28 -13.32
N GLU A 55 1.40 6.35 -12.17
CA GLU A 55 2.10 6.33 -10.87
C GLU A 55 2.60 4.91 -10.58
N ILE A 56 1.82 3.92 -10.99
CA ILE A 56 2.10 2.52 -10.74
C ILE A 56 3.44 2.10 -11.34
N ARG A 57 3.64 2.42 -12.60
CA ARG A 57 4.88 2.05 -13.27
C ARG A 57 6.02 2.97 -12.88
N LYS A 58 5.68 4.18 -12.46
CA LYS A 58 6.65 5.17 -12.00
C LYS A 58 7.39 4.61 -10.79
N ASN A 59 6.65 4.00 -9.89
CA ASN A 59 7.21 3.38 -8.70
C ASN A 59 6.76 1.95 -8.65
N LYS A 60 7.07 1.21 -9.70
CA LYS A 60 6.62 -0.17 -9.83
C LYS A 60 7.14 -1.04 -8.70
N GLU A 61 8.29 -0.66 -8.17
CA GLU A 61 8.91 -1.38 -7.08
C GLU A 61 7.97 -1.34 -5.88
N PHE A 62 7.57 -0.11 -5.53
CA PHE A 62 6.70 0.18 -4.41
C PHE A 62 5.37 -0.53 -4.60
N TYR A 63 4.79 -0.35 -5.76
CA TYR A 63 3.49 -0.90 -6.07
C TYR A 63 3.48 -2.42 -6.18
N ASP A 64 4.57 -3.01 -6.61
CA ASP A 64 4.60 -4.47 -6.71
C ASP A 64 4.72 -5.07 -5.32
N MET A 65 5.52 -4.40 -4.49
CA MET A 65 5.72 -4.81 -3.13
C MET A 65 4.47 -4.62 -2.28
N ILE A 66 3.84 -3.45 -2.35
CA ILE A 66 2.64 -3.22 -1.55
C ILE A 66 1.52 -4.14 -1.98
N ALA A 67 1.37 -4.38 -3.29
CA ALA A 67 0.33 -5.29 -3.80
C ALA A 67 0.41 -6.65 -3.12
N GLU A 68 1.63 -7.11 -2.94
CA GLU A 68 1.91 -8.37 -2.29
C GLU A 68 1.52 -8.28 -0.80
N ILE A 69 2.09 -7.29 -0.12
CA ILE A 69 1.89 -7.05 1.31
C ILE A 69 0.40 -6.83 1.65
N LEU A 70 -0.29 -6.08 0.80
CA LEU A 70 -1.71 -5.81 0.98
C LEU A 70 -2.51 -7.09 1.07
N GLN A 71 -2.27 -8.02 0.16
CA GLN A 71 -3.00 -9.30 0.15
C GLN A 71 -2.63 -10.08 1.40
N ARG A 72 -1.35 -10.19 1.63
CA ARG A 72 -0.75 -10.92 2.70
C ARG A 72 -1.24 -10.43 4.07
N TYR A 73 -1.13 -9.15 4.31
CA TYR A 73 -1.48 -8.60 5.60
C TYR A 73 -2.94 -8.31 5.78
N TYR A 74 -3.70 -8.19 4.71
CA TYR A 74 -5.13 -8.00 4.86
C TYR A 74 -5.76 -9.28 5.44
N LYS A 75 -5.22 -10.42 5.08
CA LYS A 75 -5.65 -11.67 5.66
C LYS A 75 -4.99 -11.94 7.02
N LYS A 76 -3.91 -11.23 7.32
CA LYS A 76 -3.25 -11.37 8.63
C LYS A 76 -3.88 -10.44 9.69
N ILE A 77 -4.01 -9.16 9.38
CA ILE A 77 -4.54 -8.19 10.35
C ILE A 77 -5.79 -7.47 9.84
N GLY A 78 -5.90 -7.28 8.55
CA GLY A 78 -7.07 -6.61 7.99
C GLY A 78 -6.67 -5.47 7.07
N ILE A 79 -7.37 -5.35 5.95
CA ILE A 79 -7.02 -4.36 4.91
C ILE A 79 -7.02 -2.92 5.46
N GLU A 80 -8.00 -2.61 6.32
CA GLU A 80 -8.13 -1.28 6.90
C GLU A 80 -6.87 -0.89 7.65
N ASN A 81 -6.35 -1.83 8.40
CA ASN A 81 -5.12 -1.64 9.16
C ASN A 81 -3.92 -1.50 8.24
N VAL A 82 -3.82 -2.37 7.25
CA VAL A 82 -2.67 -2.37 6.34
C VAL A 82 -2.58 -1.07 5.56
N ASN A 83 -3.71 -0.64 5.01
CA ASN A 83 -3.77 0.59 4.21
C ASN A 83 -3.29 1.78 5.00
N GLN A 84 -3.70 1.83 6.25
CA GLN A 84 -3.30 2.91 7.14
C GLN A 84 -1.77 2.83 7.33
N LEU A 85 -1.28 1.65 7.61
CA LEU A 85 0.14 1.43 7.86
C LEU A 85 1.01 1.77 6.63
N ILE A 86 0.46 1.61 5.44
CA ILE A 86 1.15 2.00 4.21
C ILE A 86 1.34 3.51 4.21
N LEU A 87 0.29 4.23 4.63
CA LEU A 87 0.32 5.69 4.72
C LEU A 87 1.35 6.11 5.77
N THR A 88 1.41 5.36 6.85
CA THR A 88 2.38 5.57 7.90
C THR A 88 3.84 5.40 7.37
N THR A 89 4.01 4.51 6.42
CA THR A 89 5.33 4.23 5.86
C THR A 89 5.79 5.38 4.94
N ILE A 90 4.89 5.91 4.16
CA ILE A 90 5.24 6.96 3.22
C ILE A 90 5.21 8.37 3.83
N LYS A 91 4.21 8.65 4.63
CA LYS A 91 4.01 10.00 5.12
C LYS A 91 4.52 10.19 6.54
N LEU A 92 4.34 9.21 7.39
CA LEU A 92 4.65 9.40 8.77
C LEU A 92 6.13 9.15 9.07
N GLU A 93 6.73 10.17 9.58
CA GLU A 93 8.11 10.19 9.98
C GLU A 93 8.16 11.17 11.16
N HIS A 94 9.21 11.93 11.31
CA HIS A 94 9.25 12.94 12.37
C HIS A 94 8.94 14.31 11.79
N HIS A 95 8.27 14.33 10.65
CA HIS A 95 7.97 15.55 9.91
C HIS A 95 7.00 16.43 10.69
N HIS A 96 5.85 15.88 11.06
CA HIS A 96 4.95 16.62 11.90
C HIS A 96 5.24 16.26 13.33
N HIS A 97 6.01 17.12 13.95
CA HIS A 97 6.59 16.88 15.26
C HIS A 97 5.52 16.98 16.34
N HIS A 98 4.38 17.54 15.98
CA HIS A 98 3.26 17.68 16.88
C HIS A 98 1.98 17.52 16.10
N HIS A 99 0.87 17.62 16.79
CA HIS A 99 -0.43 17.62 16.16
C HIS A 99 -0.73 19.02 15.74
N MET A 1 1.34 -7.01 17.56
CA MET A 1 1.48 -7.50 16.20
C MET A 1 2.32 -6.52 15.43
N SER A 2 3.30 -7.00 14.71
CA SER A 2 4.19 -6.15 13.98
C SER A 2 3.97 -6.34 12.48
N ILE A 3 4.24 -5.32 11.72
CA ILE A 3 4.15 -5.40 10.28
C ILE A 3 5.57 -5.31 9.69
N LEU A 4 6.54 -4.97 10.55
CA LEU A 4 7.98 -4.96 10.19
C LEU A 4 8.50 -6.39 9.97
N GLU A 5 7.62 -7.35 10.16
CA GLU A 5 7.90 -8.75 9.91
C GLU A 5 7.88 -9.03 8.41
N ASP A 6 7.38 -8.07 7.66
CA ASP A 6 7.27 -8.19 6.21
C ASP A 6 8.54 -7.64 5.56
N PRO A 7 9.20 -8.43 4.69
CA PRO A 7 10.44 -8.03 4.02
C PRO A 7 10.25 -6.89 3.01
N GLU A 8 9.09 -6.83 2.40
CA GLU A 8 8.84 -5.83 1.41
C GLU A 8 8.59 -4.50 2.09
N PHE A 9 7.92 -4.60 3.22
CA PHE A 9 7.59 -3.48 4.06
C PHE A 9 8.84 -2.76 4.55
N VAL A 10 9.85 -3.51 4.97
CA VAL A 10 11.09 -2.90 5.44
C VAL A 10 11.79 -2.15 4.30
N LYS A 11 11.70 -2.69 3.09
CA LYS A 11 12.26 -2.04 1.92
C LYS A 11 11.52 -0.73 1.61
N LEU A 12 10.20 -0.74 1.84
CA LEU A 12 9.37 0.48 1.68
C LEU A 12 9.82 1.54 2.67
N ARG A 13 10.13 1.09 3.87
CA ARG A 13 10.64 1.96 4.94
C ARG A 13 11.92 2.67 4.51
N GLN A 14 12.74 1.96 3.78
CA GLN A 14 14.01 2.49 3.31
C GLN A 14 13.82 3.38 2.08
N PHE A 15 12.75 3.16 1.33
CA PHE A 15 12.45 3.97 0.17
C PHE A 15 11.78 5.29 0.58
N LYS A 16 10.97 5.22 1.62
CA LYS A 16 10.29 6.38 2.25
C LYS A 16 9.16 6.98 1.39
N GLY A 17 8.93 6.41 0.23
CA GLY A 17 7.82 6.85 -0.57
C GLY A 17 8.15 7.09 -2.03
N LYS A 18 8.65 8.31 -2.33
CA LYS A 18 8.89 8.84 -3.70
C LYS A 18 7.55 9.11 -4.40
N VAL A 19 6.49 9.05 -3.63
CA VAL A 19 5.12 9.10 -4.11
C VAL A 19 4.29 10.12 -3.33
N ASN A 20 3.11 10.41 -3.83
CA ASN A 20 2.19 11.33 -3.17
C ASN A 20 1.30 10.53 -2.27
N PHE A 21 1.20 10.98 -1.04
CA PHE A 21 0.35 10.38 -0.02
C PHE A 21 -1.10 10.23 -0.53
N ASN A 22 -1.58 11.25 -1.24
CA ASN A 22 -2.98 11.29 -1.69
C ASN A 22 -3.24 10.24 -2.72
N LEU A 23 -2.27 10.02 -3.59
CA LEU A 23 -2.45 9.08 -4.66
C LEU A 23 -2.32 7.68 -4.14
N VAL A 24 -1.43 7.47 -3.19
CA VAL A 24 -1.27 6.15 -2.58
C VAL A 24 -2.50 5.80 -1.78
N MET A 25 -2.99 6.79 -1.03
CA MET A 25 -4.20 6.63 -0.25
C MET A 25 -5.37 6.32 -1.17
N GLN A 26 -5.34 6.89 -2.36
CA GLN A 26 -6.38 6.59 -3.35
C GLN A 26 -6.23 5.16 -3.89
N ILE A 27 -4.99 4.73 -4.17
CA ILE A 27 -4.74 3.35 -4.63
C ILE A 27 -5.29 2.37 -3.60
N LEU A 28 -4.93 2.62 -2.35
CA LEU A 28 -5.35 1.81 -1.23
C LEU A 28 -6.87 1.87 -1.06
N ASP A 29 -7.41 3.06 -1.24
CA ASP A 29 -8.85 3.30 -1.08
C ASP A 29 -9.64 2.58 -2.13
N GLU A 30 -9.20 2.74 -3.36
CA GLU A 30 -9.87 2.18 -4.51
C GLU A 30 -9.93 0.63 -4.42
N ILE A 31 -8.85 -0.01 -3.94
CA ILE A 31 -8.87 -1.47 -3.75
C ILE A 31 -9.74 -1.81 -2.55
N GLU A 32 -9.66 -0.99 -1.50
CA GLU A 32 -10.40 -1.15 -0.26
C GLU A 32 -11.90 -1.19 -0.51
N LEU A 33 -12.38 -0.17 -1.20
CA LEU A 33 -13.80 -0.05 -1.50
C LEU A 33 -14.30 -1.18 -2.38
N ASP A 34 -13.44 -1.72 -3.22
CA ASP A 34 -13.83 -2.86 -4.05
C ASP A 34 -13.86 -4.13 -3.23
N LEU A 35 -12.80 -4.35 -2.49
CA LEU A 35 -12.62 -5.56 -1.70
C LEU A 35 -13.61 -5.65 -0.55
N ARG A 36 -13.58 -4.65 0.32
CA ARG A 36 -14.38 -4.60 1.57
C ARG A 36 -13.96 -5.72 2.52
N GLY A 37 -14.37 -6.93 2.20
CA GLY A 37 -14.02 -8.07 2.96
C GLY A 37 -14.15 -9.33 2.14
N SER A 38 -13.96 -9.17 0.83
CA SER A 38 -14.09 -10.27 -0.10
C SER A 38 -12.76 -11.07 -0.16
N ASP A 39 -12.71 -12.04 -1.04
CA ASP A 39 -11.56 -12.94 -1.09
C ASP A 39 -10.56 -12.60 -2.19
N ASN A 40 -10.98 -11.92 -3.23
CA ASN A 40 -10.06 -11.68 -4.35
C ASN A 40 -9.52 -10.27 -4.32
N ILE A 41 -8.54 -10.05 -3.49
CA ILE A 41 -7.93 -8.74 -3.41
C ILE A 41 -7.02 -8.52 -4.60
N LYS A 42 -6.48 -9.63 -5.12
CA LYS A 42 -5.61 -9.58 -6.28
C LYS A 42 -6.36 -9.01 -7.48
N THR A 43 -7.65 -9.33 -7.57
CA THR A 43 -8.47 -8.88 -8.65
C THR A 43 -8.79 -7.39 -8.47
N SER A 44 -8.96 -6.97 -7.21
CA SER A 44 -9.19 -5.58 -6.89
C SER A 44 -7.95 -4.75 -7.28
N ILE A 45 -6.77 -5.34 -7.05
CA ILE A 45 -5.48 -4.75 -7.44
C ILE A 45 -5.47 -4.49 -8.95
N ILE A 46 -5.91 -5.50 -9.72
CA ILE A 46 -5.93 -5.44 -11.19
C ILE A 46 -6.66 -4.19 -11.70
N TYR A 47 -7.83 -3.92 -11.14
CA TYR A 47 -8.65 -2.77 -11.60
C TYR A 47 -7.90 -1.48 -11.37
N VAL A 48 -7.46 -1.31 -10.15
CA VAL A 48 -6.83 -0.08 -9.70
C VAL A 48 -5.50 0.17 -10.39
N TYR A 49 -4.71 -0.86 -10.55
CA TYR A 49 -3.43 -0.73 -11.20
C TYR A 49 -3.61 -0.43 -12.69
N SER A 50 -4.63 -0.99 -13.29
CA SER A 50 -4.90 -0.74 -14.69
C SER A 50 -5.52 0.65 -14.89
N SER A 51 -6.15 1.17 -13.87
CA SER A 51 -6.74 2.47 -13.93
C SER A 51 -5.66 3.56 -13.72
N HIS A 52 -4.64 3.21 -12.98
CA HIS A 52 -3.59 4.18 -12.63
C HIS A 52 -2.24 3.70 -13.15
N LEU A 53 -2.25 3.09 -14.34
CA LEU A 53 -1.05 2.47 -14.97
C LEU A 53 0.18 3.34 -14.93
N ASP A 54 0.05 4.57 -15.39
CA ASP A 54 1.20 5.48 -15.46
C ASP A 54 1.83 5.72 -14.10
N GLU A 55 1.03 5.72 -13.07
CA GLU A 55 1.54 5.90 -11.74
C GLU A 55 2.25 4.66 -11.28
N ILE A 56 1.60 3.54 -11.51
CA ILE A 56 2.12 2.22 -11.17
C ILE A 56 3.48 2.01 -11.84
N ARG A 57 3.60 2.46 -13.09
CA ARG A 57 4.86 2.36 -13.84
C ARG A 57 5.99 3.19 -13.22
N LYS A 58 5.67 4.38 -12.71
CA LYS A 58 6.71 5.28 -12.15
C LYS A 58 7.38 4.64 -10.96
N ASN A 59 6.58 4.14 -10.06
CA ASN A 59 7.11 3.58 -8.84
C ASN A 59 6.66 2.17 -8.69
N LYS A 60 6.90 1.40 -9.75
CA LYS A 60 6.53 -0.01 -9.79
C LYS A 60 7.21 -0.81 -8.69
N GLU A 61 8.28 -0.27 -8.15
CA GLU A 61 8.97 -0.85 -7.02
C GLU A 61 8.00 -0.89 -5.85
N PHE A 62 7.51 0.29 -5.52
CA PHE A 62 6.63 0.55 -4.42
C PHE A 62 5.30 -0.15 -4.63
N TYR A 63 4.73 0.09 -5.79
CA TYR A 63 3.43 -0.41 -6.11
C TYR A 63 3.37 -1.92 -6.24
N ASP A 64 4.48 -2.57 -6.57
CA ASP A 64 4.45 -4.02 -6.66
C ASP A 64 4.64 -4.63 -5.29
N MET A 65 5.53 -4.03 -4.50
CA MET A 65 5.78 -4.49 -3.15
C MET A 65 4.55 -4.33 -2.29
N ILE A 66 3.87 -3.18 -2.38
CA ILE A 66 2.66 -3.00 -1.59
C ILE A 66 1.60 -4.01 -1.98
N ALA A 67 1.50 -4.30 -3.29
CA ALA A 67 0.52 -5.27 -3.80
C ALA A 67 0.63 -6.61 -3.08
N GLU A 68 1.84 -7.11 -2.90
CA GLU A 68 2.00 -8.37 -2.21
C GLU A 68 1.77 -8.24 -0.69
N ILE A 69 2.20 -7.11 -0.11
CA ILE A 69 2.00 -6.85 1.33
C ILE A 69 0.51 -6.75 1.65
N LEU A 70 -0.22 -6.00 0.82
CA LEU A 70 -1.66 -5.79 0.98
C LEU A 70 -2.40 -7.13 1.05
N GLN A 71 -2.03 -8.03 0.17
CA GLN A 71 -2.64 -9.34 0.14
C GLN A 71 -2.27 -10.14 1.39
N ARG A 72 -1.00 -10.15 1.70
CA ARG A 72 -0.43 -10.89 2.79
C ARG A 72 -0.99 -10.41 4.15
N TYR A 73 -1.07 -9.12 4.32
CA TYR A 73 -1.51 -8.55 5.58
C TYR A 73 -3.00 -8.34 5.69
N TYR A 74 -3.71 -8.32 4.59
CA TYR A 74 -5.18 -8.26 4.68
C TYR A 74 -5.66 -9.59 5.28
N LYS A 75 -4.89 -10.64 5.01
CA LYS A 75 -5.15 -11.95 5.57
C LYS A 75 -4.81 -11.99 7.06
N LYS A 76 -3.82 -11.20 7.48
CA LYS A 76 -3.40 -11.21 8.88
C LYS A 76 -4.22 -10.26 9.74
N ILE A 77 -4.32 -9.01 9.32
CA ILE A 77 -4.95 -7.99 10.15
C ILE A 77 -6.14 -7.33 9.48
N GLY A 78 -6.14 -7.30 8.16
CA GLY A 78 -7.26 -6.71 7.47
C GLY A 78 -6.84 -5.59 6.59
N ILE A 79 -7.53 -5.42 5.47
CA ILE A 79 -7.15 -4.44 4.45
C ILE A 79 -7.19 -3.00 4.98
N GLU A 80 -8.19 -2.68 5.78
CA GLU A 80 -8.36 -1.33 6.35
C GLU A 80 -7.10 -0.93 7.12
N ASN A 81 -6.65 -1.86 7.93
CA ASN A 81 -5.47 -1.70 8.76
C ASN A 81 -4.23 -1.56 7.94
N VAL A 82 -4.10 -2.38 6.91
CA VAL A 82 -2.90 -2.38 6.08
C VAL A 82 -2.78 -1.06 5.34
N ASN A 83 -3.91 -0.59 4.80
CA ASN A 83 -3.93 0.68 4.06
C ASN A 83 -3.43 1.81 4.93
N GLN A 84 -3.90 1.84 6.16
CA GLN A 84 -3.50 2.85 7.13
C GLN A 84 -2.00 2.69 7.43
N LEU A 85 -1.56 1.45 7.60
CA LEU A 85 -0.16 1.19 7.89
C LEU A 85 0.76 1.55 6.74
N ILE A 86 0.32 1.33 5.51
CA ILE A 86 1.10 1.73 4.33
C ILE A 86 1.22 3.25 4.30
N LEU A 87 0.13 3.93 4.64
CA LEU A 87 0.12 5.38 4.75
C LEU A 87 1.06 5.84 5.84
N THR A 88 1.07 5.11 6.93
CA THR A 88 1.96 5.37 8.06
C THR A 88 3.44 5.20 7.64
N THR A 89 3.68 4.27 6.73
CA THR A 89 5.00 3.97 6.23
C THR A 89 5.55 5.12 5.35
N ILE A 90 4.68 5.72 4.56
CA ILE A 90 5.11 6.80 3.72
C ILE A 90 5.02 8.15 4.44
N LYS A 91 4.10 8.26 5.36
CA LYS A 91 3.91 9.50 6.04
C LYS A 91 4.72 9.51 7.33
N LEU A 92 5.94 9.89 7.18
CA LEU A 92 6.87 9.93 8.29
C LEU A 92 7.03 11.36 8.76
N GLU A 93 7.59 11.53 9.93
CA GLU A 93 7.86 12.84 10.44
C GLU A 93 9.28 13.17 9.99
N HIS A 94 9.37 14.02 8.99
CA HIS A 94 10.63 14.29 8.31
C HIS A 94 11.60 15.09 9.19
N HIS A 95 11.08 15.80 10.16
CA HIS A 95 11.94 16.59 11.04
C HIS A 95 12.49 15.67 12.13
N HIS A 96 11.78 14.58 12.36
CA HIS A 96 12.11 13.60 13.37
C HIS A 96 12.08 14.17 14.76
N HIS A 97 11.00 14.84 15.09
CA HIS A 97 10.76 15.33 16.44
C HIS A 97 10.30 14.12 17.27
N HIS A 98 9.86 13.11 16.56
CA HIS A 98 9.55 11.82 17.08
C HIS A 98 9.88 10.85 15.97
N HIS A 99 10.30 9.68 16.31
CA HIS A 99 10.60 8.70 15.29
C HIS A 99 9.51 7.66 15.29
N MET A 1 -0.86 -6.65 16.70
CA MET A 1 -0.62 -7.36 15.44
C MET A 1 0.76 -6.99 14.95
N SER A 2 1.36 -7.82 14.15
CA SER A 2 2.68 -7.55 13.66
C SER A 2 2.69 -7.45 12.13
N ILE A 3 3.41 -6.46 11.62
CA ILE A 3 3.55 -6.29 10.18
C ILE A 3 5.03 -6.16 9.79
N LEU A 4 5.87 -5.90 10.79
CA LEU A 4 7.31 -5.72 10.57
C LEU A 4 8.01 -7.06 10.31
N GLU A 5 7.22 -8.12 10.19
CA GLU A 5 7.70 -9.43 9.84
C GLU A 5 8.06 -9.46 8.36
N ASP A 6 7.49 -8.53 7.62
CA ASP A 6 7.65 -8.51 6.19
C ASP A 6 8.88 -7.69 5.79
N PRO A 7 9.81 -8.29 5.04
CA PRO A 7 11.03 -7.62 4.61
C PRO A 7 10.78 -6.51 3.59
N GLU A 8 9.74 -6.66 2.78
CA GLU A 8 9.48 -5.67 1.76
C GLU A 8 8.88 -4.43 2.41
N PHE A 9 8.15 -4.65 3.49
CA PHE A 9 7.56 -3.57 4.26
C PHE A 9 8.65 -2.67 4.87
N VAL A 10 9.72 -3.27 5.35
CA VAL A 10 10.81 -2.49 5.91
C VAL A 10 11.57 -1.75 4.79
N LYS A 11 11.66 -2.40 3.63
CA LYS A 11 12.23 -1.76 2.45
C LYS A 11 11.42 -0.54 2.03
N LEU A 12 10.10 -0.63 2.20
CA LEU A 12 9.21 0.50 1.91
C LEU A 12 9.56 1.70 2.78
N ARG A 13 9.95 1.43 4.01
CA ARG A 13 10.37 2.47 4.94
C ARG A 13 11.66 3.14 4.43
N GLN A 14 12.46 2.38 3.71
CA GLN A 14 13.71 2.89 3.14
C GLN A 14 13.43 3.77 1.93
N PHE A 15 12.42 3.41 1.14
CA PHE A 15 12.04 4.19 -0.02
C PHE A 15 11.20 5.40 0.38
N LYS A 16 10.38 5.21 1.39
CA LYS A 16 9.37 6.16 1.84
C LYS A 16 8.20 6.19 0.89
N GLY A 17 8.32 6.92 -0.18
CA GLY A 17 7.21 6.99 -1.08
C GLY A 17 7.63 7.15 -2.50
N LYS A 18 8.08 8.38 -2.86
CA LYS A 18 8.46 8.78 -4.24
C LYS A 18 7.22 8.83 -5.15
N VAL A 19 6.08 8.65 -4.55
CA VAL A 19 4.80 8.62 -5.18
C VAL A 19 3.91 9.63 -4.50
N ASN A 20 2.78 9.94 -5.09
CA ASN A 20 1.85 10.86 -4.45
C ASN A 20 1.16 10.16 -3.31
N PHE A 21 1.30 10.71 -2.11
CA PHE A 21 0.61 10.21 -0.93
C PHE A 21 -0.87 10.18 -1.20
N ASN A 22 -1.33 11.23 -1.85
CA ASN A 22 -2.72 11.42 -2.23
C ASN A 22 -3.21 10.28 -3.08
N LEU A 23 -2.37 9.86 -3.98
CA LEU A 23 -2.71 8.85 -4.91
C LEU A 23 -2.70 7.49 -4.26
N VAL A 24 -1.70 7.21 -3.43
CA VAL A 24 -1.64 5.92 -2.73
C VAL A 24 -2.82 5.81 -1.77
N MET A 25 -3.15 6.91 -1.13
CA MET A 25 -4.30 7.00 -0.23
C MET A 25 -5.59 6.66 -1.00
N GLN A 26 -5.63 7.06 -2.25
CA GLN A 26 -6.74 6.72 -3.15
C GLN A 26 -6.62 5.25 -3.60
N ILE A 27 -5.40 4.79 -3.93
CA ILE A 27 -5.15 3.40 -4.38
C ILE A 27 -5.66 2.41 -3.34
N LEU A 28 -5.25 2.64 -2.11
CA LEU A 28 -5.59 1.80 -0.99
C LEU A 28 -7.09 1.87 -0.72
N ASP A 29 -7.68 3.02 -0.96
CA ASP A 29 -9.10 3.24 -0.74
C ASP A 29 -9.90 2.51 -1.81
N GLU A 30 -9.43 2.68 -3.01
CA GLU A 30 -10.06 2.18 -4.21
C GLU A 30 -10.07 0.63 -4.23
N ILE A 31 -9.00 0.01 -3.74
CA ILE A 31 -8.97 -1.45 -3.64
C ILE A 31 -9.89 -1.92 -2.51
N GLU A 32 -9.90 -1.15 -1.43
CA GLU A 32 -10.68 -1.42 -0.25
C GLU A 32 -12.18 -1.43 -0.56
N LEU A 33 -12.65 -0.36 -1.20
CA LEU A 33 -14.07 -0.23 -1.54
C LEU A 33 -14.53 -1.30 -2.51
N ASP A 34 -13.63 -1.76 -3.37
CA ASP A 34 -13.95 -2.82 -4.33
C ASP A 34 -14.01 -4.15 -3.62
N LEU A 35 -13.00 -4.41 -2.81
CA LEU A 35 -12.88 -5.66 -2.07
C LEU A 35 -14.03 -5.86 -1.09
N ARG A 36 -14.66 -4.77 -0.68
CA ARG A 36 -15.83 -4.83 0.15
C ARG A 36 -16.94 -5.47 -0.63
N GLY A 37 -17.12 -6.72 -0.39
CA GLY A 37 -18.04 -7.50 -1.11
C GLY A 37 -17.55 -8.91 -1.10
N SER A 38 -16.87 -9.32 -2.16
CA SER A 38 -16.44 -10.71 -2.34
C SER A 38 -15.90 -11.00 -3.75
N ASP A 39 -14.61 -11.18 -3.85
CA ASP A 39 -13.96 -11.71 -5.05
C ASP A 39 -12.54 -12.04 -4.71
N ASN A 40 -11.69 -11.03 -4.67
CA ASN A 40 -10.31 -11.21 -4.27
C ASN A 40 -9.62 -9.89 -4.29
N ILE A 41 -8.72 -9.66 -3.36
CA ILE A 41 -7.99 -8.42 -3.29
C ILE A 41 -7.08 -8.28 -4.52
N LYS A 42 -6.62 -9.41 -5.06
CA LYS A 42 -5.84 -9.46 -6.29
C LYS A 42 -6.58 -8.77 -7.40
N THR A 43 -7.81 -9.18 -7.53
CA THR A 43 -8.71 -8.65 -8.51
C THR A 43 -8.88 -7.14 -8.32
N SER A 44 -9.11 -6.74 -7.06
CA SER A 44 -9.24 -5.34 -6.70
C SER A 44 -7.98 -4.55 -7.09
N ILE A 45 -6.79 -5.16 -6.89
CA ILE A 45 -5.51 -4.57 -7.26
C ILE A 45 -5.50 -4.26 -8.75
N ILE A 46 -6.02 -5.19 -9.55
CA ILE A 46 -5.99 -5.09 -11.01
C ILE A 46 -6.72 -3.84 -11.52
N TYR A 47 -7.94 -3.58 -11.02
CA TYR A 47 -8.72 -2.42 -11.51
C TYR A 47 -7.96 -1.15 -11.25
N VAL A 48 -7.55 -1.01 -10.01
CA VAL A 48 -6.89 0.19 -9.51
C VAL A 48 -5.57 0.44 -10.23
N TYR A 49 -4.77 -0.59 -10.35
CA TYR A 49 -3.50 -0.47 -11.02
C TYR A 49 -3.66 -0.15 -12.50
N SER A 50 -4.65 -0.76 -13.15
CA SER A 50 -4.88 -0.51 -14.57
C SER A 50 -5.42 0.90 -14.81
N SER A 51 -6.11 1.44 -13.83
CA SER A 51 -6.67 2.76 -13.94
C SER A 51 -5.60 3.84 -13.64
N HIS A 52 -4.68 3.50 -12.76
CA HIS A 52 -3.68 4.45 -12.29
C HIS A 52 -2.28 4.00 -12.72
N LEU A 53 -2.22 3.42 -13.93
CA LEU A 53 -0.97 2.85 -14.52
C LEU A 53 0.22 3.78 -14.42
N ASP A 54 -0.01 5.06 -14.61
CA ASP A 54 1.08 6.05 -14.62
C ASP A 54 1.94 6.01 -13.36
N GLU A 55 1.33 6.04 -12.19
CA GLU A 55 2.11 6.01 -10.96
C GLU A 55 2.66 4.61 -10.75
N ILE A 56 1.83 3.62 -11.09
CA ILE A 56 2.16 2.20 -10.91
C ILE A 56 3.46 1.86 -11.64
N ARG A 57 3.53 2.20 -12.92
CA ARG A 57 4.69 1.86 -13.74
C ARG A 57 5.96 2.59 -13.31
N LYS A 58 5.83 3.85 -12.89
CA LYS A 58 7.04 4.63 -12.55
C LYS A 58 7.67 4.14 -11.27
N ASN A 59 6.87 3.54 -10.44
CA ASN A 59 7.33 3.04 -9.15
C ASN A 59 6.89 1.62 -9.00
N LYS A 60 7.16 0.84 -10.04
CA LYS A 60 6.78 -0.56 -10.11
C LYS A 60 7.33 -1.38 -8.94
N GLU A 61 8.50 -1.00 -8.43
CA GLU A 61 9.07 -1.71 -7.29
C GLU A 61 8.17 -1.50 -6.08
N PHE A 62 7.83 -0.24 -5.84
CA PHE A 62 6.98 0.15 -4.73
C PHE A 62 5.61 -0.52 -4.83
N TYR A 63 5.01 -0.40 -6.00
CA TYR A 63 3.69 -0.94 -6.22
C TYR A 63 3.65 -2.45 -6.25
N ASP A 64 4.74 -3.09 -6.59
CA ASP A 64 4.81 -4.54 -6.56
C ASP A 64 4.93 -5.02 -5.13
N MET A 65 5.80 -4.37 -4.38
CA MET A 65 6.01 -4.69 -2.98
C MET A 65 4.74 -4.49 -2.18
N ILE A 66 4.10 -3.33 -2.31
CA ILE A 66 2.88 -3.08 -1.56
C ILE A 66 1.77 -4.02 -1.98
N ALA A 67 1.65 -4.32 -3.27
CA ALA A 67 0.60 -5.21 -3.77
C ALA A 67 0.71 -6.57 -3.13
N GLU A 68 1.93 -7.04 -3.00
CA GLU A 68 2.22 -8.29 -2.36
C GLU A 68 1.77 -8.22 -0.90
N ILE A 69 2.29 -7.22 -0.19
CA ILE A 69 2.00 -6.99 1.23
C ILE A 69 0.48 -6.80 1.48
N LEU A 70 -0.18 -6.06 0.62
CA LEU A 70 -1.63 -5.83 0.71
C LEU A 70 -2.39 -7.15 0.78
N GLN A 71 -2.07 -8.06 -0.12
CA GLN A 71 -2.73 -9.36 -0.17
C GLN A 71 -2.33 -10.19 1.05
N ARG A 72 -1.04 -10.22 1.27
CA ARG A 72 -0.39 -10.99 2.31
C ARG A 72 -0.92 -10.60 3.70
N TYR A 73 -1.07 -9.32 3.92
CA TYR A 73 -1.50 -8.82 5.19
C TYR A 73 -2.99 -8.60 5.31
N TYR A 74 -3.72 -8.57 4.23
CA TYR A 74 -5.16 -8.48 4.32
C TYR A 74 -5.69 -9.78 4.92
N LYS A 75 -4.98 -10.85 4.66
CA LYS A 75 -5.30 -12.13 5.23
C LYS A 75 -4.87 -12.23 6.69
N LYS A 76 -3.82 -11.51 7.06
CA LYS A 76 -3.33 -11.58 8.43
C LYS A 76 -4.06 -10.59 9.33
N ILE A 77 -4.12 -9.33 8.93
CA ILE A 77 -4.68 -8.27 9.77
C ILE A 77 -5.90 -7.57 9.15
N GLY A 78 -5.97 -7.56 7.85
CA GLY A 78 -7.11 -6.94 7.20
C GLY A 78 -6.67 -5.76 6.37
N ILE A 79 -7.36 -5.52 5.27
CA ILE A 79 -6.96 -4.49 4.32
C ILE A 79 -7.02 -3.08 4.93
N GLU A 80 -8.04 -2.83 5.76
CA GLU A 80 -8.23 -1.54 6.43
C GLU A 80 -6.98 -1.16 7.21
N ASN A 81 -6.46 -2.16 7.89
CA ASN A 81 -5.26 -2.01 8.70
C ASN A 81 -4.04 -1.74 7.83
N VAL A 82 -3.86 -2.56 6.81
CA VAL A 82 -2.69 -2.44 5.92
C VAL A 82 -2.70 -1.08 5.23
N ASN A 83 -3.88 -0.64 4.83
CA ASN A 83 -4.14 0.66 4.18
C ASN A 83 -3.51 1.79 5.00
N GLN A 84 -3.80 1.79 6.28
CA GLN A 84 -3.33 2.82 7.18
C GLN A 84 -1.80 2.64 7.40
N LEU A 85 -1.37 1.41 7.52
CA LEU A 85 0.03 1.08 7.78
C LEU A 85 0.93 1.49 6.59
N ILE A 86 0.41 1.37 5.38
CA ILE A 86 1.15 1.80 4.20
C ILE A 86 1.28 3.33 4.21
N LEU A 87 0.19 4.01 4.56
CA LEU A 87 0.19 5.48 4.64
C LEU A 87 1.18 5.97 5.67
N THR A 88 1.24 5.28 6.78
CA THR A 88 2.16 5.57 7.87
C THR A 88 3.62 5.35 7.41
N THR A 89 3.81 4.41 6.54
CA THR A 89 5.10 4.09 6.00
C THR A 89 5.57 5.13 4.98
N ILE A 90 4.71 5.48 4.04
CA ILE A 90 5.08 6.40 2.98
C ILE A 90 5.19 7.84 3.45
N LYS A 91 4.37 8.19 4.41
CA LYS A 91 4.39 9.51 4.98
C LYS A 91 5.08 9.39 6.35
N LEU A 92 4.68 10.22 7.30
CA LEU A 92 5.22 10.24 8.66
C LEU A 92 6.72 10.51 8.61
N GLU A 93 7.07 11.70 8.25
CA GLU A 93 8.46 12.08 8.18
C GLU A 93 8.86 12.78 9.46
N HIS A 94 9.87 12.28 10.10
CA HIS A 94 10.39 12.86 11.31
C HIS A 94 11.90 12.87 11.27
N HIS A 95 12.52 13.63 12.17
CA HIS A 95 13.98 13.84 12.23
C HIS A 95 14.40 14.65 11.02
N HIS A 96 15.69 14.80 10.77
CA HIS A 96 16.12 15.52 9.58
C HIS A 96 15.79 14.68 8.35
N HIS A 97 16.40 13.49 8.29
CA HIS A 97 16.21 12.45 7.25
C HIS A 97 15.95 13.03 5.84
N HIS A 98 16.91 13.75 5.33
CA HIS A 98 16.80 14.38 4.01
C HIS A 98 18.17 14.64 3.44
N HIS A 99 18.32 14.38 2.17
CA HIS A 99 19.54 14.67 1.43
C HIS A 99 19.18 15.06 0.04
N MET A 1 5.36 2.62 15.76
CA MET A 1 4.56 1.45 15.42
C MET A 1 4.39 1.36 13.90
N SER A 2 4.66 0.18 13.37
CA SER A 2 4.55 -0.16 11.96
C SER A 2 4.68 -1.67 11.87
N ILE A 3 4.04 -2.31 10.89
CA ILE A 3 4.18 -3.75 10.71
C ILE A 3 5.52 -4.09 10.08
N LEU A 4 6.52 -4.14 10.91
CA LEU A 4 7.89 -4.37 10.49
C LEU A 4 8.20 -5.87 10.43
N GLU A 5 7.15 -6.67 10.51
CA GLU A 5 7.26 -8.12 10.39
C GLU A 5 7.57 -8.52 8.95
N ASP A 6 7.46 -7.57 8.04
CA ASP A 6 7.65 -7.85 6.63
C ASP A 6 8.93 -7.20 6.08
N PRO A 7 9.78 -7.96 5.37
CA PRO A 7 11.00 -7.44 4.76
C PRO A 7 10.75 -6.49 3.57
N GLU A 8 9.64 -6.65 2.86
CA GLU A 8 9.38 -5.78 1.72
C GLU A 8 8.93 -4.42 2.27
N PHE A 9 8.24 -4.49 3.39
CA PHE A 9 7.76 -3.32 4.10
C PHE A 9 8.93 -2.42 4.53
N VAL A 10 10.00 -3.01 5.05
CA VAL A 10 11.15 -2.23 5.45
C VAL A 10 11.83 -1.61 4.23
N LYS A 11 11.81 -2.32 3.10
CA LYS A 11 12.34 -1.81 1.83
C LYS A 11 11.56 -0.58 1.39
N LEU A 12 10.26 -0.61 1.63
CA LEU A 12 9.37 0.53 1.31
C LEU A 12 9.76 1.76 2.11
N ARG A 13 10.15 1.56 3.36
CA ARG A 13 10.53 2.67 4.21
C ARG A 13 11.88 3.24 3.78
N GLN A 14 12.67 2.39 3.15
CA GLN A 14 13.95 2.80 2.57
C GLN A 14 13.75 3.47 1.19
N PHE A 15 12.60 3.21 0.58
CA PHE A 15 12.25 3.77 -0.73
C PHE A 15 11.67 5.17 -0.53
N LYS A 16 10.72 5.26 0.41
CA LYS A 16 10.06 6.49 0.84
C LYS A 16 9.09 7.06 -0.20
N GLY A 17 8.59 8.26 0.07
CA GLY A 17 7.54 8.84 -0.73
C GLY A 17 7.98 9.41 -2.05
N LYS A 18 8.22 8.55 -3.01
CA LYS A 18 8.51 8.94 -4.40
C LYS A 18 7.22 8.86 -5.20
N VAL A 19 6.18 8.59 -4.48
CA VAL A 19 4.84 8.44 -4.97
C VAL A 19 3.99 9.53 -4.35
N ASN A 20 2.88 9.84 -4.97
CA ASN A 20 1.95 10.82 -4.39
C ASN A 20 1.19 10.19 -3.25
N PHE A 21 1.31 10.80 -2.06
CA PHE A 21 0.65 10.28 -0.85
C PHE A 21 -0.84 10.09 -1.06
N ASN A 22 -1.49 11.12 -1.57
CA ASN A 22 -2.94 11.08 -1.78
C ASN A 22 -3.33 10.05 -2.78
N LEU A 23 -2.44 9.79 -3.72
CA LEU A 23 -2.73 8.83 -4.73
C LEU A 23 -2.60 7.43 -4.17
N VAL A 24 -1.60 7.19 -3.32
CA VAL A 24 -1.44 5.89 -2.65
C VAL A 24 -2.64 5.64 -1.75
N MET A 25 -3.04 6.67 -1.03
CA MET A 25 -4.22 6.63 -0.17
C MET A 25 -5.44 6.26 -1.00
N GLN A 26 -5.51 6.82 -2.21
CA GLN A 26 -6.56 6.51 -3.13
C GLN A 26 -6.45 5.05 -3.61
N ILE A 27 -5.23 4.61 -3.97
CA ILE A 27 -4.99 3.23 -4.46
C ILE A 27 -5.49 2.21 -3.43
N LEU A 28 -5.17 2.47 -2.20
CA LEU A 28 -5.55 1.63 -1.09
C LEU A 28 -7.07 1.70 -0.85
N ASP A 29 -7.63 2.85 -1.11
CA ASP A 29 -9.06 3.10 -0.93
C ASP A 29 -9.85 2.39 -1.99
N GLU A 30 -9.35 2.48 -3.22
CA GLU A 30 -9.97 1.87 -4.40
C GLU A 30 -10.20 0.39 -4.15
N ILE A 31 -9.13 -0.30 -3.77
CA ILE A 31 -9.21 -1.75 -3.56
C ILE A 31 -10.08 -2.09 -2.35
N GLU A 32 -10.04 -1.23 -1.36
CA GLU A 32 -10.80 -1.40 -0.14
C GLU A 32 -12.30 -1.37 -0.44
N LEU A 33 -12.72 -0.33 -1.14
CA LEU A 33 -14.11 -0.15 -1.51
C LEU A 33 -14.55 -1.14 -2.59
N ASP A 34 -13.64 -1.53 -3.45
CA ASP A 34 -13.94 -2.44 -4.55
C ASP A 34 -14.12 -3.85 -4.05
N LEU A 35 -13.21 -4.30 -3.19
CA LEU A 35 -13.25 -5.66 -2.71
C LEU A 35 -14.45 -5.84 -1.80
N ARG A 36 -14.47 -5.08 -0.69
CA ARG A 36 -15.45 -5.27 0.40
C ARG A 36 -15.38 -6.73 0.89
N GLY A 37 -16.11 -7.60 0.23
CA GLY A 37 -16.07 -9.01 0.49
C GLY A 37 -16.49 -9.78 -0.74
N SER A 38 -16.20 -9.22 -1.91
CA SER A 38 -16.64 -9.81 -3.16
C SER A 38 -15.68 -10.88 -3.73
N ASP A 39 -14.67 -10.48 -4.51
CA ASP A 39 -13.81 -11.47 -5.16
C ASP A 39 -12.49 -11.66 -4.46
N ASN A 40 -11.59 -10.69 -4.57
CA ASN A 40 -10.29 -10.79 -3.95
C ASN A 40 -9.57 -9.48 -4.03
N ILE A 41 -8.63 -9.28 -3.16
CA ILE A 41 -7.87 -8.06 -3.13
C ILE A 41 -6.98 -7.92 -4.37
N LYS A 42 -6.39 -9.03 -4.85
CA LYS A 42 -5.54 -8.98 -6.04
C LYS A 42 -6.36 -8.61 -7.25
N THR A 43 -7.61 -9.04 -7.25
CA THR A 43 -8.52 -8.75 -8.31
C THR A 43 -8.80 -7.24 -8.33
N SER A 44 -9.01 -6.70 -7.15
CA SER A 44 -9.21 -5.28 -7.01
C SER A 44 -7.94 -4.52 -7.43
N ILE A 45 -6.77 -5.09 -7.06
CA ILE A 45 -5.45 -4.55 -7.46
C ILE A 45 -5.38 -4.40 -8.98
N ILE A 46 -5.86 -5.42 -9.70
CA ILE A 46 -5.87 -5.44 -11.16
C ILE A 46 -6.54 -4.19 -11.74
N TYR A 47 -7.74 -3.89 -11.27
CA TYR A 47 -8.50 -2.75 -11.80
C TYR A 47 -7.74 -1.44 -11.54
N VAL A 48 -7.39 -1.24 -10.28
CA VAL A 48 -6.75 -0.04 -9.81
C VAL A 48 -5.42 0.24 -10.51
N TYR A 49 -4.62 -0.78 -10.65
CA TYR A 49 -3.32 -0.65 -11.28
C TYR A 49 -3.43 -0.42 -12.78
N SER A 50 -4.50 -0.90 -13.38
CA SER A 50 -4.74 -0.67 -14.80
C SER A 50 -5.35 0.72 -15.02
N SER A 51 -5.99 1.23 -14.01
CA SER A 51 -6.58 2.55 -14.02
C SER A 51 -5.50 3.61 -13.80
N HIS A 52 -4.75 3.45 -12.75
CA HIS A 52 -3.78 4.45 -12.32
C HIS A 52 -2.37 4.09 -12.80
N LEU A 53 -2.29 3.75 -14.09
CA LEU A 53 -1.06 3.26 -14.76
C LEU A 53 0.19 4.11 -14.48
N ASP A 54 0.06 5.41 -14.63
CA ASP A 54 1.21 6.33 -14.51
C ASP A 54 2.00 6.19 -13.21
N GLU A 55 1.35 6.24 -12.08
CA GLU A 55 2.07 6.18 -10.82
C GLU A 55 2.61 4.77 -10.58
N ILE A 56 1.85 3.79 -11.06
CA ILE A 56 2.22 2.39 -10.91
C ILE A 56 3.51 2.10 -11.66
N ARG A 57 3.59 2.52 -12.92
CA ARG A 57 4.75 2.23 -13.76
C ARG A 57 6.00 2.99 -13.31
N LYS A 58 5.81 4.18 -12.72
CA LYS A 58 6.91 5.01 -12.26
C LYS A 58 7.57 4.41 -11.04
N ASN A 59 6.76 3.75 -10.21
CA ASN A 59 7.25 3.18 -8.98
C ASN A 59 6.75 1.76 -8.87
N LYS A 60 7.03 0.97 -9.90
CA LYS A 60 6.56 -0.40 -9.98
C LYS A 60 7.06 -1.24 -8.83
N GLU A 61 8.28 -0.98 -8.37
CA GLU A 61 8.83 -1.71 -7.25
C GLU A 61 8.03 -1.46 -5.97
N PHE A 62 7.63 -0.21 -5.79
CA PHE A 62 6.85 0.20 -4.64
C PHE A 62 5.48 -0.47 -4.68
N TYR A 63 4.83 -0.36 -5.82
CA TYR A 63 3.51 -0.90 -6.00
C TYR A 63 3.47 -2.41 -6.00
N ASP A 64 4.50 -3.03 -6.52
CA ASP A 64 4.59 -4.49 -6.52
C ASP A 64 4.75 -5.00 -5.10
N MET A 65 5.63 -4.37 -4.34
CA MET A 65 5.85 -4.75 -2.97
C MET A 65 4.63 -4.49 -2.10
N ILE A 66 3.98 -3.33 -2.26
CA ILE A 66 2.78 -3.10 -1.47
C ILE A 66 1.68 -4.05 -1.85
N ALA A 67 1.52 -4.35 -3.15
CA ALA A 67 0.48 -5.28 -3.61
C ALA A 67 0.63 -6.62 -2.92
N GLU A 68 1.86 -7.07 -2.77
CA GLU A 68 2.18 -8.30 -2.08
C GLU A 68 1.78 -8.19 -0.60
N ILE A 69 2.29 -7.14 0.05
CA ILE A 69 2.05 -6.88 1.47
C ILE A 69 0.55 -6.73 1.76
N LEU A 70 -0.15 -6.04 0.87
CA LEU A 70 -1.59 -5.84 0.99
C LEU A 70 -2.33 -7.15 1.09
N GLN A 71 -2.02 -8.09 0.20
CA GLN A 71 -2.71 -9.39 0.20
C GLN A 71 -2.34 -10.17 1.44
N ARG A 72 -1.05 -10.19 1.71
CA ARG A 72 -0.47 -10.87 2.81
C ARG A 72 -1.05 -10.42 4.15
N TYR A 73 -1.10 -9.12 4.36
CA TYR A 73 -1.58 -8.59 5.60
C TYR A 73 -3.07 -8.38 5.67
N TYR A 74 -3.76 -8.40 4.54
CA TYR A 74 -5.22 -8.32 4.59
C TYR A 74 -5.77 -9.59 5.23
N LYS A 75 -5.08 -10.69 5.03
CA LYS A 75 -5.44 -11.94 5.64
C LYS A 75 -4.92 -12.02 7.08
N LYS A 76 -3.98 -11.18 7.42
CA LYS A 76 -3.37 -11.23 8.72
C LYS A 76 -4.05 -10.25 9.69
N ILE A 77 -4.25 -9.02 9.25
CA ILE A 77 -4.87 -8.01 10.10
C ILE A 77 -6.08 -7.35 9.42
N GLY A 78 -6.07 -7.26 8.11
CA GLY A 78 -7.18 -6.69 7.40
C GLY A 78 -6.78 -5.54 6.53
N ILE A 79 -7.40 -5.42 5.35
CA ILE A 79 -7.02 -4.38 4.38
C ILE A 79 -7.25 -2.98 4.95
N GLU A 80 -8.28 -2.84 5.79
CA GLU A 80 -8.59 -1.56 6.46
C GLU A 80 -7.34 -1.06 7.20
N ASN A 81 -6.77 -1.98 7.95
CA ASN A 81 -5.61 -1.73 8.78
C ASN A 81 -4.39 -1.48 7.94
N VAL A 82 -4.18 -2.34 6.94
CA VAL A 82 -3.01 -2.26 6.07
C VAL A 82 -3.01 -0.94 5.29
N ASN A 83 -4.19 -0.52 4.86
CA ASN A 83 -4.37 0.77 4.13
C ASN A 83 -3.73 1.90 4.93
N GLN A 84 -4.08 1.96 6.19
CA GLN A 84 -3.60 3.00 7.06
C GLN A 84 -2.10 2.75 7.36
N LEU A 85 -1.73 1.51 7.53
CA LEU A 85 -0.35 1.16 7.84
C LEU A 85 0.64 1.43 6.69
N ILE A 86 0.18 1.28 5.46
CA ILE A 86 1.01 1.61 4.28
C ILE A 86 1.24 3.11 4.24
N LEU A 87 0.21 3.86 4.61
CA LEU A 87 0.33 5.29 4.69
C LEU A 87 1.30 5.65 5.81
N THR A 88 1.22 4.90 6.89
CA THR A 88 2.12 5.02 8.04
C THR A 88 3.58 4.74 7.62
N THR A 89 3.73 3.82 6.66
CA THR A 89 5.03 3.39 6.16
C THR A 89 5.82 4.58 5.63
N ILE A 90 5.17 5.36 4.78
CA ILE A 90 5.81 6.49 4.13
C ILE A 90 5.70 7.79 4.93
N LYS A 91 4.54 8.03 5.52
CA LYS A 91 4.25 9.30 6.16
C LYS A 91 4.97 9.46 7.50
N LEU A 92 5.23 8.36 8.18
CA LEU A 92 5.94 8.43 9.44
C LEU A 92 7.45 8.32 9.25
N GLU A 93 7.94 8.88 8.15
CA GLU A 93 9.36 9.01 7.91
C GLU A 93 9.84 9.99 8.99
N HIS A 94 9.39 11.25 8.83
CA HIS A 94 9.51 12.36 9.79
C HIS A 94 10.95 12.71 10.23
N HIS A 95 11.63 11.78 10.85
CA HIS A 95 13.00 11.98 11.28
C HIS A 95 13.87 11.69 10.09
N HIS A 96 14.06 12.71 9.32
CA HIS A 96 14.64 12.61 8.02
C HIS A 96 16.15 12.39 8.07
N HIS A 97 16.56 11.15 7.94
CA HIS A 97 17.98 10.81 7.90
C HIS A 97 18.46 10.93 6.48
N HIS A 98 19.09 12.05 6.17
CA HIS A 98 19.64 12.40 4.84
C HIS A 98 18.53 12.64 3.82
N HIS A 99 17.80 11.61 3.52
CA HIS A 99 16.71 11.62 2.59
C HIS A 99 15.86 10.43 2.91
N MET A 1 5.89 -7.02 17.93
CA MET A 1 6.05 -6.55 16.56
C MET A 1 4.94 -7.10 15.71
N SER A 2 4.46 -6.27 14.83
CA SER A 2 3.46 -6.66 13.88
C SER A 2 3.76 -5.92 12.60
N ILE A 3 3.58 -6.59 11.47
CA ILE A 3 3.76 -6.09 10.07
C ILE A 3 5.24 -5.85 9.70
N LEU A 4 6.04 -5.46 10.70
CA LEU A 4 7.49 -5.26 10.54
C LEU A 4 8.19 -6.62 10.45
N GLU A 5 7.39 -7.65 10.42
CA GLU A 5 7.77 -9.03 10.31
C GLU A 5 7.99 -9.35 8.82
N ASP A 6 7.66 -8.38 7.98
CA ASP A 6 7.77 -8.55 6.55
C ASP A 6 9.00 -7.83 6.03
N PRO A 7 9.88 -8.54 5.29
CA PRO A 7 11.11 -7.95 4.77
C PRO A 7 10.89 -6.95 3.65
N GLU A 8 9.80 -7.07 2.94
CA GLU A 8 9.52 -6.16 1.86
C GLU A 8 9.01 -4.85 2.45
N PHE A 9 8.20 -4.98 3.48
CA PHE A 9 7.63 -3.85 4.20
C PHE A 9 8.73 -2.96 4.79
N VAL A 10 9.76 -3.59 5.34
CA VAL A 10 10.86 -2.85 5.90
C VAL A 10 11.62 -2.09 4.79
N LYS A 11 11.70 -2.70 3.60
CA LYS A 11 12.31 -2.05 2.44
C LYS A 11 11.50 -0.83 2.05
N LEU A 12 10.19 -0.92 2.19
CA LEU A 12 9.28 0.15 1.83
C LEU A 12 9.52 1.41 2.64
N ARG A 13 9.75 1.27 3.95
CA ARG A 13 9.97 2.45 4.80
C ARG A 13 11.29 3.12 4.41
N GLN A 14 12.21 2.33 3.94
CA GLN A 14 13.49 2.82 3.48
C GLN A 14 13.37 3.43 2.08
N PHE A 15 12.47 2.87 1.29
CA PHE A 15 12.25 3.25 -0.10
C PHE A 15 11.46 4.56 -0.18
N LYS A 16 10.37 4.62 0.58
CA LYS A 16 9.48 5.79 0.68
C LYS A 16 8.64 6.03 -0.58
N GLY A 17 7.80 7.03 -0.50
CA GLY A 17 6.87 7.26 -1.54
C GLY A 17 7.22 8.42 -2.43
N LYS A 18 7.69 8.11 -3.61
CA LYS A 18 7.97 9.10 -4.65
C LYS A 18 6.75 9.17 -5.55
N VAL A 19 5.64 9.08 -4.88
CA VAL A 19 4.32 9.05 -5.43
C VAL A 19 3.47 10.06 -4.67
N ASN A 20 2.30 10.36 -5.18
CA ASN A 20 1.41 11.30 -4.52
C ASN A 20 0.78 10.59 -3.34
N PHE A 21 0.91 11.17 -2.17
CA PHE A 21 0.34 10.63 -0.95
C PHE A 21 -1.16 10.43 -1.09
N ASN A 22 -1.80 11.34 -1.81
CA ASN A 22 -3.25 11.31 -1.97
C ASN A 22 -3.64 10.21 -2.90
N LEU A 23 -2.75 9.94 -3.84
CA LEU A 23 -3.02 8.94 -4.82
C LEU A 23 -2.84 7.57 -4.23
N VAL A 24 -1.82 7.38 -3.39
CA VAL A 24 -1.64 6.08 -2.72
C VAL A 24 -2.81 5.83 -1.80
N MET A 25 -3.20 6.86 -1.05
CA MET A 25 -4.36 6.79 -0.17
C MET A 25 -5.62 6.44 -0.97
N GLN A 26 -5.66 6.92 -2.22
CA GLN A 26 -6.74 6.61 -3.12
C GLN A 26 -6.62 5.17 -3.63
N ILE A 27 -5.41 4.72 -3.97
CA ILE A 27 -5.17 3.35 -4.45
C ILE A 27 -5.68 2.35 -3.42
N LEU A 28 -5.36 2.64 -2.18
CA LEU A 28 -5.75 1.84 -1.04
C LEU A 28 -7.27 1.88 -0.84
N ASP A 29 -7.86 3.01 -1.19
CA ASP A 29 -9.30 3.25 -1.08
C ASP A 29 -10.04 2.46 -2.14
N GLU A 30 -9.55 2.57 -3.37
CA GLU A 30 -10.10 1.90 -4.54
C GLU A 30 -10.19 0.40 -4.26
N ILE A 31 -9.07 -0.19 -3.86
CA ILE A 31 -9.00 -1.62 -3.61
C ILE A 31 -9.86 -2.02 -2.43
N GLU A 32 -9.87 -1.19 -1.39
CA GLU A 32 -10.60 -1.44 -0.16
C GLU A 32 -12.10 -1.62 -0.43
N LEU A 33 -12.66 -0.70 -1.17
CA LEU A 33 -14.08 -0.75 -1.46
C LEU A 33 -14.45 -1.87 -2.43
N ASP A 34 -13.54 -2.18 -3.35
CA ASP A 34 -13.78 -3.26 -4.32
C ASP A 34 -13.61 -4.61 -3.64
N LEU A 35 -12.65 -4.67 -2.74
CA LEU A 35 -12.36 -5.84 -1.95
C LEU A 35 -13.54 -6.14 -1.02
N ARG A 36 -14.14 -5.09 -0.47
CA ARG A 36 -15.34 -5.25 0.32
C ARG A 36 -16.55 -5.57 -0.55
N GLY A 37 -16.39 -5.34 -1.85
CA GLY A 37 -17.39 -5.77 -2.83
C GLY A 37 -17.34 -7.29 -2.93
N SER A 38 -16.21 -7.82 -2.50
CA SER A 38 -15.96 -9.23 -2.31
C SER A 38 -15.72 -10.04 -3.59
N ASP A 39 -14.45 -10.11 -3.96
CA ASP A 39 -14.01 -11.02 -5.01
C ASP A 39 -12.68 -11.57 -4.59
N ASN A 40 -11.64 -10.82 -4.86
CA ASN A 40 -10.28 -11.14 -4.49
C ASN A 40 -9.53 -9.85 -4.49
N ILE A 41 -8.69 -9.63 -3.51
CA ILE A 41 -7.92 -8.39 -3.45
C ILE A 41 -6.96 -8.28 -4.64
N LYS A 42 -6.47 -9.43 -5.11
CA LYS A 42 -5.60 -9.46 -6.27
C LYS A 42 -6.33 -8.93 -7.51
N THR A 43 -7.64 -9.18 -7.56
CA THR A 43 -8.46 -8.73 -8.66
C THR A 43 -8.66 -7.22 -8.54
N SER A 44 -8.91 -6.77 -7.31
CA SER A 44 -9.08 -5.37 -7.00
C SER A 44 -7.83 -4.57 -7.40
N ILE A 45 -6.66 -5.16 -7.11
CA ILE A 45 -5.36 -4.58 -7.48
C ILE A 45 -5.33 -4.25 -8.98
N ILE A 46 -5.78 -5.20 -9.79
CA ILE A 46 -5.76 -5.09 -11.24
C ILE A 46 -6.49 -3.83 -11.74
N TYR A 47 -7.73 -3.62 -11.28
CA TYR A 47 -8.55 -2.48 -11.76
C TYR A 47 -7.81 -1.18 -11.50
N VAL A 48 -7.43 -1.03 -10.26
CA VAL A 48 -6.80 0.15 -9.75
C VAL A 48 -5.48 0.41 -10.44
N TYR A 49 -4.66 -0.60 -10.54
CA TYR A 49 -3.35 -0.45 -11.12
C TYR A 49 -3.43 -0.16 -12.61
N SER A 50 -4.39 -0.76 -13.29
CA SER A 50 -4.54 -0.52 -14.71
C SER A 50 -5.22 0.84 -14.98
N SER A 51 -5.98 1.35 -14.03
CA SER A 51 -6.65 2.62 -14.20
C SER A 51 -5.74 3.78 -13.78
N HIS A 52 -4.73 3.48 -12.99
CA HIS A 52 -3.82 4.51 -12.49
C HIS A 52 -2.37 4.15 -12.88
N LEU A 53 -2.22 3.58 -14.09
CA LEU A 53 -0.92 3.06 -14.62
C LEU A 53 0.25 3.98 -14.45
N ASP A 54 0.05 5.27 -14.68
CA ASP A 54 1.14 6.27 -14.64
C ASP A 54 1.92 6.25 -13.33
N GLU A 55 1.21 6.28 -12.23
CA GLU A 55 1.84 6.29 -10.92
C GLU A 55 2.43 4.91 -10.63
N ILE A 56 1.71 3.89 -11.08
CA ILE A 56 2.09 2.50 -10.84
C ILE A 56 3.43 2.20 -11.51
N ARG A 57 3.54 2.53 -12.78
CA ARG A 57 4.78 2.24 -13.55
C ARG A 57 5.94 3.14 -13.09
N LYS A 58 5.59 4.29 -12.56
CA LYS A 58 6.55 5.27 -12.07
C LYS A 58 7.31 4.71 -10.87
N ASN A 59 6.60 4.06 -10.00
CA ASN A 59 7.20 3.43 -8.84
C ASN A 59 6.76 2.00 -8.79
N LYS A 60 7.07 1.28 -9.87
CA LYS A 60 6.63 -0.09 -10.04
C LYS A 60 7.14 -1.01 -8.95
N GLU A 61 8.33 -0.73 -8.44
CA GLU A 61 8.88 -1.51 -7.35
C GLU A 61 8.03 -1.36 -6.10
N PHE A 62 7.61 -0.13 -5.84
CA PHE A 62 6.80 0.19 -4.69
C PHE A 62 5.45 -0.50 -4.77
N TYR A 63 4.78 -0.34 -5.89
CA TYR A 63 3.46 -0.91 -6.07
C TYR A 63 3.47 -2.41 -6.13
N ASP A 64 4.52 -2.98 -6.68
CA ASP A 64 4.65 -4.43 -6.74
C ASP A 64 4.81 -5.01 -5.34
N MET A 65 5.66 -4.37 -4.54
CA MET A 65 5.88 -4.80 -3.18
C MET A 65 4.64 -4.61 -2.32
N ILE A 66 3.96 -3.46 -2.43
CA ILE A 66 2.78 -3.25 -1.61
C ILE A 66 1.65 -4.17 -1.99
N ALA A 67 1.42 -4.41 -3.30
CA ALA A 67 0.35 -5.32 -3.76
C ALA A 67 0.51 -6.70 -3.16
N GLU A 68 1.74 -7.10 -3.00
CA GLU A 68 2.11 -8.36 -2.41
C GLU A 68 1.73 -8.34 -0.91
N ILE A 69 2.23 -7.33 -0.22
CA ILE A 69 2.01 -7.14 1.22
C ILE A 69 0.52 -6.91 1.56
N LEU A 70 -0.18 -6.16 0.73
CA LEU A 70 -1.60 -5.88 0.91
C LEU A 70 -2.40 -7.16 1.04
N GLN A 71 -2.19 -8.11 0.13
CA GLN A 71 -2.92 -9.38 0.19
C GLN A 71 -2.53 -10.15 1.44
N ARG A 72 -1.24 -10.18 1.67
CA ARG A 72 -0.59 -10.88 2.74
C ARG A 72 -1.11 -10.44 4.11
N TYR A 73 -1.28 -9.16 4.29
CA TYR A 73 -1.73 -8.65 5.56
C TYR A 73 -3.22 -8.40 5.67
N TYR A 74 -3.93 -8.34 4.56
CA TYR A 74 -5.36 -8.15 4.62
C TYR A 74 -6.01 -9.37 5.24
N LYS A 75 -5.44 -10.52 4.95
CA LYS A 75 -5.95 -11.77 5.48
C LYS A 75 -5.50 -11.96 6.93
N LYS A 76 -4.49 -11.21 7.32
CA LYS A 76 -3.86 -11.41 8.62
C LYS A 76 -4.37 -10.37 9.65
N ILE A 77 -4.34 -9.09 9.30
CA ILE A 77 -4.74 -8.03 10.24
C ILE A 77 -5.91 -7.19 9.74
N GLY A 78 -6.14 -7.21 8.46
CA GLY A 78 -7.26 -6.47 7.90
C GLY A 78 -6.76 -5.40 6.96
N ILE A 79 -7.46 -5.21 5.85
CA ILE A 79 -7.02 -4.29 4.81
C ILE A 79 -6.98 -2.83 5.29
N GLU A 80 -7.97 -2.45 6.11
CA GLU A 80 -8.08 -1.09 6.65
C GLU A 80 -6.80 -0.73 7.40
N ASN A 81 -6.38 -1.68 8.20
CA ASN A 81 -5.17 -1.57 8.99
C ASN A 81 -3.96 -1.42 8.11
N VAL A 82 -3.85 -2.27 7.11
CA VAL A 82 -2.71 -2.26 6.20
C VAL A 82 -2.62 -0.94 5.46
N ASN A 83 -3.77 -0.47 4.96
CA ASN A 83 -3.85 0.78 4.20
C ASN A 83 -3.28 1.97 4.97
N GLN A 84 -3.66 2.09 6.23
CA GLN A 84 -3.19 3.17 7.08
C GLN A 84 -1.68 2.97 7.32
N LEU A 85 -1.28 1.73 7.53
CA LEU A 85 0.12 1.41 7.77
C LEU A 85 1.00 1.72 6.54
N ILE A 86 0.47 1.48 5.34
CA ILE A 86 1.17 1.82 4.09
C ILE A 86 1.38 3.33 3.99
N LEU A 87 0.36 4.08 4.39
CA LEU A 87 0.43 5.53 4.40
C LEU A 87 1.47 6.02 5.41
N THR A 88 1.55 5.32 6.52
CA THR A 88 2.52 5.60 7.55
C THR A 88 3.95 5.27 7.03
N THR A 89 4.02 4.27 6.20
CA THR A 89 5.25 3.82 5.59
C THR A 89 5.84 4.87 4.63
N ILE A 90 5.00 5.45 3.80
CA ILE A 90 5.47 6.38 2.79
C ILE A 90 5.65 7.79 3.31
N LYS A 91 4.83 8.18 4.24
CA LYS A 91 4.89 9.52 4.75
C LYS A 91 5.79 9.55 5.98
N LEU A 92 6.85 10.33 5.92
CA LEU A 92 7.73 10.46 7.06
C LEU A 92 7.14 11.44 8.10
N GLU A 93 6.07 10.99 8.67
CA GLU A 93 5.32 11.66 9.69
C GLU A 93 4.54 10.53 10.33
N HIS A 94 4.18 10.62 11.58
CA HIS A 94 3.51 9.51 12.25
C HIS A 94 2.82 10.00 13.48
N HIS A 95 3.58 10.40 14.47
CA HIS A 95 2.98 10.88 15.67
C HIS A 95 2.56 12.30 15.45
N HIS A 96 1.31 12.44 15.15
CA HIS A 96 0.75 13.70 14.77
C HIS A 96 0.62 14.59 15.98
N HIS A 97 1.48 15.57 16.08
CA HIS A 97 1.45 16.46 17.20
C HIS A 97 1.88 17.87 16.84
N HIS A 98 0.98 18.58 16.21
CA HIS A 98 1.13 20.02 16.07
C HIS A 98 0.24 20.60 17.16
N HIS A 99 -0.73 19.80 17.47
CA HIS A 99 -1.70 19.99 18.48
C HIS A 99 -1.94 18.59 18.98
N MET A 1 -0.65 -5.13 15.38
CA MET A 1 0.50 -6.01 15.58
C MET A 1 0.71 -6.79 14.32
N SER A 2 1.91 -7.36 14.16
CA SER A 2 2.26 -8.20 13.02
C SER A 2 2.25 -7.42 11.70
N ILE A 3 3.40 -6.86 11.38
CA ILE A 3 3.57 -6.11 10.15
C ILE A 3 5.05 -6.11 9.74
N LEU A 4 5.94 -6.19 10.73
CA LEU A 4 7.38 -6.22 10.51
C LEU A 4 7.85 -7.65 10.15
N GLU A 5 6.90 -8.49 9.82
CA GLU A 5 7.17 -9.87 9.42
C GLU A 5 7.45 -9.92 7.92
N ASP A 6 7.58 -8.78 7.29
CA ASP A 6 7.73 -8.74 5.86
C ASP A 6 8.97 -7.94 5.44
N PRO A 7 9.82 -8.51 4.58
CA PRO A 7 11.05 -7.86 4.14
C PRO A 7 10.79 -6.71 3.18
N GLU A 8 9.70 -6.77 2.43
CA GLU A 8 9.42 -5.74 1.49
C GLU A 8 8.92 -4.52 2.24
N PHE A 9 8.17 -4.77 3.31
CA PHE A 9 7.64 -3.70 4.16
C PHE A 9 8.77 -2.88 4.77
N VAL A 10 9.77 -3.55 5.34
CA VAL A 10 10.88 -2.84 5.96
C VAL A 10 11.66 -2.02 4.93
N LYS A 11 11.75 -2.53 3.72
CA LYS A 11 12.39 -1.78 2.66
C LYS A 11 11.56 -0.60 2.21
N LEU A 12 10.23 -0.70 2.28
CA LEU A 12 9.35 0.43 1.94
C LEU A 12 9.59 1.60 2.89
N ARG A 13 9.85 1.26 4.14
CA ARG A 13 10.15 2.23 5.18
C ARG A 13 11.44 2.99 4.82
N GLN A 14 12.37 2.27 4.27
CA GLN A 14 13.66 2.80 3.86
C GLN A 14 13.56 3.51 2.50
N PHE A 15 12.69 2.99 1.65
CA PHE A 15 12.39 3.55 0.31
C PHE A 15 11.81 4.95 0.49
N LYS A 16 10.90 5.05 1.46
CA LYS A 16 10.26 6.28 1.89
C LYS A 16 9.49 6.98 0.77
N GLY A 17 8.40 6.36 0.39
CA GLY A 17 7.48 6.94 -0.55
C GLY A 17 7.95 6.94 -1.99
N LYS A 18 8.56 8.06 -2.40
CA LYS A 18 8.97 8.34 -3.80
C LYS A 18 7.77 8.33 -4.75
N VAL A 19 6.60 8.43 -4.16
CA VAL A 19 5.34 8.39 -4.85
C VAL A 19 4.49 9.55 -4.37
N ASN A 20 3.40 9.80 -5.05
CA ASN A 20 2.47 10.81 -4.61
C ASN A 20 1.59 10.21 -3.54
N PHE A 21 1.65 10.77 -2.34
CA PHE A 21 0.85 10.29 -1.21
C PHE A 21 -0.63 10.33 -1.52
N ASN A 22 -1.02 11.30 -2.32
CA ASN A 22 -2.43 11.54 -2.60
C ASN A 22 -3.00 10.39 -3.38
N LEU A 23 -2.22 9.92 -4.33
CA LEU A 23 -2.70 8.88 -5.18
C LEU A 23 -2.64 7.53 -4.47
N VAL A 24 -1.59 7.29 -3.67
CA VAL A 24 -1.46 6.02 -2.92
C VAL A 24 -2.63 5.85 -1.99
N MET A 25 -3.00 6.94 -1.33
CA MET A 25 -4.13 6.97 -0.42
C MET A 25 -5.39 6.54 -1.14
N GLN A 26 -5.55 6.99 -2.36
CA GLN A 26 -6.68 6.64 -3.16
C GLN A 26 -6.55 5.20 -3.69
N ILE A 27 -5.33 4.77 -4.03
CA ILE A 27 -5.08 3.39 -4.50
C ILE A 27 -5.58 2.40 -3.46
N LEU A 28 -5.22 2.66 -2.23
CA LEU A 28 -5.59 1.82 -1.10
C LEU A 28 -7.11 1.88 -0.90
N ASP A 29 -7.67 3.06 -1.04
CA ASP A 29 -9.11 3.29 -0.88
C ASP A 29 -9.89 2.55 -1.96
N GLU A 30 -9.42 2.71 -3.16
CA GLU A 30 -10.02 2.16 -4.36
C GLU A 30 -10.08 0.62 -4.26
N ILE A 31 -8.99 -0.01 -3.82
CA ILE A 31 -8.98 -1.47 -3.67
C ILE A 31 -9.84 -1.89 -2.48
N GLU A 32 -9.75 -1.10 -1.41
CA GLU A 32 -10.48 -1.33 -0.16
C GLU A 32 -11.99 -1.42 -0.41
N LEU A 33 -12.53 -0.44 -1.10
CA LEU A 33 -13.95 -0.38 -1.39
C LEU A 33 -14.40 -1.49 -2.34
N ASP A 34 -13.51 -1.93 -3.22
CA ASP A 34 -13.82 -3.03 -4.14
C ASP A 34 -13.80 -4.35 -3.42
N LEU A 35 -12.73 -4.56 -2.69
CA LEU A 35 -12.48 -5.77 -1.96
C LEU A 35 -13.54 -6.01 -0.90
N ARG A 36 -13.64 -5.06 0.04
CA ARG A 36 -14.54 -5.13 1.20
C ARG A 36 -14.22 -6.36 2.06
N GLY A 37 -14.76 -7.51 1.69
CA GLY A 37 -14.51 -8.73 2.41
C GLY A 37 -14.35 -9.91 1.48
N SER A 38 -14.05 -9.62 0.24
CA SER A 38 -13.84 -10.65 -0.76
C SER A 38 -12.43 -11.24 -0.62
N ASP A 39 -12.11 -12.27 -1.39
CA ASP A 39 -10.78 -12.88 -1.30
C ASP A 39 -9.92 -12.51 -2.50
N ASN A 40 -10.55 -11.99 -3.53
CA ASN A 40 -9.84 -11.59 -4.75
C ASN A 40 -9.25 -10.19 -4.67
N ILE A 41 -8.48 -9.92 -3.63
CA ILE A 41 -7.83 -8.62 -3.46
C ILE A 41 -6.86 -8.35 -4.61
N LYS A 42 -6.23 -9.41 -5.08
CA LYS A 42 -5.32 -9.34 -6.21
C LYS A 42 -6.03 -8.87 -7.48
N THR A 43 -7.32 -9.14 -7.56
CA THR A 43 -8.12 -8.72 -8.68
C THR A 43 -8.48 -7.24 -8.50
N SER A 44 -8.73 -6.84 -7.25
CA SER A 44 -9.00 -5.46 -6.90
C SER A 44 -7.79 -4.61 -7.29
N ILE A 45 -6.60 -5.16 -7.02
CA ILE A 45 -5.33 -4.56 -7.39
C ILE A 45 -5.32 -4.28 -8.90
N ILE A 46 -5.68 -5.31 -9.67
CA ILE A 46 -5.68 -5.25 -11.13
C ILE A 46 -6.49 -4.05 -11.66
N TYR A 47 -7.73 -3.87 -11.16
CA TYR A 47 -8.60 -2.79 -11.68
C TYR A 47 -7.94 -1.43 -11.45
N VAL A 48 -7.55 -1.21 -10.21
CA VAL A 48 -7.00 0.05 -9.76
C VAL A 48 -5.68 0.38 -10.44
N TYR A 49 -4.83 -0.61 -10.57
CA TYR A 49 -3.53 -0.43 -11.19
C TYR A 49 -3.66 -0.18 -12.68
N SER A 50 -4.64 -0.81 -13.29
CA SER A 50 -4.87 -0.63 -14.72
C SER A 50 -5.55 0.72 -14.99
N SER A 51 -6.19 1.27 -14.00
CA SER A 51 -6.84 2.54 -14.13
C SER A 51 -5.85 3.68 -13.87
N HIS A 52 -5.01 3.52 -12.87
CA HIS A 52 -4.07 4.56 -12.46
C HIS A 52 -2.65 4.16 -12.89
N LEU A 53 -2.56 3.66 -14.11
CA LEU A 53 -1.33 3.12 -14.73
C LEU A 53 -0.10 3.99 -14.57
N ASP A 54 -0.26 5.29 -14.74
CA ASP A 54 0.90 6.19 -14.77
C ASP A 54 1.76 6.14 -13.51
N GLU A 55 1.16 6.27 -12.35
CA GLU A 55 1.94 6.22 -11.11
C GLU A 55 2.42 4.77 -10.85
N ILE A 56 1.64 3.80 -11.32
CA ILE A 56 2.00 2.39 -11.17
C ILE A 56 3.28 2.10 -11.96
N ARG A 57 3.35 2.60 -13.17
CA ARG A 57 4.53 2.42 -14.01
C ARG A 57 5.69 3.30 -13.53
N LYS A 58 5.38 4.41 -12.85
CA LYS A 58 6.42 5.26 -12.29
C LYS A 58 7.17 4.52 -11.22
N ASN A 59 6.44 3.95 -10.29
CA ASN A 59 7.04 3.23 -9.20
C ASN A 59 6.56 1.82 -9.12
N LYS A 60 6.89 1.04 -10.13
CA LYS A 60 6.48 -0.35 -10.17
C LYS A 60 7.15 -1.17 -9.08
N GLU A 61 8.22 -0.63 -8.53
CA GLU A 61 8.89 -1.22 -7.40
C GLU A 61 7.95 -1.21 -6.22
N PHE A 62 7.53 0.00 -5.88
CA PHE A 62 6.68 0.29 -4.74
C PHE A 62 5.36 -0.44 -4.86
N TYR A 63 4.74 -0.32 -6.00
CA TYR A 63 3.44 -0.90 -6.22
C TYR A 63 3.44 -2.42 -6.25
N ASP A 64 4.54 -3.02 -6.69
CA ASP A 64 4.59 -4.48 -6.71
C ASP A 64 4.75 -5.01 -5.30
N MET A 65 5.60 -4.33 -4.54
CA MET A 65 5.87 -4.67 -3.16
C MET A 65 4.64 -4.53 -2.31
N ILE A 66 3.95 -3.38 -2.41
CA ILE A 66 2.77 -3.17 -1.60
C ILE A 66 1.65 -4.12 -1.98
N ALA A 67 1.49 -4.40 -3.29
CA ALA A 67 0.45 -5.31 -3.77
C ALA A 67 0.55 -6.67 -3.09
N GLU A 68 1.78 -7.14 -2.91
CA GLU A 68 2.05 -8.40 -2.26
C GLU A 68 1.67 -8.31 -0.77
N ILE A 69 2.19 -7.28 -0.13
CA ILE A 69 1.98 -7.01 1.30
C ILE A 69 0.48 -6.86 1.61
N LEU A 70 -0.22 -6.11 0.77
CA LEU A 70 -1.65 -5.87 0.92
C LEU A 70 -2.42 -7.16 0.97
N GLN A 71 -2.10 -8.08 0.08
CA GLN A 71 -2.76 -9.39 0.04
C GLN A 71 -2.50 -10.14 1.35
N ARG A 72 -1.23 -10.24 1.70
CA ARG A 72 -0.78 -10.97 2.86
C ARG A 72 -1.44 -10.45 4.13
N TYR A 73 -1.31 -9.19 4.36
CA TYR A 73 -1.77 -8.62 5.59
C TYR A 73 -3.25 -8.31 5.61
N TYR A 74 -3.91 -8.26 4.46
CA TYR A 74 -5.36 -8.04 4.46
C TYR A 74 -6.02 -9.22 5.15
N LYS A 75 -5.48 -10.39 4.89
CA LYS A 75 -6.02 -11.59 5.46
C LYS A 75 -5.51 -11.77 6.86
N LYS A 76 -4.27 -11.41 7.06
CA LYS A 76 -3.61 -11.59 8.33
C LYS A 76 -4.13 -10.60 9.40
N ILE A 77 -4.18 -9.30 9.10
CA ILE A 77 -4.65 -8.33 10.11
C ILE A 77 -5.90 -7.57 9.66
N GLY A 78 -6.07 -7.38 8.38
CA GLY A 78 -7.24 -6.67 7.87
C GLY A 78 -6.83 -5.58 6.93
N ILE A 79 -7.53 -5.46 5.80
CA ILE A 79 -7.15 -4.51 4.74
C ILE A 79 -7.14 -3.06 5.25
N GLU A 80 -8.11 -2.71 6.10
CA GLU A 80 -8.21 -1.36 6.66
C GLU A 80 -6.92 -1.00 7.38
N ASN A 81 -6.46 -1.94 8.18
CA ASN A 81 -5.24 -1.80 8.97
C ASN A 81 -4.04 -1.63 8.08
N VAL A 82 -3.95 -2.45 7.06
CA VAL A 82 -2.81 -2.44 6.15
C VAL A 82 -2.71 -1.12 5.43
N ASN A 83 -3.83 -0.67 4.88
CA ASN A 83 -3.90 0.60 4.14
C ASN A 83 -3.37 1.75 4.98
N GLN A 84 -3.81 1.79 6.21
CA GLN A 84 -3.42 2.83 7.15
C GLN A 84 -1.90 2.70 7.44
N LEU A 85 -1.45 1.48 7.65
CA LEU A 85 -0.03 1.21 7.93
C LEU A 85 0.87 1.56 6.75
N ILE A 86 0.39 1.32 5.53
CA ILE A 86 1.13 1.68 4.32
C ILE A 86 1.31 3.19 4.27
N LEU A 87 0.22 3.90 4.56
CA LEU A 87 0.24 5.36 4.60
C LEU A 87 1.20 5.85 5.66
N THR A 88 1.18 5.18 6.79
CA THR A 88 2.05 5.48 7.91
C THR A 88 3.55 5.33 7.53
N THR A 89 3.83 4.32 6.73
CA THR A 89 5.17 3.99 6.34
C THR A 89 5.76 5.01 5.35
N ILE A 90 4.95 5.48 4.42
CA ILE A 90 5.43 6.45 3.44
C ILE A 90 5.36 7.87 3.99
N LYS A 91 4.52 8.05 5.01
CA LYS A 91 4.32 9.33 5.65
C LYS A 91 5.62 9.74 6.34
N LEU A 92 6.19 8.79 7.11
CA LEU A 92 7.42 8.97 7.90
C LEU A 92 7.26 10.25 8.74
N GLU A 93 6.21 10.25 9.49
CA GLU A 93 5.80 11.38 10.26
C GLU A 93 5.98 11.11 11.73
N HIS A 94 6.71 11.94 12.39
CA HIS A 94 6.88 11.83 13.81
C HIS A 94 6.21 13.02 14.50
N HIS A 95 5.97 14.05 13.72
CA HIS A 95 5.32 15.25 14.21
C HIS A 95 4.09 15.48 13.33
N HIS A 96 4.34 15.96 12.12
CA HIS A 96 3.32 16.19 11.08
C HIS A 96 4.03 16.44 9.77
N HIS A 97 3.65 15.74 8.74
CA HIS A 97 4.31 15.88 7.47
C HIS A 97 3.60 16.90 6.59
N HIS A 98 3.80 18.18 6.92
CA HIS A 98 3.32 19.37 6.15
C HIS A 98 1.78 19.59 6.27
N HIS A 99 1.11 18.60 6.78
CA HIS A 99 -0.30 18.66 7.03
C HIS A 99 -0.56 18.07 8.37
N MET A 1 2.49 -7.61 17.48
CA MET A 1 2.81 -7.89 16.08
C MET A 1 1.91 -7.08 15.21
N SER A 2 2.44 -6.56 14.14
CA SER A 2 1.67 -5.76 13.24
C SER A 2 2.08 -6.07 11.82
N ILE A 3 3.30 -5.67 11.45
CA ILE A 3 3.76 -5.84 10.09
C ILE A 3 5.27 -5.51 9.97
N LEU A 4 5.85 -4.91 11.03
CA LEU A 4 7.26 -4.49 11.01
C LEU A 4 8.19 -5.71 11.01
N GLU A 5 7.59 -6.87 11.25
CA GLU A 5 8.23 -8.15 11.17
C GLU A 5 8.71 -8.41 9.73
N ASP A 6 8.00 -7.85 8.79
CA ASP A 6 8.19 -8.12 7.37
C ASP A 6 9.38 -7.39 6.76
N PRO A 7 10.24 -8.12 5.99
CA PRO A 7 11.40 -7.53 5.29
C PRO A 7 11.01 -6.63 4.10
N GLU A 8 9.91 -6.94 3.45
CA GLU A 8 9.50 -6.17 2.28
C GLU A 8 8.94 -4.83 2.74
N PHE A 9 8.21 -4.89 3.83
CA PHE A 9 7.64 -3.71 4.44
C PHE A 9 8.75 -2.77 4.94
N VAL A 10 9.82 -3.34 5.47
CA VAL A 10 10.95 -2.52 5.94
C VAL A 10 11.64 -1.85 4.75
N LYS A 11 11.67 -2.53 3.59
CA LYS A 11 12.16 -1.94 2.35
C LYS A 11 11.36 -0.68 2.02
N LEU A 12 10.05 -0.78 2.19
CA LEU A 12 9.14 0.35 1.97
C LEU A 12 9.45 1.50 2.92
N ARG A 13 9.82 1.18 4.16
CA ARG A 13 10.17 2.19 5.17
C ARG A 13 11.36 3.00 4.69
N GLN A 14 12.33 2.31 4.10
CA GLN A 14 13.55 2.91 3.57
C GLN A 14 13.25 3.67 2.27
N PHE A 15 12.36 3.12 1.46
CA PHE A 15 11.92 3.74 0.20
C PHE A 15 11.20 5.06 0.52
N LYS A 16 10.38 5.01 1.56
CA LYS A 16 9.62 6.13 2.06
C LYS A 16 8.47 6.49 1.13
N GLY A 17 8.71 7.29 0.12
CA GLY A 17 7.64 7.71 -0.72
C GLY A 17 8.10 8.53 -1.88
N LYS A 18 8.27 7.90 -3.00
CA LYS A 18 8.66 8.57 -4.24
C LYS A 18 7.44 8.66 -5.14
N VAL A 19 6.30 8.67 -4.49
CA VAL A 19 4.98 8.64 -5.10
C VAL A 19 4.12 9.76 -4.55
N ASN A 20 2.99 10.01 -5.18
CA ASN A 20 2.03 10.98 -4.68
C ASN A 20 1.31 10.35 -3.51
N PHE A 21 1.40 10.97 -2.36
CA PHE A 21 0.72 10.52 -1.15
C PHE A 21 -0.77 10.32 -1.38
N ASN A 22 -1.33 11.21 -2.14
CA ASN A 22 -2.78 11.26 -2.31
C ASN A 22 -3.21 10.16 -3.22
N LEU A 23 -2.37 9.83 -4.16
CA LEU A 23 -2.70 8.85 -5.12
C LEU A 23 -2.58 7.47 -4.50
N VAL A 24 -1.59 7.26 -3.63
CA VAL A 24 -1.44 5.97 -2.94
C VAL A 24 -2.63 5.76 -2.03
N MET A 25 -3.01 6.83 -1.35
CA MET A 25 -4.17 6.82 -0.47
C MET A 25 -5.40 6.43 -1.26
N GLN A 26 -5.50 6.97 -2.47
CA GLN A 26 -6.60 6.65 -3.36
C GLN A 26 -6.50 5.19 -3.86
N ILE A 27 -5.29 4.72 -4.16
CA ILE A 27 -5.06 3.32 -4.59
C ILE A 27 -5.59 2.37 -3.52
N LEU A 28 -5.16 2.62 -2.29
CA LEU A 28 -5.52 1.82 -1.13
C LEU A 28 -7.02 1.90 -0.88
N ASP A 29 -7.57 3.08 -1.10
CA ASP A 29 -9.00 3.35 -0.92
C ASP A 29 -9.82 2.59 -1.96
N GLU A 30 -9.39 2.70 -3.18
CA GLU A 30 -10.07 2.14 -4.33
C GLU A 30 -10.09 0.60 -4.26
N ILE A 31 -8.97 -0.01 -3.84
CA ILE A 31 -8.96 -1.47 -3.67
C ILE A 31 -9.76 -1.84 -2.43
N GLU A 32 -9.71 -1.00 -1.40
CA GLU A 32 -10.41 -1.23 -0.14
C GLU A 32 -11.91 -1.31 -0.38
N LEU A 33 -12.46 -0.28 -1.00
CA LEU A 33 -13.89 -0.21 -1.25
C LEU A 33 -14.37 -1.34 -2.15
N ASP A 34 -13.52 -1.74 -3.09
CA ASP A 34 -13.89 -2.79 -4.04
C ASP A 34 -13.83 -4.15 -3.37
N LEU A 35 -12.74 -4.42 -2.67
CA LEU A 35 -12.50 -5.69 -1.99
C LEU A 35 -13.62 -6.02 -1.01
N ARG A 36 -14.17 -5.00 -0.37
CA ARG A 36 -15.24 -5.20 0.60
C ARG A 36 -16.52 -5.73 -0.06
N GLY A 37 -16.57 -5.70 -1.39
CA GLY A 37 -17.68 -6.23 -2.13
C GLY A 37 -17.20 -7.10 -3.27
N SER A 38 -15.99 -7.61 -3.15
CA SER A 38 -15.40 -8.45 -4.18
C SER A 38 -14.88 -9.71 -3.51
N ASP A 39 -14.44 -10.67 -4.28
CA ASP A 39 -13.96 -11.91 -3.71
C ASP A 39 -12.46 -11.91 -3.54
N ASN A 40 -11.75 -11.40 -4.51
CA ASN A 40 -10.32 -11.52 -4.51
C ASN A 40 -9.67 -10.15 -4.57
N ILE A 41 -8.76 -9.90 -3.63
CA ILE A 41 -8.09 -8.61 -3.56
C ILE A 41 -7.14 -8.41 -4.73
N LYS A 42 -6.55 -9.50 -5.25
CA LYS A 42 -5.67 -9.39 -6.40
C LYS A 42 -6.44 -8.88 -7.62
N THR A 43 -7.69 -9.25 -7.69
CA THR A 43 -8.56 -8.83 -8.73
C THR A 43 -8.86 -7.32 -8.58
N SER A 44 -9.12 -6.91 -7.32
CA SER A 44 -9.33 -5.50 -7.00
C SER A 44 -8.08 -4.67 -7.37
N ILE A 45 -6.90 -5.25 -7.13
CA ILE A 45 -5.61 -4.65 -7.48
C ILE A 45 -5.59 -4.32 -8.98
N ILE A 46 -5.97 -5.31 -9.80
CA ILE A 46 -5.95 -5.19 -11.26
C ILE A 46 -6.69 -3.95 -11.76
N TYR A 47 -7.90 -3.71 -11.24
CA TYR A 47 -8.72 -2.59 -11.70
C TYR A 47 -8.01 -1.27 -11.43
N VAL A 48 -7.63 -1.11 -10.18
CA VAL A 48 -7.06 0.13 -9.67
C VAL A 48 -5.72 0.43 -10.33
N TYR A 49 -4.89 -0.58 -10.45
CA TYR A 49 -3.57 -0.44 -11.04
C TYR A 49 -3.67 -0.11 -12.53
N SER A 50 -4.68 -0.66 -13.19
CA SER A 50 -4.88 -0.40 -14.60
C SER A 50 -5.53 0.98 -14.81
N SER A 51 -6.19 1.48 -13.79
CA SER A 51 -6.79 2.78 -13.82
C SER A 51 -5.72 3.86 -13.64
N HIS A 52 -4.90 3.67 -12.63
CA HIS A 52 -3.90 4.68 -12.30
C HIS A 52 -2.52 4.21 -12.74
N LEU A 53 -2.46 3.70 -13.98
CA LEU A 53 -1.25 3.09 -14.59
C LEU A 53 0.00 3.91 -14.42
N ASP A 54 -0.10 5.20 -14.62
CA ASP A 54 1.06 6.10 -14.61
C ASP A 54 1.90 5.98 -13.34
N GLU A 55 1.28 6.09 -12.18
CA GLU A 55 2.06 6.02 -10.94
C GLU A 55 2.51 4.60 -10.66
N ILE A 56 1.68 3.64 -11.08
CA ILE A 56 1.98 2.22 -10.93
C ILE A 56 3.22 1.90 -11.76
N ARG A 57 3.32 2.56 -12.87
CA ARG A 57 4.39 2.40 -13.81
C ARG A 57 5.65 3.14 -13.33
N LYS A 58 5.47 4.35 -12.84
CA LYS A 58 6.57 5.17 -12.33
C LYS A 58 7.25 4.50 -11.17
N ASN A 59 6.46 4.01 -10.26
CA ASN A 59 6.98 3.39 -9.08
C ASN A 59 6.51 1.98 -8.95
N LYS A 60 6.84 1.17 -9.94
CA LYS A 60 6.43 -0.20 -9.96
C LYS A 60 7.08 -1.00 -8.87
N GLU A 61 8.21 -0.52 -8.38
CA GLU A 61 8.89 -1.12 -7.25
C GLU A 61 8.00 -1.04 -6.02
N PHE A 62 7.50 0.16 -5.77
CA PHE A 62 6.64 0.42 -4.63
C PHE A 62 5.36 -0.38 -4.75
N TYR A 63 4.74 -0.30 -5.90
CA TYR A 63 3.50 -0.98 -6.14
C TYR A 63 3.64 -2.50 -6.18
N ASP A 64 4.78 -3.01 -6.68
CA ASP A 64 5.03 -4.46 -6.65
C ASP A 64 5.09 -4.95 -5.21
N MET A 65 5.89 -4.25 -4.40
CA MET A 65 6.06 -4.60 -3.00
C MET A 65 4.77 -4.53 -2.22
N ILE A 66 4.03 -3.43 -2.36
CA ILE A 66 2.80 -3.28 -1.60
C ILE A 66 1.73 -4.27 -2.03
N ALA A 67 1.58 -4.52 -3.34
CA ALA A 67 0.54 -5.43 -3.85
C ALA A 67 0.62 -6.81 -3.19
N GLU A 68 1.84 -7.27 -2.99
CA GLU A 68 2.11 -8.53 -2.30
C GLU A 68 1.63 -8.43 -0.85
N ILE A 69 2.13 -7.42 -0.17
CA ILE A 69 1.87 -7.19 1.25
C ILE A 69 0.38 -6.97 1.52
N LEU A 70 -0.28 -6.23 0.64
CA LEU A 70 -1.71 -5.94 0.76
C LEU A 70 -2.53 -7.21 0.86
N GLN A 71 -2.31 -8.14 -0.04
CA GLN A 71 -3.11 -9.37 -0.06
C GLN A 71 -2.75 -10.25 1.13
N ARG A 72 -1.47 -10.37 1.31
CA ARG A 72 -0.86 -11.20 2.32
C ARG A 72 -1.27 -10.77 3.74
N TYR A 73 -1.26 -9.48 3.98
CA TYR A 73 -1.58 -8.98 5.29
C TYR A 73 -3.04 -8.64 5.48
N TYR A 74 -3.81 -8.52 4.38
CA TYR A 74 -5.25 -8.29 4.52
C TYR A 74 -5.89 -9.53 5.13
N LYS A 75 -5.30 -10.67 4.86
CA LYS A 75 -5.76 -11.92 5.43
C LYS A 75 -5.26 -12.09 6.86
N LYS A 76 -4.25 -11.33 7.23
CA LYS A 76 -3.66 -11.48 8.54
C LYS A 76 -4.22 -10.44 9.52
N ILE A 77 -4.20 -9.19 9.14
CA ILE A 77 -4.64 -8.12 10.02
C ILE A 77 -5.84 -7.35 9.46
N GLY A 78 -5.99 -7.34 8.17
CA GLY A 78 -7.12 -6.66 7.57
C GLY A 78 -6.66 -5.57 6.62
N ILE A 79 -7.39 -5.39 5.54
CA ILE A 79 -7.00 -4.43 4.50
C ILE A 79 -6.91 -3.00 5.03
N GLU A 80 -7.88 -2.58 5.86
CA GLU A 80 -7.89 -1.22 6.42
C GLU A 80 -6.61 -0.98 7.22
N ASN A 81 -6.24 -1.98 7.98
CA ASN A 81 -5.07 -1.95 8.82
C ASN A 81 -3.82 -1.78 7.98
N VAL A 82 -3.71 -2.60 6.93
CA VAL A 82 -2.57 -2.57 6.03
C VAL A 82 -2.47 -1.21 5.33
N ASN A 83 -3.60 -0.74 4.81
CA ASN A 83 -3.66 0.55 4.10
C ASN A 83 -3.10 1.69 4.95
N GLN A 84 -3.51 1.72 6.20
CA GLN A 84 -3.08 2.75 7.14
C GLN A 84 -1.57 2.60 7.38
N LEU A 85 -1.10 1.38 7.52
CA LEU A 85 0.31 1.10 7.76
C LEU A 85 1.17 1.51 6.56
N ILE A 86 0.63 1.34 5.36
CA ILE A 86 1.30 1.76 4.13
C ILE A 86 1.40 3.29 4.11
N LEU A 87 0.29 3.95 4.44
CA LEU A 87 0.23 5.41 4.51
C LEU A 87 1.22 5.96 5.51
N THR A 88 1.31 5.32 6.66
CA THR A 88 2.25 5.71 7.70
C THR A 88 3.71 5.53 7.21
N THR A 89 3.94 4.55 6.40
CA THR A 89 5.25 4.27 5.84
C THR A 89 5.69 5.36 4.85
N ILE A 90 4.75 5.87 4.07
CA ILE A 90 5.06 6.89 3.07
C ILE A 90 5.03 8.30 3.66
N LYS A 91 4.63 8.41 4.92
CA LYS A 91 4.61 9.71 5.62
C LYS A 91 6.00 10.28 5.73
N LEU A 92 6.28 11.26 4.91
CA LEU A 92 7.53 11.96 4.97
C LEU A 92 7.36 13.00 6.07
N GLU A 93 8.21 12.93 7.07
CA GLU A 93 8.10 13.80 8.20
C GLU A 93 8.41 15.24 7.80
N HIS A 94 7.41 16.08 7.95
CA HIS A 94 7.53 17.47 7.58
C HIS A 94 8.10 18.27 8.71
N HIS A 95 8.09 17.70 9.90
CA HIS A 95 8.78 18.30 11.01
C HIS A 95 10.25 18.08 10.76
N HIS A 96 11.09 18.96 11.24
CA HIS A 96 12.52 18.84 10.98
C HIS A 96 13.14 17.74 11.83
N HIS A 97 12.89 16.52 11.42
CA HIS A 97 13.38 15.33 12.05
C HIS A 97 13.59 14.26 11.04
N HIS A 98 14.82 13.90 10.81
CA HIS A 98 15.11 12.70 10.01
C HIS A 98 14.85 11.54 10.93
N HIS A 99 15.24 11.78 12.16
CA HIS A 99 15.04 10.93 13.28
C HIS A 99 15.31 11.81 14.49
N MET A 1 0.40 -4.61 15.71
CA MET A 1 0.05 -5.62 14.72
C MET A 1 1.28 -5.99 13.94
N SER A 2 1.25 -7.16 13.33
CA SER A 2 2.33 -7.61 12.50
C SER A 2 2.43 -6.82 11.22
N ILE A 3 3.59 -6.26 10.99
CA ILE A 3 3.88 -5.54 9.78
C ILE A 3 5.40 -5.38 9.65
N LEU A 4 6.07 -5.22 10.80
CA LEU A 4 7.53 -5.08 10.85
C LEU A 4 8.22 -6.44 10.74
N GLU A 5 7.42 -7.46 10.49
CA GLU A 5 7.91 -8.78 10.29
C GLU A 5 8.17 -9.03 8.81
N ASP A 6 7.85 -8.07 7.98
CA ASP A 6 7.93 -8.30 6.57
C ASP A 6 9.15 -7.61 5.95
N PRO A 7 9.98 -8.35 5.19
CA PRO A 7 11.18 -7.80 4.55
C PRO A 7 10.84 -6.79 3.45
N GLU A 8 9.68 -6.94 2.84
CA GLU A 8 9.31 -6.07 1.75
C GLU A 8 8.91 -4.71 2.32
N PHE A 9 8.49 -4.72 3.58
CA PHE A 9 8.08 -3.52 4.27
C PHE A 9 9.29 -2.61 4.59
N VAL A 10 10.41 -3.21 4.97
CA VAL A 10 11.61 -2.43 5.24
C VAL A 10 12.14 -1.83 3.93
N LYS A 11 11.98 -2.57 2.84
CA LYS A 11 12.31 -2.08 1.51
C LYS A 11 11.43 -0.88 1.19
N LEU A 12 10.15 -1.01 1.54
CA LEU A 12 9.20 0.06 1.37
C LEU A 12 9.62 1.31 2.09
N ARG A 13 10.08 1.22 3.34
CA ARG A 13 10.52 2.42 4.08
C ARG A 13 11.62 3.17 3.36
N GLN A 14 12.45 2.46 2.67
CA GLN A 14 13.53 3.04 1.90
C GLN A 14 12.96 3.66 0.60
N PHE A 15 11.93 3.06 0.08
CA PHE A 15 11.35 3.48 -1.17
C PHE A 15 10.14 4.45 -0.97
N LYS A 16 9.85 4.83 0.26
CA LYS A 16 8.76 5.78 0.48
C LYS A 16 9.22 7.21 0.20
N GLY A 17 8.28 8.14 0.18
CA GLY A 17 8.63 9.54 -0.02
C GLY A 17 8.54 9.96 -1.47
N LYS A 18 8.88 9.06 -2.33
CA LYS A 18 8.89 9.27 -3.76
C LYS A 18 7.51 9.16 -4.40
N VAL A 19 6.48 9.11 -3.57
CA VAL A 19 5.10 8.96 -4.02
C VAL A 19 4.24 9.98 -3.27
N ASN A 20 3.00 10.17 -3.71
CA ASN A 20 2.11 11.13 -3.07
C ASN A 20 1.26 10.43 -2.02
N PHE A 21 1.08 11.07 -0.88
CA PHE A 21 0.27 10.52 0.20
C PHE A 21 -1.17 10.30 -0.22
N ASN A 22 -1.72 11.28 -0.91
CA ASN A 22 -3.14 11.26 -1.26
C ASN A 22 -3.37 10.22 -2.30
N LEU A 23 -2.37 10.03 -3.12
CA LEU A 23 -2.42 9.08 -4.18
C LEU A 23 -2.41 7.67 -3.64
N VAL A 24 -1.51 7.40 -2.71
CA VAL A 24 -1.42 6.07 -2.10
C VAL A 24 -2.69 5.78 -1.34
N MET A 25 -3.18 6.79 -0.61
CA MET A 25 -4.45 6.68 0.11
C MET A 25 -5.55 6.31 -0.86
N GLN A 26 -5.55 6.98 -1.99
CA GLN A 26 -6.51 6.74 -3.04
C GLN A 26 -6.37 5.33 -3.62
N ILE A 27 -5.14 4.89 -3.87
CA ILE A 27 -4.88 3.53 -4.38
C ILE A 27 -5.44 2.51 -3.40
N LEU A 28 -5.09 2.68 -2.15
CA LEU A 28 -5.52 1.82 -1.07
C LEU A 28 -7.04 1.86 -0.93
N ASP A 29 -7.59 3.02 -1.16
CA ASP A 29 -9.03 3.24 -1.07
C ASP A 29 -9.73 2.58 -2.23
N GLU A 30 -9.21 2.81 -3.42
CA GLU A 30 -9.77 2.32 -4.67
C GLU A 30 -9.82 0.77 -4.66
N ILE A 31 -8.77 0.14 -4.14
CA ILE A 31 -8.78 -1.34 -4.02
C ILE A 31 -9.73 -1.77 -2.90
N GLU A 32 -9.71 -1.02 -1.79
CA GLU A 32 -10.52 -1.30 -0.62
C GLU A 32 -11.99 -1.25 -0.96
N LEU A 33 -12.41 -0.21 -1.66
CA LEU A 33 -13.79 -0.03 -2.02
C LEU A 33 -14.29 -1.12 -2.96
N ASP A 34 -13.39 -1.68 -3.78
CA ASP A 34 -13.80 -2.82 -4.62
C ASP A 34 -13.91 -4.06 -3.77
N LEU A 35 -12.85 -4.33 -3.01
CA LEU A 35 -12.74 -5.53 -2.16
C LEU A 35 -13.84 -5.59 -1.11
N ARG A 36 -14.30 -4.41 -0.72
CA ARG A 36 -15.36 -4.23 0.27
C ARG A 36 -16.64 -4.92 -0.21
N GLY A 37 -16.80 -5.03 -1.52
CA GLY A 37 -17.96 -5.64 -2.08
C GLY A 37 -17.65 -6.68 -3.14
N SER A 38 -16.43 -7.20 -3.14
CA SER A 38 -16.11 -8.23 -4.08
C SER A 38 -15.68 -9.53 -3.39
N ASP A 39 -14.38 -9.81 -3.36
CA ASP A 39 -13.85 -11.05 -2.78
C ASP A 39 -12.34 -11.15 -2.91
N ASN A 40 -11.82 -10.98 -4.11
CA ASN A 40 -10.40 -11.18 -4.32
C ASN A 40 -9.68 -9.86 -4.40
N ILE A 41 -8.85 -9.61 -3.42
CA ILE A 41 -8.08 -8.39 -3.33
C ILE A 41 -7.09 -8.25 -4.48
N LYS A 42 -6.54 -9.36 -4.98
CA LYS A 42 -5.53 -9.25 -6.04
C LYS A 42 -6.18 -8.82 -7.33
N THR A 43 -7.43 -9.18 -7.47
CA THR A 43 -8.22 -8.78 -8.59
C THR A 43 -8.58 -7.29 -8.43
N SER A 44 -8.92 -6.89 -7.21
CA SER A 44 -9.16 -5.48 -6.89
C SER A 44 -7.91 -4.64 -7.25
N ILE A 45 -6.72 -5.19 -6.94
CA ILE A 45 -5.42 -4.59 -7.28
C ILE A 45 -5.35 -4.30 -8.78
N ILE A 46 -5.75 -5.30 -9.57
CA ILE A 46 -5.71 -5.23 -11.03
C ILE A 46 -6.42 -4.00 -11.58
N TYR A 47 -7.66 -3.77 -11.13
CA TYR A 47 -8.47 -2.67 -11.67
C TYR A 47 -7.76 -1.35 -11.47
N VAL A 48 -7.33 -1.14 -10.26
CA VAL A 48 -6.71 0.08 -9.84
C VAL A 48 -5.37 0.31 -10.53
N TYR A 49 -4.54 -0.69 -10.55
CA TYR A 49 -3.22 -0.58 -11.17
C TYR A 49 -3.36 -0.38 -12.67
N SER A 50 -4.30 -1.07 -13.26
CA SER A 50 -4.55 -0.96 -14.68
C SER A 50 -5.16 0.43 -15.02
N SER A 51 -5.74 1.08 -14.02
CA SER A 51 -6.37 2.38 -14.20
C SER A 51 -5.39 3.50 -13.76
N HIS A 52 -4.22 3.11 -13.30
CA HIS A 52 -3.18 4.04 -12.85
C HIS A 52 -1.84 3.64 -13.43
N LEU A 53 -1.86 3.06 -14.63
CA LEU A 53 -0.66 2.44 -15.27
C LEU A 53 0.60 3.29 -15.23
N ASP A 54 0.51 4.54 -15.67
CA ASP A 54 1.71 5.38 -15.76
C ASP A 54 2.34 5.60 -14.39
N GLU A 55 1.48 5.87 -13.43
CA GLU A 55 1.84 6.04 -12.04
C GLU A 55 2.46 4.75 -11.50
N ILE A 56 1.78 3.64 -11.74
CA ILE A 56 2.25 2.31 -11.35
C ILE A 56 3.63 2.05 -11.96
N ARG A 57 3.83 2.42 -13.21
CA ARG A 57 5.14 2.27 -13.86
C ARG A 57 6.22 3.14 -13.20
N LYS A 58 5.83 4.32 -12.72
CA LYS A 58 6.76 5.21 -12.01
C LYS A 58 7.28 4.54 -10.75
N ASN A 59 6.39 4.04 -9.94
CA ASN A 59 6.79 3.43 -8.68
C ASN A 59 6.31 2.00 -8.63
N LYS A 60 6.79 1.22 -9.58
CA LYS A 60 6.39 -0.17 -9.70
C LYS A 60 6.85 -0.93 -8.50
N GLU A 61 7.99 -0.54 -7.97
CA GLU A 61 8.57 -1.15 -6.83
C GLU A 61 7.67 -0.96 -5.62
N PHE A 62 7.20 0.26 -5.44
CA PHE A 62 6.31 0.61 -4.35
C PHE A 62 5.00 -0.14 -4.47
N TYR A 63 4.40 -0.04 -5.64
CA TYR A 63 3.11 -0.62 -5.86
C TYR A 63 3.13 -2.12 -5.88
N ASP A 64 4.19 -2.72 -6.37
CA ASP A 64 4.27 -4.18 -6.39
C ASP A 64 4.46 -4.75 -5.00
N MET A 65 5.35 -4.13 -4.22
CA MET A 65 5.59 -4.60 -2.86
C MET A 65 4.40 -4.38 -1.97
N ILE A 66 3.71 -3.25 -2.12
CA ILE A 66 2.53 -3.05 -1.30
C ILE A 66 1.44 -4.03 -1.71
N ALA A 67 1.25 -4.26 -3.02
CA ALA A 67 0.23 -5.19 -3.52
C ALA A 67 0.41 -6.58 -2.93
N GLU A 68 1.65 -6.96 -2.76
CA GLU A 68 2.02 -8.21 -2.16
C GLU A 68 1.65 -8.21 -0.66
N ILE A 69 2.16 -7.21 0.06
CA ILE A 69 1.93 -7.06 1.50
C ILE A 69 0.44 -6.89 1.83
N LEU A 70 -0.27 -6.14 1.00
CA LEU A 70 -1.70 -5.90 1.16
C LEU A 70 -2.47 -7.19 1.20
N GLN A 71 -2.21 -8.08 0.26
CA GLN A 71 -2.91 -9.38 0.23
C GLN A 71 -2.52 -10.19 1.46
N ARG A 72 -1.23 -10.22 1.71
CA ARG A 72 -0.59 -10.96 2.75
C ARG A 72 -1.17 -10.64 4.14
N TYR A 73 -1.22 -9.37 4.48
CA TYR A 73 -1.67 -8.97 5.80
C TYR A 73 -3.16 -8.74 5.91
N TYR A 74 -3.84 -8.60 4.79
CA TYR A 74 -5.30 -8.48 4.82
C TYR A 74 -5.91 -9.80 5.30
N LYS A 75 -5.20 -10.89 5.03
CA LYS A 75 -5.59 -12.22 5.47
C LYS A 75 -5.35 -12.36 6.97
N LYS A 76 -4.46 -11.55 7.51
CA LYS A 76 -4.09 -11.64 8.90
C LYS A 76 -4.88 -10.66 9.78
N ILE A 77 -4.91 -9.38 9.41
CA ILE A 77 -5.59 -8.39 10.25
C ILE A 77 -6.74 -7.69 9.51
N GLY A 78 -6.62 -7.54 8.21
CA GLY A 78 -7.65 -6.86 7.45
C GLY A 78 -6.99 -5.92 6.47
N ILE A 79 -7.76 -5.31 5.60
CA ILE A 79 -7.17 -4.48 4.55
C ILE A 79 -7.07 -3.03 5.01
N GLU A 80 -8.10 -2.57 5.69
CA GLU A 80 -8.19 -1.25 6.19
C GLU A 80 -7.04 -0.95 7.15
N ASN A 81 -6.66 -1.98 7.87
CA ASN A 81 -5.59 -1.92 8.83
C ASN A 81 -4.26 -1.75 8.10
N VAL A 82 -4.06 -2.57 7.08
CA VAL A 82 -2.83 -2.55 6.31
C VAL A 82 -2.72 -1.24 5.54
N ASN A 83 -3.84 -0.76 5.02
CA ASN A 83 -3.89 0.52 4.30
C ASN A 83 -3.36 1.65 5.17
N GLN A 84 -3.81 1.66 6.41
CA GLN A 84 -3.39 2.66 7.40
C GLN A 84 -1.87 2.49 7.63
N LEU A 85 -1.43 1.25 7.79
CA LEU A 85 -0.02 0.95 8.02
C LEU A 85 0.85 1.45 6.86
N ILE A 86 0.39 1.25 5.62
CA ILE A 86 1.12 1.68 4.44
C ILE A 86 1.24 3.22 4.40
N LEU A 87 0.18 3.89 4.81
CA LEU A 87 0.16 5.35 4.91
C LEU A 87 1.15 5.81 5.96
N THR A 88 1.20 5.08 7.04
CA THR A 88 2.10 5.33 8.13
C THR A 88 3.58 5.20 7.67
N THR A 89 3.84 4.30 6.73
CA THR A 89 5.19 4.08 6.24
C THR A 89 5.65 5.31 5.39
N ILE A 90 4.72 5.95 4.67
CA ILE A 90 5.08 7.09 3.78
C ILE A 90 5.07 8.43 4.49
N LYS A 91 4.13 8.62 5.34
CA LYS A 91 3.94 9.88 5.97
C LYS A 91 4.63 9.89 7.30
N LEU A 92 5.63 10.75 7.42
CA LEU A 92 6.48 10.87 8.60
C LEU A 92 7.27 9.60 8.80
N GLU A 93 8.40 9.52 8.11
CA GLU A 93 9.26 8.36 8.12
C GLU A 93 9.68 7.99 9.56
N HIS A 94 9.84 6.71 9.80
CA HIS A 94 10.21 6.17 11.12
C HIS A 94 11.74 6.30 11.32
N HIS A 95 12.32 7.20 10.58
CA HIS A 95 13.71 7.53 10.61
C HIS A 95 13.85 8.92 10.02
N HIS A 96 14.76 9.70 10.51
CA HIS A 96 15.08 10.95 9.86
C HIS A 96 16.52 11.30 10.13
N HIS A 97 16.78 11.97 11.23
CA HIS A 97 18.15 12.25 11.65
C HIS A 97 18.15 12.50 13.16
N HIS A 98 17.14 11.96 13.79
CA HIS A 98 16.95 12.11 15.22
C HIS A 98 16.47 10.80 15.78
N HIS A 99 15.55 10.18 15.08
CA HIS A 99 15.06 8.89 15.45
C HIS A 99 14.54 8.24 14.18
N MET A 1 4.15 -10.58 15.13
CA MET A 1 4.20 -9.12 15.15
C MET A 1 3.14 -8.66 14.20
N SER A 2 3.16 -7.41 13.83
CA SER A 2 2.25 -6.92 12.86
C SER A 2 2.98 -5.98 11.91
N ILE A 3 3.06 -6.40 10.65
CA ILE A 3 3.64 -5.67 9.49
C ILE A 3 5.18 -5.65 9.49
N LEU A 4 5.78 -5.64 10.66
CA LEU A 4 7.25 -5.62 10.81
C LEU A 4 7.86 -7.02 10.62
N GLU A 5 7.08 -7.91 10.08
CA GLU A 5 7.51 -9.28 9.84
C GLU A 5 7.82 -9.42 8.36
N ASP A 6 7.47 -8.40 7.62
CA ASP A 6 7.54 -8.43 6.19
C ASP A 6 8.79 -7.74 5.66
N PRO A 7 9.59 -8.44 4.81
CA PRO A 7 10.82 -7.89 4.23
C PRO A 7 10.54 -6.81 3.17
N GLU A 8 9.38 -6.86 2.57
CA GLU A 8 9.04 -5.90 1.56
C GLU A 8 8.69 -4.60 2.24
N PHE A 9 8.03 -4.71 3.38
CA PHE A 9 7.64 -3.57 4.20
C PHE A 9 8.86 -2.75 4.65
N VAL A 10 9.90 -3.43 5.09
CA VAL A 10 11.08 -2.73 5.55
C VAL A 10 11.77 -2.01 4.36
N LYS A 11 11.74 -2.64 3.19
CA LYS A 11 12.28 -2.02 1.99
C LYS A 11 11.40 -0.87 1.52
N LEU A 12 10.10 -0.94 1.81
CA LEU A 12 9.17 0.15 1.51
C LEU A 12 9.55 1.40 2.26
N ARG A 13 9.97 1.26 3.50
CA ARG A 13 10.36 2.43 4.29
C ARG A 13 11.66 3.02 3.80
N GLN A 14 12.49 2.18 3.21
CA GLN A 14 13.75 2.65 2.64
C GLN A 14 13.48 3.33 1.30
N PHE A 15 12.38 2.97 0.70
CA PHE A 15 11.95 3.54 -0.55
C PHE A 15 11.20 4.84 -0.26
N LYS A 16 10.42 4.82 0.82
CA LYS A 16 9.60 5.94 1.35
C LYS A 16 8.32 6.14 0.55
N GLY A 17 8.38 5.90 -0.71
CA GLY A 17 7.22 6.01 -1.52
C GLY A 17 7.53 6.70 -2.81
N LYS A 18 8.08 7.91 -2.68
CA LYS A 18 8.44 8.78 -3.81
C LYS A 18 7.22 9.06 -4.69
N VAL A 19 6.07 9.01 -4.06
CA VAL A 19 4.77 9.14 -4.67
C VAL A 19 3.92 10.14 -3.91
N ASN A 20 2.81 10.52 -4.49
CA ASN A 20 1.85 11.41 -3.87
C ASN A 20 1.07 10.63 -2.83
N PHE A 21 1.09 11.10 -1.61
CA PHE A 21 0.35 10.50 -0.50
C PHE A 21 -1.13 10.34 -0.85
N ASN A 22 -1.66 11.33 -1.55
CA ASN A 22 -3.07 11.41 -1.84
C ASN A 22 -3.46 10.37 -2.85
N LEU A 23 -2.54 10.05 -3.71
CA LEU A 23 -2.77 9.07 -4.72
C LEU A 23 -2.71 7.68 -4.12
N VAL A 24 -1.75 7.45 -3.23
CA VAL A 24 -1.63 6.15 -2.54
C VAL A 24 -2.87 5.91 -1.68
N MET A 25 -3.29 6.94 -0.96
CA MET A 25 -4.49 6.87 -0.11
C MET A 25 -5.70 6.48 -0.96
N GLN A 26 -5.72 6.97 -2.20
CA GLN A 26 -6.76 6.64 -3.15
C GLN A 26 -6.62 5.21 -3.68
N ILE A 27 -5.38 4.79 -3.98
CA ILE A 27 -5.10 3.42 -4.45
C ILE A 27 -5.62 2.42 -3.43
N LEU A 28 -5.26 2.66 -2.19
CA LEU A 28 -5.65 1.83 -1.07
C LEU A 28 -7.16 1.85 -0.90
N ASP A 29 -7.74 3.02 -1.07
CA ASP A 29 -9.19 3.22 -0.97
C ASP A 29 -9.93 2.45 -2.04
N GLU A 30 -9.42 2.58 -3.23
CA GLU A 30 -10.01 2.02 -4.42
C GLU A 30 -10.04 0.48 -4.35
N ILE A 31 -8.96 -0.13 -3.88
CA ILE A 31 -8.95 -1.57 -3.68
C ILE A 31 -9.84 -1.96 -2.50
N GLU A 32 -9.80 -1.15 -1.44
CA GLU A 32 -10.55 -1.36 -0.21
C GLU A 32 -12.05 -1.43 -0.47
N LEU A 33 -12.55 -0.43 -1.19
CA LEU A 33 -13.98 -0.35 -1.50
C LEU A 33 -14.43 -1.49 -2.41
N ASP A 34 -13.55 -1.96 -3.28
CA ASP A 34 -13.88 -3.08 -4.16
C ASP A 34 -13.85 -4.40 -3.41
N LEU A 35 -12.78 -4.60 -2.67
CA LEU A 35 -12.54 -5.80 -1.90
C LEU A 35 -13.58 -6.01 -0.81
N ARG A 36 -13.86 -4.94 -0.05
CA ARG A 36 -14.81 -4.95 1.08
C ARG A 36 -14.36 -5.89 2.21
N GLY A 37 -13.13 -6.33 2.09
CA GLY A 37 -12.55 -7.26 3.03
C GLY A 37 -13.05 -8.68 2.80
N SER A 38 -13.71 -8.93 1.69
CA SER A 38 -14.32 -10.22 1.48
C SER A 38 -13.92 -10.93 0.15
N ASP A 39 -13.96 -10.22 -0.98
CA ASP A 39 -13.79 -10.92 -2.28
C ASP A 39 -12.32 -11.26 -2.64
N ASN A 40 -11.73 -10.49 -3.54
CA ASN A 40 -10.37 -10.78 -4.01
C ASN A 40 -9.60 -9.50 -4.20
N ILE A 41 -8.68 -9.25 -3.31
CA ILE A 41 -7.90 -8.03 -3.34
C ILE A 41 -6.96 -8.05 -4.53
N LYS A 42 -6.55 -9.26 -4.91
CA LYS A 42 -5.70 -9.47 -6.08
C LYS A 42 -6.38 -8.93 -7.33
N THR A 43 -7.69 -9.10 -7.37
CA THR A 43 -8.47 -8.68 -8.47
C THR A 43 -8.72 -7.17 -8.37
N SER A 44 -8.89 -6.67 -7.14
CA SER A 44 -9.02 -5.25 -6.88
C SER A 44 -7.76 -4.51 -7.39
N ILE A 45 -6.60 -5.11 -7.10
CA ILE A 45 -5.30 -4.60 -7.55
C ILE A 45 -5.29 -4.43 -9.06
N ILE A 46 -5.87 -5.40 -9.76
CA ILE A 46 -5.92 -5.40 -11.22
C ILE A 46 -6.60 -4.14 -11.75
N TYR A 47 -7.79 -3.83 -11.25
CA TYR A 47 -8.55 -2.66 -11.75
C TYR A 47 -7.76 -1.38 -11.51
N VAL A 48 -7.37 -1.20 -10.26
CA VAL A 48 -6.72 0.00 -9.80
C VAL A 48 -5.39 0.26 -10.51
N TYR A 49 -4.57 -0.78 -10.62
CA TYR A 49 -3.27 -0.63 -11.25
C TYR A 49 -3.42 -0.35 -12.73
N SER A 50 -4.40 -0.94 -13.38
CA SER A 50 -4.61 -0.75 -14.80
C SER A 50 -5.16 0.65 -15.10
N SER A 51 -5.83 1.24 -14.14
CA SER A 51 -6.36 2.56 -14.31
C SER A 51 -5.29 3.62 -14.01
N HIS A 52 -4.51 3.37 -12.98
CA HIS A 52 -3.51 4.34 -12.52
C HIS A 52 -2.10 3.92 -12.98
N LEU A 53 -2.03 3.34 -14.19
CA LEU A 53 -0.78 2.77 -14.77
C LEU A 53 0.43 3.68 -14.66
N ASP A 54 0.24 4.94 -14.94
CA ASP A 54 1.35 5.92 -14.99
C ASP A 54 2.17 5.92 -13.69
N GLU A 55 1.51 6.03 -12.56
CA GLU A 55 2.22 6.05 -11.29
C GLU A 55 2.72 4.65 -10.92
N ILE A 56 1.93 3.63 -11.29
CA ILE A 56 2.30 2.23 -11.02
C ILE A 56 3.62 1.90 -11.73
N ARG A 57 3.76 2.46 -12.90
CA ARG A 57 4.94 2.30 -13.70
C ARG A 57 6.13 3.10 -13.14
N LYS A 58 5.86 4.33 -12.74
CA LYS A 58 6.89 5.21 -12.16
C LYS A 58 7.53 4.60 -10.94
N ASN A 59 6.72 4.15 -10.02
CA ASN A 59 7.21 3.61 -8.78
C ASN A 59 6.79 2.19 -8.62
N LYS A 60 7.13 1.41 -9.63
CA LYS A 60 6.79 0.00 -9.72
C LYS A 60 7.23 -0.78 -8.51
N GLU A 61 8.40 -0.45 -7.97
CA GLU A 61 8.94 -1.12 -6.82
C GLU A 61 8.01 -0.98 -5.62
N PHE A 62 7.54 0.23 -5.39
CA PHE A 62 6.64 0.53 -4.30
C PHE A 62 5.33 -0.22 -4.49
N TYR A 63 4.76 -0.08 -5.67
CA TYR A 63 3.47 -0.65 -5.96
C TYR A 63 3.48 -2.16 -6.06
N ASP A 64 4.60 -2.75 -6.45
CA ASP A 64 4.69 -4.20 -6.52
C ASP A 64 4.84 -4.78 -5.13
N MET A 65 5.69 -4.16 -4.32
CA MET A 65 5.87 -4.60 -2.94
C MET A 65 4.61 -4.47 -2.13
N ILE A 66 3.91 -3.34 -2.24
CA ILE A 66 2.68 -3.19 -1.47
C ILE A 66 1.63 -4.17 -1.93
N ALA A 67 1.58 -4.45 -3.23
CA ALA A 67 0.57 -5.35 -3.81
C ALA A 67 0.55 -6.70 -3.12
N GLU A 68 1.72 -7.28 -2.91
CA GLU A 68 1.78 -8.57 -2.27
C GLU A 68 1.56 -8.48 -0.75
N ILE A 69 2.06 -7.40 -0.14
CA ILE A 69 1.86 -7.17 1.30
C ILE A 69 0.38 -6.98 1.61
N LEU A 70 -0.28 -6.18 0.80
CA LEU A 70 -1.71 -5.90 0.93
C LEU A 70 -2.51 -7.19 1.00
N GLN A 71 -2.20 -8.12 0.12
CA GLN A 71 -2.91 -9.40 0.07
C GLN A 71 -2.61 -10.22 1.33
N ARG A 72 -1.34 -10.29 1.65
CA ARG A 72 -0.80 -11.04 2.75
C ARG A 72 -1.37 -10.57 4.08
N TYR A 73 -1.34 -9.29 4.31
CA TYR A 73 -1.77 -8.75 5.56
C TYR A 73 -3.24 -8.44 5.64
N TYR A 74 -3.94 -8.40 4.52
CA TYR A 74 -5.38 -8.23 4.59
C TYR A 74 -6.00 -9.49 5.20
N LYS A 75 -5.41 -10.63 4.90
CA LYS A 75 -5.84 -11.87 5.50
C LYS A 75 -5.36 -11.94 6.96
N LYS A 76 -4.14 -11.47 7.20
CA LYS A 76 -3.51 -11.58 8.51
C LYS A 76 -4.10 -10.58 9.53
N ILE A 77 -4.24 -9.31 9.15
CA ILE A 77 -4.77 -8.31 10.09
C ILE A 77 -6.01 -7.58 9.53
N GLY A 78 -6.09 -7.43 8.24
CA GLY A 78 -7.23 -6.77 7.64
C GLY A 78 -6.76 -5.63 6.76
N ILE A 79 -7.43 -5.42 5.63
CA ILE A 79 -7.00 -4.42 4.63
C ILE A 79 -6.99 -3.00 5.21
N GLU A 80 -7.99 -2.69 6.04
CA GLU A 80 -8.09 -1.37 6.69
C GLU A 80 -6.80 -1.02 7.42
N ASN A 81 -6.31 -2.00 8.14
CA ASN A 81 -5.11 -1.88 8.95
C ASN A 81 -3.91 -1.66 8.06
N VAL A 82 -3.83 -2.46 7.00
CA VAL A 82 -2.68 -2.40 6.10
C VAL A 82 -2.63 -1.07 5.40
N ASN A 83 -3.78 -0.62 4.91
CA ASN A 83 -3.90 0.68 4.22
C ASN A 83 -3.38 1.80 5.09
N GLN A 84 -3.77 1.76 6.36
CA GLN A 84 -3.37 2.77 7.32
C GLN A 84 -1.83 2.67 7.52
N LEU A 85 -1.34 1.45 7.66
CA LEU A 85 0.08 1.21 7.86
C LEU A 85 0.90 1.68 6.67
N ILE A 86 0.41 1.45 5.46
CA ILE A 86 1.08 1.90 4.23
C ILE A 86 1.18 3.43 4.22
N LEU A 87 0.12 4.10 4.64
CA LEU A 87 0.11 5.56 4.73
C LEU A 87 1.13 6.03 5.77
N THR A 88 1.23 5.29 6.83
CA THR A 88 2.18 5.56 7.89
C THR A 88 3.63 5.33 7.37
N THR A 89 3.78 4.36 6.48
CA THR A 89 5.06 3.98 5.86
C THR A 89 5.59 5.12 4.99
N ILE A 90 4.72 5.69 4.17
CA ILE A 90 5.13 6.76 3.25
C ILE A 90 5.35 8.09 3.95
N LYS A 91 4.90 8.18 5.19
CA LYS A 91 5.13 9.35 6.00
C LYS A 91 6.26 9.07 7.00
N LEU A 92 7.09 8.11 6.67
CA LEU A 92 8.17 7.70 7.53
C LEU A 92 9.34 7.26 6.65
N GLU A 93 10.50 7.09 7.25
CA GLU A 93 11.66 6.62 6.52
C GLU A 93 12.49 5.77 7.46
N HIS A 94 13.20 6.44 8.32
CA HIS A 94 14.13 5.82 9.21
C HIS A 94 14.21 6.67 10.45
N HIS A 95 13.26 6.47 11.32
CA HIS A 95 13.16 7.26 12.53
C HIS A 95 14.06 6.64 13.59
N HIS A 96 15.36 6.82 13.39
CA HIS A 96 16.39 6.28 14.27
C HIS A 96 16.37 7.05 15.58
N HIS A 97 16.05 8.32 15.47
CA HIS A 97 15.90 9.16 16.65
C HIS A 97 14.57 8.85 17.25
N HIS A 98 14.54 7.98 18.21
CA HIS A 98 13.32 7.60 18.85
C HIS A 98 13.49 7.48 20.33
N HIS A 99 12.50 7.93 21.04
CA HIS A 99 12.53 8.00 22.48
C HIS A 99 11.37 7.23 23.08
N MET A 1 -1.75 -3.17 13.63
CA MET A 1 -0.85 -4.18 14.19
C MET A 1 0.52 -4.07 13.56
N SER A 2 1.42 -4.94 13.93
CA SER A 2 2.77 -4.92 13.40
C SER A 2 2.78 -5.52 12.00
N ILE A 3 3.71 -5.06 11.23
CA ILE A 3 3.88 -5.48 9.86
C ILE A 3 5.40 -5.54 9.58
N LEU A 4 6.15 -5.61 10.67
CA LEU A 4 7.60 -5.59 10.60
C LEU A 4 8.16 -6.99 10.30
N GLU A 5 7.27 -7.91 10.06
CA GLU A 5 7.63 -9.28 9.78
C GLU A 5 8.05 -9.38 8.32
N ASP A 6 7.55 -8.46 7.53
CA ASP A 6 7.67 -8.53 6.10
C ASP A 6 8.99 -7.91 5.61
N PRO A 7 9.73 -8.61 4.74
CA PRO A 7 10.99 -8.11 4.17
C PRO A 7 10.78 -6.99 3.14
N GLU A 8 9.67 -7.03 2.44
CA GLU A 8 9.41 -6.02 1.45
C GLU A 8 8.99 -4.73 2.14
N PHE A 9 8.39 -4.88 3.31
CA PHE A 9 7.96 -3.74 4.11
C PHE A 9 9.15 -2.90 4.58
N VAL A 10 10.22 -3.57 5.00
CA VAL A 10 11.42 -2.86 5.43
C VAL A 10 12.03 -2.08 4.26
N LYS A 11 11.93 -2.64 3.04
CA LYS A 11 12.31 -1.88 1.84
C LYS A 11 11.49 -0.60 1.73
N LEU A 12 10.18 -0.72 1.97
CA LEU A 12 9.25 0.41 1.94
C LEU A 12 9.62 1.46 3.00
N ARG A 13 10.11 0.98 4.13
CA ARG A 13 10.55 1.84 5.24
C ARG A 13 11.72 2.72 4.79
N GLN A 14 12.57 2.16 3.96
CA GLN A 14 13.73 2.86 3.43
C GLN A 14 13.30 3.76 2.27
N PHE A 15 12.37 3.25 1.49
CA PHE A 15 11.78 3.97 0.36
C PHE A 15 11.13 5.25 0.86
N LYS A 16 10.32 5.08 1.90
CA LYS A 16 9.58 6.13 2.57
C LYS A 16 8.55 6.76 1.65
N GLY A 17 8.88 7.83 0.98
CA GLY A 17 7.91 8.50 0.18
C GLY A 17 8.50 9.06 -1.08
N LYS A 18 8.18 8.44 -2.19
CA LYS A 18 8.65 8.86 -3.51
C LYS A 18 7.47 8.78 -4.46
N VAL A 19 6.29 8.78 -3.87
CA VAL A 19 5.04 8.60 -4.59
C VAL A 19 4.10 9.72 -4.21
N ASN A 20 3.01 9.84 -4.93
CA ASN A 20 2.00 10.81 -4.55
C ASN A 20 1.08 10.20 -3.51
N PHE A 21 1.20 10.72 -2.29
CA PHE A 21 0.43 10.25 -1.13
C PHE A 21 -1.06 10.12 -1.41
N ASN A 22 -1.64 11.14 -2.01
CA ASN A 22 -3.07 11.18 -2.28
C ASN A 22 -3.48 10.11 -3.25
N LEU A 23 -2.61 9.78 -4.17
CA LEU A 23 -2.93 8.76 -5.11
C LEU A 23 -2.81 7.39 -4.47
N VAL A 24 -1.78 7.19 -3.65
CA VAL A 24 -1.58 5.92 -2.91
C VAL A 24 -2.78 5.68 -2.01
N MET A 25 -3.22 6.74 -1.36
CA MET A 25 -4.38 6.71 -0.50
C MET A 25 -5.57 6.23 -1.31
N GLN A 26 -5.70 6.76 -2.49
CA GLN A 26 -6.79 6.38 -3.37
C GLN A 26 -6.61 4.94 -3.86
N ILE A 27 -5.37 4.52 -4.13
CA ILE A 27 -5.07 3.14 -4.56
C ILE A 27 -5.59 2.15 -3.51
N LEU A 28 -5.19 2.41 -2.27
CA LEU A 28 -5.57 1.61 -1.13
C LEU A 28 -7.08 1.67 -0.90
N ASP A 29 -7.62 2.84 -1.06
CA ASP A 29 -9.06 3.09 -0.88
C ASP A 29 -9.88 2.37 -1.92
N GLU A 30 -9.46 2.51 -3.15
CA GLU A 30 -10.15 1.97 -4.31
C GLU A 30 -10.22 0.44 -4.23
N ILE A 31 -9.14 -0.20 -3.78
CA ILE A 31 -9.17 -1.65 -3.59
C ILE A 31 -10.01 -2.00 -2.38
N GLU A 32 -9.89 -1.20 -1.31
CA GLU A 32 -10.62 -1.40 -0.06
C GLU A 32 -12.13 -1.44 -0.29
N LEU A 33 -12.65 -0.41 -0.95
CA LEU A 33 -14.08 -0.32 -1.21
C LEU A 33 -14.58 -1.41 -2.16
N ASP A 34 -13.71 -1.87 -3.05
CA ASP A 34 -14.07 -2.96 -3.96
C ASP A 34 -14.05 -4.29 -3.21
N LEU A 35 -12.97 -4.53 -2.51
CA LEU A 35 -12.74 -5.74 -1.73
C LEU A 35 -13.78 -5.89 -0.62
N ARG A 36 -14.34 -4.76 -0.20
CA ARG A 36 -15.37 -4.68 0.83
C ARG A 36 -16.50 -5.70 0.58
N GLY A 37 -16.85 -5.88 -0.69
CA GLY A 37 -17.89 -6.82 -1.01
C GLY A 37 -18.03 -7.02 -2.49
N SER A 38 -16.98 -7.44 -3.14
CA SER A 38 -17.05 -7.70 -4.56
C SER A 38 -16.15 -8.85 -4.99
N ASP A 39 -14.86 -8.61 -5.14
CA ASP A 39 -13.99 -9.64 -5.70
C ASP A 39 -12.80 -9.89 -4.76
N ASN A 40 -11.77 -10.47 -5.30
CA ASN A 40 -10.54 -10.80 -4.61
C ASN A 40 -9.69 -9.55 -4.59
N ILE A 41 -8.91 -9.37 -3.54
CA ILE A 41 -8.06 -8.19 -3.41
C ILE A 41 -7.08 -8.08 -4.57
N LYS A 42 -6.55 -9.21 -5.02
CA LYS A 42 -5.62 -9.20 -6.14
C LYS A 42 -6.31 -8.76 -7.42
N THR A 43 -7.58 -9.08 -7.53
CA THR A 43 -8.37 -8.69 -8.65
C THR A 43 -8.65 -7.18 -8.56
N SER A 44 -8.97 -6.72 -7.34
CA SER A 44 -9.23 -5.32 -7.05
C SER A 44 -7.99 -4.48 -7.40
N ILE A 45 -6.80 -5.04 -7.08
CA ILE A 45 -5.51 -4.45 -7.42
C ILE A 45 -5.43 -4.12 -8.91
N ILE A 46 -5.85 -5.08 -9.74
CA ILE A 46 -5.78 -4.96 -11.19
C ILE A 46 -6.54 -3.73 -11.70
N TYR A 47 -7.78 -3.54 -11.22
CA TYR A 47 -8.64 -2.45 -11.68
C TYR A 47 -7.98 -1.11 -11.41
N VAL A 48 -7.42 -1.03 -10.23
CA VAL A 48 -6.82 0.17 -9.76
C VAL A 48 -5.52 0.44 -10.49
N TYR A 49 -4.68 -0.56 -10.58
CA TYR A 49 -3.40 -0.44 -11.24
C TYR A 49 -3.55 -0.12 -12.72
N SER A 50 -4.51 -0.75 -13.36
CA SER A 50 -4.76 -0.54 -14.78
C SER A 50 -5.29 0.89 -15.06
N SER A 51 -6.00 1.46 -14.12
CA SER A 51 -6.56 2.79 -14.30
C SER A 51 -5.54 3.87 -13.95
N HIS A 52 -4.62 3.55 -13.05
CA HIS A 52 -3.66 4.53 -12.55
C HIS A 52 -2.23 4.12 -12.94
N LEU A 53 -2.11 3.52 -14.14
CA LEU A 53 -0.84 2.94 -14.67
C LEU A 53 0.39 3.82 -14.53
N ASP A 54 0.23 5.11 -14.76
CA ASP A 54 1.38 6.04 -14.79
C ASP A 54 2.17 6.01 -13.49
N GLU A 55 1.49 6.16 -12.36
CA GLU A 55 2.16 6.16 -11.06
C GLU A 55 2.60 4.74 -10.72
N ILE A 56 1.82 3.77 -11.17
CA ILE A 56 2.09 2.37 -10.90
C ILE A 56 3.42 1.94 -11.52
N ARG A 57 3.65 2.33 -12.76
CA ARG A 57 4.88 1.96 -13.44
C ARG A 57 6.03 2.83 -12.95
N LYS A 58 5.70 4.05 -12.52
CA LYS A 58 6.67 5.03 -12.12
C LYS A 58 7.30 4.59 -10.81
N ASN A 59 6.53 3.91 -10.00
CA ASN A 59 7.03 3.31 -8.78
C ASN A 59 6.63 1.87 -8.74
N LYS A 60 7.00 1.13 -9.78
CA LYS A 60 6.63 -0.28 -9.91
C LYS A 60 7.23 -1.11 -8.80
N GLU A 61 8.32 -0.62 -8.25
CA GLU A 61 8.98 -1.26 -7.13
C GLU A 61 8.02 -1.23 -5.95
N PHE A 62 7.62 -0.01 -5.59
CA PHE A 62 6.72 0.27 -4.48
C PHE A 62 5.40 -0.44 -4.67
N TYR A 63 4.80 -0.26 -5.84
CA TYR A 63 3.52 -0.80 -6.13
C TYR A 63 3.48 -2.30 -6.23
N ASP A 64 4.60 -2.93 -6.57
CA ASP A 64 4.62 -4.39 -6.59
C ASP A 64 4.71 -4.92 -5.18
N MET A 65 5.62 -4.33 -4.41
CA MET A 65 5.82 -4.70 -3.02
C MET A 65 4.57 -4.54 -2.21
N ILE A 66 3.94 -3.36 -2.30
CA ILE A 66 2.73 -3.14 -1.52
C ILE A 66 1.61 -4.07 -1.91
N ALA A 67 1.43 -4.30 -3.23
CA ALA A 67 0.35 -5.18 -3.71
C ALA A 67 0.45 -6.56 -3.10
N GLU A 68 1.67 -7.03 -2.98
CA GLU A 68 1.97 -8.31 -2.41
C GLU A 68 1.66 -8.30 -0.90
N ILE A 69 2.21 -7.31 -0.21
CA ILE A 69 2.05 -7.13 1.23
C ILE A 69 0.56 -6.94 1.60
N LEU A 70 -0.13 -6.12 0.82
CA LEU A 70 -1.56 -5.85 1.02
C LEU A 70 -2.36 -7.11 1.12
N GLN A 71 -2.12 -8.04 0.21
CA GLN A 71 -2.86 -9.29 0.19
C GLN A 71 -2.50 -10.15 1.41
N ARG A 72 -1.21 -10.21 1.70
CA ARG A 72 -0.68 -10.98 2.77
C ARG A 72 -1.22 -10.51 4.14
N TYR A 73 -1.20 -9.23 4.37
CA TYR A 73 -1.64 -8.69 5.63
C TYR A 73 -3.13 -8.45 5.71
N TYR A 74 -3.81 -8.44 4.57
CA TYR A 74 -5.26 -8.32 4.58
C TYR A 74 -5.85 -9.58 5.19
N LYS A 75 -5.18 -10.68 4.95
CA LYS A 75 -5.57 -11.96 5.48
C LYS A 75 -5.28 -12.04 6.97
N LYS A 76 -4.19 -11.41 7.39
CA LYS A 76 -3.79 -11.49 8.78
C LYS A 76 -4.47 -10.46 9.68
N ILE A 77 -4.44 -9.21 9.29
CA ILE A 77 -4.97 -8.15 10.16
C ILE A 77 -6.14 -7.40 9.53
N GLY A 78 -6.15 -7.35 8.22
CA GLY A 78 -7.22 -6.67 7.53
C GLY A 78 -6.69 -5.62 6.61
N ILE A 79 -7.33 -5.46 5.46
CA ILE A 79 -6.87 -4.50 4.43
C ILE A 79 -6.88 -3.07 4.97
N GLU A 80 -7.87 -2.76 5.78
CA GLU A 80 -8.03 -1.43 6.33
C GLU A 80 -6.89 -1.07 7.25
N ASN A 81 -6.41 -2.06 7.96
CA ASN A 81 -5.29 -1.87 8.88
C ASN A 81 -4.04 -1.57 8.07
N VAL A 82 -3.85 -2.36 7.01
CA VAL A 82 -2.67 -2.27 6.15
C VAL A 82 -2.68 -0.95 5.39
N ASN A 83 -3.87 -0.53 4.96
CA ASN A 83 -4.09 0.75 4.25
C ASN A 83 -3.43 1.88 5.04
N GLN A 84 -3.75 1.91 6.31
CA GLN A 84 -3.24 2.92 7.22
C GLN A 84 -1.72 2.73 7.40
N LEU A 85 -1.29 1.48 7.52
CA LEU A 85 0.13 1.18 7.72
C LEU A 85 0.98 1.66 6.56
N ILE A 86 0.50 1.48 5.34
CA ILE A 86 1.20 1.95 4.15
C ILE A 86 1.28 3.48 4.17
N LEU A 87 0.15 4.12 4.51
CA LEU A 87 0.10 5.58 4.59
C LEU A 87 1.05 6.11 5.65
N THR A 88 1.21 5.34 6.71
CA THR A 88 2.12 5.69 7.76
C THR A 88 3.57 5.63 7.25
N THR A 89 3.88 4.56 6.54
CA THR A 89 5.23 4.28 6.05
C THR A 89 5.71 5.35 5.04
N ILE A 90 4.78 5.84 4.23
CA ILE A 90 5.13 6.85 3.21
C ILE A 90 5.19 8.27 3.76
N LYS A 91 4.58 8.50 4.91
CA LYS A 91 4.60 9.83 5.50
C LYS A 91 5.56 9.92 6.68
N LEU A 92 5.30 9.09 7.70
CA LEU A 92 6.05 9.11 8.98
C LEU A 92 5.85 10.43 9.72
N GLU A 93 4.78 11.12 9.37
CA GLU A 93 4.42 12.41 9.96
C GLU A 93 4.09 12.21 11.44
N HIS A 94 3.15 11.35 11.75
CA HIS A 94 2.83 11.06 13.13
C HIS A 94 2.71 9.57 13.32
N HIS A 95 3.14 9.10 14.45
CA HIS A 95 3.05 7.70 14.78
C HIS A 95 1.70 7.39 15.38
N HIS A 96 1.06 6.37 14.88
CA HIS A 96 -0.30 5.99 15.27
C HIS A 96 -0.36 5.21 16.59
N HIS A 97 0.16 5.80 17.65
CA HIS A 97 0.09 5.14 18.94
C HIS A 97 0.25 6.15 20.05
N HIS A 98 1.39 6.84 20.07
CA HIS A 98 1.64 7.87 21.07
C HIS A 98 0.91 9.14 20.76
N HIS A 99 -0.32 9.15 21.15
CA HIS A 99 -1.23 10.23 21.02
C HIS A 99 -2.40 9.86 21.91
N MET A 1 0.49 -2.89 16.50
CA MET A 1 0.86 -3.14 15.11
C MET A 1 1.86 -4.28 15.05
N SER A 2 1.70 -5.15 14.08
CA SER A 2 2.61 -6.24 13.85
C SER A 2 2.86 -6.31 12.35
N ILE A 3 3.75 -5.48 11.88
CA ILE A 3 4.00 -5.36 10.45
C ILE A 3 5.51 -5.38 10.14
N LEU A 4 6.34 -5.09 11.15
CA LEU A 4 7.80 -5.05 10.95
C LEU A 4 8.42 -6.45 10.89
N GLU A 5 7.57 -7.45 10.74
CA GLU A 5 7.98 -8.83 10.65
C GLU A 5 8.33 -9.18 9.20
N ASP A 6 8.09 -8.24 8.31
CA ASP A 6 8.32 -8.46 6.90
C ASP A 6 9.45 -7.58 6.33
N PRO A 7 10.40 -8.20 5.59
CA PRO A 7 11.50 -7.48 4.93
C PRO A 7 11.05 -6.63 3.71
N GLU A 8 9.95 -6.98 3.10
CA GLU A 8 9.49 -6.25 1.91
C GLU A 8 9.01 -4.86 2.37
N PHE A 9 8.35 -4.86 3.51
CA PHE A 9 7.87 -3.65 4.16
C PHE A 9 9.03 -2.69 4.49
N VAL A 10 10.17 -3.23 4.92
CA VAL A 10 11.30 -2.36 5.23
C VAL A 10 11.87 -1.74 3.95
N LYS A 11 11.82 -2.49 2.85
CA LYS A 11 12.23 -1.99 1.53
C LYS A 11 11.35 -0.80 1.13
N LEU A 12 10.07 -0.87 1.50
CA LEU A 12 9.13 0.22 1.25
C LEU A 12 9.53 1.47 2.03
N ARG A 13 9.94 1.26 3.28
CA ARG A 13 10.42 2.35 4.14
C ARG A 13 11.68 2.99 3.56
N GLN A 14 12.47 2.19 2.87
CA GLN A 14 13.69 2.67 2.22
C GLN A 14 13.37 3.37 0.91
N PHE A 15 12.24 3.01 0.30
CA PHE A 15 11.81 3.61 -0.93
C PHE A 15 11.39 5.05 -0.64
N LYS A 16 10.67 5.22 0.47
CA LYS A 16 10.22 6.52 0.99
C LYS A 16 9.06 7.10 0.18
N GLY A 17 8.66 8.31 0.50
CA GLY A 17 7.53 8.94 -0.13
C GLY A 17 7.82 9.51 -1.50
N LYS A 18 8.26 8.66 -2.41
CA LYS A 18 8.48 9.05 -3.80
C LYS A 18 7.17 9.00 -4.55
N VAL A 19 6.23 8.37 -3.93
CA VAL A 19 4.90 8.16 -4.46
C VAL A 19 4.02 9.33 -4.04
N ASN A 20 2.89 9.49 -4.67
CA ASN A 20 1.98 10.54 -4.27
C ASN A 20 1.10 10.00 -3.19
N PHE A 21 1.20 10.54 -1.99
CA PHE A 21 0.41 10.11 -0.84
C PHE A 21 -1.07 10.06 -1.15
N ASN A 22 -1.52 11.03 -1.91
CA ASN A 22 -2.94 11.21 -2.17
C ASN A 22 -3.41 10.14 -3.09
N LEU A 23 -2.57 9.78 -4.02
CA LEU A 23 -2.91 8.77 -4.95
C LEU A 23 -2.82 7.41 -4.30
N VAL A 24 -1.80 7.19 -3.45
CA VAL A 24 -1.68 5.94 -2.67
C VAL A 24 -2.92 5.74 -1.83
N MET A 25 -3.32 6.81 -1.15
CA MET A 25 -4.52 6.81 -0.32
C MET A 25 -5.74 6.44 -1.16
N GLN A 26 -5.79 6.95 -2.38
CA GLN A 26 -6.85 6.61 -3.32
C GLN A 26 -6.73 5.15 -3.79
N ILE A 27 -5.49 4.68 -4.06
CA ILE A 27 -5.23 3.28 -4.48
C ILE A 27 -5.78 2.34 -3.42
N LEU A 28 -5.37 2.60 -2.19
CA LEU A 28 -5.75 1.81 -1.03
C LEU A 28 -7.26 1.87 -0.82
N ASP A 29 -7.82 3.03 -1.06
CA ASP A 29 -9.26 3.26 -0.91
C ASP A 29 -10.02 2.50 -1.98
N GLU A 30 -9.54 2.61 -3.20
CA GLU A 30 -10.15 2.03 -4.38
C GLU A 30 -10.18 0.50 -4.26
N ILE A 31 -9.08 -0.09 -3.79
CA ILE A 31 -9.05 -1.53 -3.58
C ILE A 31 -9.92 -1.91 -2.40
N GLU A 32 -9.89 -1.09 -1.34
CA GLU A 32 -10.64 -1.34 -0.12
C GLU A 32 -12.14 -1.42 -0.39
N LEU A 33 -12.67 -0.40 -1.06
CA LEU A 33 -14.09 -0.34 -1.37
C LEU A 33 -14.55 -1.56 -2.20
N ASP A 34 -13.68 -2.00 -3.09
CA ASP A 34 -14.00 -3.16 -3.93
C ASP A 34 -13.89 -4.43 -3.11
N LEU A 35 -12.83 -4.54 -2.36
CA LEU A 35 -12.52 -5.70 -1.55
C LEU A 35 -13.53 -5.91 -0.41
N ARG A 36 -14.19 -4.87 0.01
CA ARG A 36 -15.20 -5.02 1.05
C ARG A 36 -16.43 -5.79 0.55
N GLY A 37 -16.47 -6.06 -0.74
CA GLY A 37 -17.52 -6.87 -1.31
C GLY A 37 -16.95 -8.03 -2.13
N SER A 38 -15.72 -8.41 -1.84
CA SER A 38 -15.04 -9.43 -2.61
C SER A 38 -13.91 -10.03 -1.76
N ASP A 39 -13.24 -11.04 -2.26
CA ASP A 39 -12.04 -11.59 -1.59
C ASP A 39 -10.87 -11.50 -2.54
N ASN A 40 -11.18 -11.21 -3.80
CA ASN A 40 -10.18 -11.14 -4.85
C ASN A 40 -9.48 -9.80 -4.83
N ILE A 41 -8.73 -9.57 -3.78
CA ILE A 41 -8.00 -8.33 -3.60
C ILE A 41 -7.00 -8.12 -4.72
N LYS A 42 -6.46 -9.20 -5.27
CA LYS A 42 -5.50 -9.05 -6.35
C LYS A 42 -6.18 -8.51 -7.59
N THR A 43 -7.43 -8.90 -7.78
CA THR A 43 -8.19 -8.44 -8.90
C THR A 43 -8.57 -6.97 -8.68
N SER A 44 -8.81 -6.60 -7.42
CA SER A 44 -9.04 -5.22 -7.05
C SER A 44 -7.78 -4.42 -7.40
N ILE A 45 -6.61 -4.99 -7.04
CA ILE A 45 -5.31 -4.45 -7.39
C ILE A 45 -5.23 -4.22 -8.90
N ILE A 46 -5.64 -5.23 -9.67
CA ILE A 46 -5.63 -5.17 -11.13
C ILE A 46 -6.43 -3.96 -11.64
N TYR A 47 -7.67 -3.78 -11.15
CA TYR A 47 -8.55 -2.68 -11.62
C TYR A 47 -7.88 -1.33 -11.38
N VAL A 48 -7.34 -1.20 -10.21
CA VAL A 48 -6.76 0.02 -9.73
C VAL A 48 -5.44 0.32 -10.43
N TYR A 49 -4.57 -0.65 -10.46
CA TYR A 49 -3.26 -0.50 -11.09
C TYR A 49 -3.38 -0.21 -12.57
N SER A 50 -4.35 -0.83 -13.21
CA SER A 50 -4.55 -0.64 -14.64
C SER A 50 -5.15 0.75 -14.96
N SER A 51 -5.79 1.36 -13.98
CA SER A 51 -6.39 2.66 -14.16
C SER A 51 -5.37 3.75 -13.77
N HIS A 52 -4.44 3.41 -12.91
CA HIS A 52 -3.48 4.39 -12.38
C HIS A 52 -2.05 3.98 -12.76
N LEU A 53 -1.91 3.42 -13.98
CA LEU A 53 -0.65 2.86 -14.52
C LEU A 53 0.56 3.77 -14.39
N ASP A 54 0.38 5.05 -14.69
CA ASP A 54 1.50 6.02 -14.69
C ASP A 54 2.22 6.07 -13.35
N GLU A 55 1.45 6.11 -12.28
CA GLU A 55 1.97 6.11 -10.92
C GLU A 55 2.63 4.75 -10.62
N ILE A 56 1.93 3.70 -11.01
CA ILE A 56 2.36 2.32 -10.75
C ILE A 56 3.72 2.04 -11.38
N ARG A 57 3.89 2.43 -12.64
CA ARG A 57 5.14 2.19 -13.37
C ARG A 57 6.26 3.11 -12.85
N LYS A 58 5.88 4.23 -12.28
CA LYS A 58 6.83 5.20 -11.80
C LYS A 58 7.50 4.67 -10.54
N ASN A 59 6.70 4.17 -9.65
CA ASN A 59 7.19 3.70 -8.40
C ASN A 59 6.92 2.21 -8.29
N LYS A 60 7.24 1.51 -9.38
CA LYS A 60 6.95 0.08 -9.59
C LYS A 60 7.37 -0.83 -8.42
N GLU A 61 8.46 -0.50 -7.76
CA GLU A 61 8.98 -1.26 -6.66
C GLU A 61 8.03 -1.20 -5.48
N PHE A 62 7.63 0.02 -5.16
CA PHE A 62 6.72 0.27 -4.06
C PHE A 62 5.38 -0.38 -4.33
N TYR A 63 4.84 -0.11 -5.50
CA TYR A 63 3.54 -0.59 -5.87
C TYR A 63 3.44 -2.08 -6.00
N ASP A 64 4.54 -2.74 -6.31
CA ASP A 64 4.51 -4.20 -6.36
C ASP A 64 4.57 -4.80 -4.97
N MET A 65 5.49 -4.30 -4.17
CA MET A 65 5.66 -4.83 -2.83
C MET A 65 4.46 -4.56 -1.96
N ILE A 66 3.82 -3.41 -2.13
CA ILE A 66 2.61 -3.15 -1.37
C ILE A 66 1.52 -4.09 -1.81
N ALA A 67 1.42 -4.36 -3.12
CA ALA A 67 0.40 -5.26 -3.66
C ALA A 67 0.49 -6.62 -2.99
N GLU A 68 1.71 -7.09 -2.82
CA GLU A 68 2.00 -8.33 -2.13
C GLU A 68 1.52 -8.24 -0.67
N ILE A 69 2.03 -7.24 0.03
CA ILE A 69 1.76 -7.03 1.46
C ILE A 69 0.27 -6.80 1.74
N LEU A 70 -0.40 -6.04 0.89
CA LEU A 70 -1.83 -5.75 1.02
C LEU A 70 -2.66 -7.00 1.11
N GLN A 71 -2.45 -7.94 0.19
CA GLN A 71 -3.23 -9.18 0.14
C GLN A 71 -2.88 -10.04 1.35
N ARG A 72 -1.60 -10.20 1.49
CA ARG A 72 -0.94 -11.01 2.49
C ARG A 72 -1.38 -10.62 3.92
N TYR A 73 -1.37 -9.35 4.20
CA TYR A 73 -1.73 -8.88 5.51
C TYR A 73 -3.21 -8.60 5.68
N TYR A 74 -3.96 -8.50 4.58
CA TYR A 74 -5.38 -8.36 4.69
C TYR A 74 -5.97 -9.65 5.24
N LYS A 75 -5.33 -10.75 4.88
CA LYS A 75 -5.71 -12.06 5.37
C LYS A 75 -5.39 -12.18 6.87
N LYS A 76 -4.38 -11.45 7.34
CA LYS A 76 -3.94 -11.52 8.73
C LYS A 76 -4.66 -10.50 9.63
N ILE A 77 -4.63 -9.25 9.23
CA ILE A 77 -5.14 -8.18 10.09
C ILE A 77 -6.30 -7.42 9.46
N GLY A 78 -6.34 -7.37 8.16
CA GLY A 78 -7.43 -6.71 7.48
C GLY A 78 -6.92 -5.60 6.62
N ILE A 79 -7.55 -5.39 5.48
CA ILE A 79 -7.09 -4.42 4.49
C ILE A 79 -7.09 -2.99 5.06
N GLU A 80 -8.10 -2.68 5.85
CA GLU A 80 -8.29 -1.36 6.47
C GLU A 80 -7.05 -0.99 7.28
N ASN A 81 -6.59 -1.97 8.01
CA ASN A 81 -5.43 -1.85 8.86
C ASN A 81 -4.17 -1.68 8.05
N VAL A 82 -4.04 -2.47 6.98
CA VAL A 82 -2.85 -2.43 6.14
C VAL A 82 -2.79 -1.10 5.39
N ASN A 83 -3.93 -0.63 4.92
CA ASN A 83 -4.02 0.65 4.19
C ASN A 83 -3.44 1.78 5.03
N GLN A 84 -3.81 1.80 6.30
CA GLN A 84 -3.34 2.81 7.23
C GLN A 84 -1.81 2.62 7.40
N LEU A 85 -1.37 1.38 7.50
CA LEU A 85 0.05 1.07 7.66
C LEU A 85 0.87 1.54 6.47
N ILE A 86 0.34 1.33 5.26
CA ILE A 86 1.02 1.76 4.03
C ILE A 86 1.14 3.28 4.00
N LEU A 87 0.10 3.97 4.45
CA LEU A 87 0.14 5.43 4.55
C LEU A 87 1.21 5.87 5.52
N THR A 88 1.33 5.13 6.61
CA THR A 88 2.32 5.38 7.62
C THR A 88 3.74 5.12 7.06
N THR A 89 3.83 4.14 6.16
CA THR A 89 5.07 3.71 5.54
C THR A 89 5.70 4.85 4.76
N ILE A 90 4.89 5.58 4.03
CA ILE A 90 5.39 6.67 3.20
C ILE A 90 5.50 7.97 3.98
N LYS A 91 4.86 8.05 5.12
CA LYS A 91 4.93 9.24 5.91
C LYS A 91 6.09 9.24 6.86
N LEU A 92 7.28 9.48 6.33
CA LEU A 92 8.43 9.71 7.17
C LEU A 92 8.32 11.15 7.58
N GLU A 93 7.62 11.37 8.65
CA GLU A 93 7.24 12.68 9.05
C GLU A 93 7.40 12.80 10.55
N HIS A 94 7.46 14.04 11.05
CA HIS A 94 7.67 14.35 12.45
C HIS A 94 9.05 13.92 12.89
N HIS A 95 10.04 14.23 12.04
CA HIS A 95 11.46 13.94 12.35
C HIS A 95 11.86 14.81 13.50
N HIS A 96 11.25 15.96 13.55
CA HIS A 96 11.29 16.83 14.67
C HIS A 96 10.21 16.31 15.56
N HIS A 97 10.58 15.59 16.60
CA HIS A 97 9.63 14.91 17.46
C HIS A 97 8.80 15.87 18.25
N HIS A 98 7.76 16.28 17.64
CA HIS A 98 6.79 17.13 18.19
C HIS A 98 5.45 16.48 18.00
N HIS A 99 4.83 16.20 19.10
CA HIS A 99 3.53 15.61 19.16
C HIS A 99 2.94 15.96 20.49
N MET A 1 5.35 -0.73 15.98
CA MET A 1 5.46 -1.37 14.68
C MET A 1 5.71 -2.86 14.83
N SER A 2 4.67 -3.65 14.66
CA SER A 2 4.77 -5.10 14.72
C SER A 2 4.89 -5.68 13.30
N ILE A 3 4.60 -4.86 12.31
CA ILE A 3 4.62 -5.29 10.91
C ILE A 3 6.04 -5.15 10.30
N LEU A 4 7.04 -4.94 11.15
CA LEU A 4 8.42 -4.83 10.68
C LEU A 4 8.98 -6.21 10.32
N GLU A 5 8.18 -7.22 10.57
CA GLU A 5 8.51 -8.59 10.24
C GLU A 5 8.39 -8.84 8.74
N ASP A 6 7.86 -7.88 8.01
CA ASP A 6 7.73 -8.02 6.59
C ASP A 6 8.94 -7.39 5.90
N PRO A 7 9.69 -8.19 5.13
CA PRO A 7 10.89 -7.72 4.44
C PRO A 7 10.59 -6.65 3.39
N GLU A 8 9.43 -6.71 2.80
CA GLU A 8 9.06 -5.76 1.77
C GLU A 8 8.71 -4.43 2.43
N PHE A 9 7.98 -4.53 3.53
CA PHE A 9 7.58 -3.38 4.35
C PHE A 9 8.80 -2.58 4.80
N VAL A 10 9.81 -3.29 5.31
CA VAL A 10 11.01 -2.62 5.78
C VAL A 10 11.73 -1.91 4.61
N LYS A 11 11.68 -2.51 3.41
CA LYS A 11 12.26 -1.87 2.22
C LYS A 11 11.52 -0.57 1.94
N LEU A 12 10.19 -0.62 2.02
CA LEU A 12 9.34 0.54 1.76
C LEU A 12 9.68 1.70 2.69
N ARG A 13 9.91 1.39 3.97
CA ARG A 13 10.26 2.42 4.99
C ARG A 13 11.55 3.14 4.60
N GLN A 14 12.48 2.40 4.04
CA GLN A 14 13.76 2.94 3.63
C GLN A 14 13.65 3.68 2.29
N PHE A 15 12.88 3.10 1.40
CA PHE A 15 12.73 3.56 0.02
C PHE A 15 11.88 4.82 -0.08
N LYS A 16 10.65 4.77 0.48
CA LYS A 16 9.62 5.81 0.33
C LYS A 16 9.14 5.84 -1.13
N GLY A 17 7.85 5.69 -1.33
CA GLY A 17 7.27 5.46 -2.67
C GLY A 17 7.44 6.54 -3.71
N LYS A 18 7.94 7.73 -3.32
CA LYS A 18 8.23 8.84 -4.26
C LYS A 18 6.94 9.39 -4.92
N VAL A 19 5.83 8.91 -4.45
CA VAL A 19 4.52 9.27 -4.94
C VAL A 19 3.78 10.09 -3.91
N ASN A 20 2.69 10.65 -4.33
CA ASN A 20 1.84 11.47 -3.48
C ASN A 20 1.21 10.60 -2.43
N PHE A 21 1.26 11.05 -1.20
CA PHE A 21 0.66 10.37 -0.07
C PHE A 21 -0.84 10.15 -0.31
N ASN A 22 -1.46 11.15 -0.88
CA ASN A 22 -2.91 11.14 -1.09
C ASN A 22 -3.24 10.16 -2.20
N LEU A 23 -2.31 9.98 -3.12
CA LEU A 23 -2.48 9.06 -4.21
C LEU A 23 -2.43 7.65 -3.69
N VAL A 24 -1.47 7.36 -2.83
CA VAL A 24 -1.36 6.03 -2.22
C VAL A 24 -2.61 5.76 -1.40
N MET A 25 -3.08 6.79 -0.69
CA MET A 25 -4.32 6.72 0.06
C MET A 25 -5.47 6.36 -0.88
N GLN A 26 -5.48 6.95 -2.06
CA GLN A 26 -6.50 6.66 -3.05
C GLN A 26 -6.36 5.22 -3.56
N ILE A 27 -5.13 4.78 -3.82
CA ILE A 27 -4.87 3.40 -4.29
C ILE A 27 -5.44 2.40 -3.28
N LEU A 28 -5.09 2.61 -2.03
CA LEU A 28 -5.52 1.78 -0.94
C LEU A 28 -7.04 1.84 -0.77
N ASP A 29 -7.57 3.04 -0.89
CA ASP A 29 -9.01 3.31 -0.78
C ASP A 29 -9.77 2.60 -1.88
N GLU A 30 -9.24 2.73 -3.08
CA GLU A 30 -9.83 2.19 -4.30
C GLU A 30 -9.87 0.66 -4.25
N ILE A 31 -8.76 0.02 -3.87
CA ILE A 31 -8.74 -1.44 -3.77
C ILE A 31 -9.67 -1.89 -2.64
N GLU A 32 -9.63 -1.15 -1.53
CA GLU A 32 -10.43 -1.44 -0.36
C GLU A 32 -11.92 -1.41 -0.68
N LEU A 33 -12.36 -0.38 -1.38
CA LEU A 33 -13.76 -0.21 -1.69
C LEU A 33 -14.32 -1.38 -2.49
N ASP A 34 -13.51 -1.90 -3.40
CA ASP A 34 -13.93 -3.06 -4.18
C ASP A 34 -13.84 -4.31 -3.34
N LEU A 35 -12.68 -4.50 -2.72
CA LEU A 35 -12.34 -5.70 -1.94
C LEU A 35 -13.30 -5.95 -0.79
N ARG A 36 -13.84 -4.92 -0.22
CA ARG A 36 -14.74 -5.08 0.88
C ARG A 36 -16.11 -5.60 0.41
N GLY A 37 -16.31 -5.56 -0.90
CA GLY A 37 -17.52 -6.10 -1.49
C GLY A 37 -17.22 -7.41 -2.21
N SER A 38 -16.04 -7.50 -2.78
CA SER A 38 -15.60 -8.68 -3.48
C SER A 38 -14.77 -9.57 -2.51
N ASP A 39 -13.82 -10.35 -3.04
CA ASP A 39 -12.98 -11.18 -2.16
C ASP A 39 -11.54 -11.24 -2.66
N ASN A 40 -11.38 -11.34 -3.96
CA ASN A 40 -10.07 -11.43 -4.54
C ASN A 40 -9.43 -10.08 -4.68
N ILE A 41 -8.64 -9.73 -3.69
CA ILE A 41 -7.93 -8.44 -3.64
C ILE A 41 -7.02 -8.28 -4.85
N LYS A 42 -6.52 -9.39 -5.36
CA LYS A 42 -5.64 -9.36 -6.51
C LYS A 42 -6.37 -8.83 -7.75
N THR A 43 -7.65 -9.13 -7.85
CA THR A 43 -8.44 -8.66 -8.94
C THR A 43 -8.79 -7.17 -8.71
N SER A 44 -8.96 -6.80 -7.45
CA SER A 44 -9.20 -5.42 -7.06
C SER A 44 -7.96 -4.59 -7.44
N ILE A 45 -6.77 -5.18 -7.20
CA ILE A 45 -5.48 -4.60 -7.59
C ILE A 45 -5.50 -4.29 -9.09
N ILE A 46 -5.94 -5.29 -9.86
CA ILE A 46 -5.98 -5.19 -11.32
C ILE A 46 -6.75 -3.97 -11.80
N TYR A 47 -7.96 -3.74 -11.26
CA TYR A 47 -8.79 -2.60 -11.71
C TYR A 47 -8.03 -1.30 -11.49
N VAL A 48 -7.57 -1.12 -10.26
CA VAL A 48 -6.90 0.07 -9.82
C VAL A 48 -5.61 0.30 -10.59
N TYR A 49 -4.79 -0.73 -10.69
CA TYR A 49 -3.50 -0.62 -11.36
C TYR A 49 -3.68 -0.36 -12.85
N SER A 50 -4.72 -0.92 -13.44
CA SER A 50 -4.98 -0.73 -14.85
C SER A 50 -5.55 0.67 -15.14
N SER A 51 -6.14 1.29 -14.14
CA SER A 51 -6.70 2.62 -14.30
C SER A 51 -5.64 3.67 -13.89
N HIS A 52 -4.56 3.19 -13.31
CA HIS A 52 -3.48 4.05 -12.85
C HIS A 52 -2.16 3.58 -13.46
N LEU A 53 -2.21 3.01 -14.68
CA LEU A 53 -1.05 2.34 -15.32
C LEU A 53 0.25 3.09 -15.31
N ASP A 54 0.26 4.30 -15.85
CA ASP A 54 1.51 5.06 -15.97
C ASP A 54 2.08 5.35 -14.61
N GLU A 55 1.20 5.75 -13.70
CA GLU A 55 1.51 5.98 -12.32
C GLU A 55 2.17 4.75 -11.71
N ILE A 56 1.52 3.60 -11.90
CA ILE A 56 2.02 2.32 -11.44
C ILE A 56 3.40 2.03 -12.05
N ARG A 57 3.54 2.29 -13.35
CA ARG A 57 4.84 2.08 -14.02
C ARG A 57 5.92 3.03 -13.49
N LYS A 58 5.53 4.25 -13.10
CA LYS A 58 6.47 5.23 -12.55
C LYS A 58 7.18 4.65 -11.34
N ASN A 59 6.40 4.07 -10.45
CA ASN A 59 6.93 3.50 -9.23
C ASN A 59 6.49 2.08 -9.07
N LYS A 60 6.96 1.25 -9.98
CA LYS A 60 6.59 -0.14 -10.02
C LYS A 60 7.07 -0.91 -8.83
N GLU A 61 8.24 -0.55 -8.30
CA GLU A 61 8.77 -1.24 -7.16
C GLU A 61 7.89 -1.04 -5.96
N PHE A 62 7.49 0.21 -5.73
CA PHE A 62 6.63 0.55 -4.61
C PHE A 62 5.27 -0.13 -4.74
N TYR A 63 4.64 0.03 -5.90
CA TYR A 63 3.31 -0.50 -6.11
C TYR A 63 3.28 -2.02 -6.13
N ASP A 64 4.34 -2.64 -6.58
CA ASP A 64 4.38 -4.09 -6.60
C ASP A 64 4.66 -4.66 -5.22
N MET A 65 5.57 -4.02 -4.47
CA MET A 65 5.86 -4.46 -3.12
C MET A 65 4.66 -4.33 -2.22
N ILE A 66 3.94 -3.21 -2.32
CA ILE A 66 2.74 -3.06 -1.50
C ILE A 66 1.69 -4.09 -1.86
N ALA A 67 1.54 -4.40 -3.16
CA ALA A 67 0.54 -5.39 -3.63
C ALA A 67 0.76 -6.75 -2.97
N GLU A 68 2.01 -7.07 -2.73
CA GLU A 68 2.39 -8.32 -2.07
C GLU A 68 1.92 -8.26 -0.59
N ILE A 69 2.36 -7.21 0.08
CA ILE A 69 2.08 -6.97 1.51
C ILE A 69 0.56 -6.87 1.77
N LEU A 70 -0.12 -6.13 0.90
CA LEU A 70 -1.57 -5.93 1.00
C LEU A 70 -2.31 -7.23 1.09
N GLN A 71 -2.04 -8.14 0.17
CA GLN A 71 -2.73 -9.43 0.13
C GLN A 71 -2.38 -10.26 1.37
N ARG A 72 -1.10 -10.25 1.71
CA ARG A 72 -0.54 -10.98 2.79
C ARG A 72 -1.16 -10.57 4.14
N TYR A 73 -1.24 -9.30 4.40
CA TYR A 73 -1.75 -8.84 5.66
C TYR A 73 -3.25 -8.56 5.67
N TYR A 74 -3.89 -8.47 4.50
CA TYR A 74 -5.35 -8.27 4.46
C TYR A 74 -6.04 -9.51 5.01
N LYS A 75 -5.42 -10.68 4.80
CA LYS A 75 -5.94 -11.92 5.37
C LYS A 75 -5.71 -11.98 6.87
N LYS A 76 -4.72 -11.27 7.35
CA LYS A 76 -4.35 -11.41 8.74
C LYS A 76 -4.95 -10.33 9.63
N ILE A 77 -4.77 -9.08 9.28
CA ILE A 77 -5.25 -8.02 10.14
C ILE A 77 -6.43 -7.27 9.55
N GLY A 78 -6.49 -7.22 8.25
CA GLY A 78 -7.59 -6.54 7.59
C GLY A 78 -7.06 -5.48 6.68
N ILE A 79 -7.75 -5.24 5.58
CA ILE A 79 -7.29 -4.27 4.58
C ILE A 79 -7.22 -2.84 5.15
N GLU A 80 -8.17 -2.51 6.02
CA GLU A 80 -8.25 -1.16 6.64
C GLU A 80 -6.98 -0.87 7.42
N ASN A 81 -6.57 -1.87 8.15
CA ASN A 81 -5.38 -1.79 8.97
C ASN A 81 -4.14 -1.63 8.13
N VAL A 82 -4.06 -2.43 7.06
CA VAL A 82 -2.91 -2.36 6.17
C VAL A 82 -2.89 -1.01 5.44
N ASN A 83 -4.08 -0.54 5.07
CA ASN A 83 -4.28 0.76 4.40
C ASN A 83 -3.61 1.87 5.23
N GLN A 84 -3.90 1.88 6.52
CA GLN A 84 -3.36 2.87 7.43
C GLN A 84 -1.83 2.67 7.56
N LEU A 85 -1.43 1.42 7.71
CA LEU A 85 -0.01 1.10 7.87
C LEU A 85 0.82 1.52 6.67
N ILE A 86 0.34 1.27 5.46
CA ILE A 86 1.06 1.66 4.24
C ILE A 86 1.19 3.18 4.16
N LEU A 87 0.16 3.89 4.59
CA LEU A 87 0.19 5.34 4.63
C LEU A 87 1.27 5.82 5.59
N THR A 88 1.31 5.19 6.73
CA THR A 88 2.28 5.48 7.75
C THR A 88 3.71 5.14 7.23
N THR A 89 3.78 4.10 6.40
CA THR A 89 5.03 3.63 5.82
C THR A 89 5.72 4.73 5.01
N ILE A 90 4.96 5.42 4.17
CA ILE A 90 5.53 6.46 3.33
C ILE A 90 5.69 7.78 4.07
N LYS A 91 5.14 7.84 5.25
CA LYS A 91 5.35 8.97 6.11
C LYS A 91 6.63 8.78 6.88
N LEU A 92 7.68 9.46 6.46
CA LEU A 92 8.93 9.45 7.20
C LEU A 92 8.72 10.37 8.39
N GLU A 93 8.06 11.49 8.09
CA GLU A 93 7.60 12.49 9.06
C GLU A 93 8.63 12.91 10.11
N HIS A 94 9.25 14.02 9.89
CA HIS A 94 10.17 14.56 10.84
C HIS A 94 9.42 15.13 12.01
N HIS A 95 10.13 15.37 13.11
CA HIS A 95 9.60 15.96 14.35
C HIS A 95 8.89 14.91 15.24
N HIS A 96 8.60 13.74 14.69
CA HIS A 96 8.10 12.68 15.54
C HIS A 96 9.29 11.92 16.05
N HIS A 97 9.13 11.21 17.11
CA HIS A 97 10.24 10.47 17.64
C HIS A 97 10.49 9.18 16.92
N HIS A 98 11.46 9.21 16.03
CA HIS A 98 11.95 7.98 15.42
C HIS A 98 13.03 7.43 16.33
N HIS A 99 13.42 8.31 17.23
CA HIS A 99 14.34 8.09 18.30
C HIS A 99 14.33 9.39 19.11
N MET A 1 2.00 -11.58 12.85
CA MET A 1 0.93 -10.65 13.20
C MET A 1 1.41 -9.22 13.22
N SER A 2 2.72 -9.03 13.27
CA SER A 2 3.28 -7.71 13.29
C SER A 2 3.50 -7.28 11.84
N ILE A 3 3.77 -6.03 11.61
CA ILE A 3 3.96 -5.59 10.25
C ILE A 3 5.46 -5.42 9.93
N LEU A 4 6.25 -5.19 10.97
CA LEU A 4 7.70 -5.01 10.83
C LEU A 4 8.43 -6.35 10.75
N GLU A 5 7.68 -7.41 10.55
CA GLU A 5 8.26 -8.73 10.45
C GLU A 5 8.42 -9.14 8.99
N ASP A 6 8.10 -8.26 8.08
CA ASP A 6 8.17 -8.58 6.69
C ASP A 6 9.30 -7.80 6.02
N PRO A 7 10.16 -8.48 5.22
CA PRO A 7 11.27 -7.84 4.54
C PRO A 7 10.82 -6.81 3.49
N GLU A 8 9.68 -7.03 2.86
CA GLU A 8 9.25 -6.15 1.80
C GLU A 8 8.73 -4.85 2.39
N PHE A 9 8.15 -4.95 3.57
CA PHE A 9 7.60 -3.79 4.26
C PHE A 9 8.71 -2.89 4.75
N VAL A 10 9.76 -3.47 5.29
CA VAL A 10 10.87 -2.68 5.76
C VAL A 10 11.57 -1.97 4.59
N LYS A 11 11.60 -2.64 3.43
CA LYS A 11 12.15 -2.03 2.21
C LYS A 11 11.37 -0.78 1.84
N LEU A 12 10.04 -0.87 1.90
CA LEU A 12 9.15 0.27 1.61
C LEU A 12 9.45 1.46 2.49
N ARG A 13 9.71 1.19 3.75
CA ARG A 13 9.97 2.24 4.70
C ARG A 13 11.31 2.91 4.45
N GLN A 14 12.25 2.16 3.92
CA GLN A 14 13.55 2.70 3.56
C GLN A 14 13.45 3.42 2.20
N PHE A 15 12.62 2.88 1.35
CA PHE A 15 12.34 3.38 0.00
C PHE A 15 11.75 4.78 0.08
N LYS A 16 10.79 4.96 1.01
CA LYS A 16 10.06 6.23 1.24
C LYS A 16 8.98 6.45 0.20
N GLY A 17 7.98 7.19 0.57
CA GLY A 17 6.94 7.51 -0.35
C GLY A 17 7.26 8.74 -1.13
N LYS A 18 7.91 8.56 -2.26
CA LYS A 18 8.24 9.68 -3.13
C LYS A 18 7.07 10.00 -4.06
N VAL A 19 6.02 9.23 -3.94
CA VAL A 19 4.80 9.44 -4.67
C VAL A 19 3.83 10.17 -3.75
N ASN A 20 2.79 10.75 -4.31
CA ASN A 20 1.80 11.53 -3.56
C ASN A 20 1.07 10.66 -2.54
N PHE A 21 1.02 11.13 -1.31
CA PHE A 21 0.31 10.46 -0.23
C PHE A 21 -1.15 10.25 -0.60
N ASN A 22 -1.73 11.25 -1.25
CA ASN A 22 -3.16 11.22 -1.60
C ASN A 22 -3.40 10.22 -2.69
N LEU A 23 -2.41 10.03 -3.50
CA LEU A 23 -2.46 9.09 -4.57
C LEU A 23 -2.44 7.68 -4.01
N VAL A 24 -1.48 7.42 -3.11
CA VAL A 24 -1.38 6.09 -2.49
C VAL A 24 -2.62 5.81 -1.68
N MET A 25 -3.08 6.82 -0.95
CA MET A 25 -4.30 6.74 -0.16
C MET A 25 -5.47 6.36 -1.06
N GLN A 26 -5.50 6.92 -2.26
CA GLN A 26 -6.53 6.61 -3.24
C GLN A 26 -6.36 5.20 -3.77
N ILE A 27 -5.12 4.79 -4.04
CA ILE A 27 -4.83 3.42 -4.52
C ILE A 27 -5.38 2.41 -3.51
N LEU A 28 -5.06 2.65 -2.25
CA LEU A 28 -5.50 1.82 -1.15
C LEU A 28 -7.01 1.90 -0.98
N ASP A 29 -7.55 3.10 -1.09
CA ASP A 29 -8.98 3.36 -0.93
C ASP A 29 -9.79 2.66 -2.00
N GLU A 30 -9.29 2.74 -3.21
CA GLU A 30 -9.93 2.18 -4.38
C GLU A 30 -10.08 0.64 -4.26
N ILE A 31 -9.03 -0.04 -3.80
CA ILE A 31 -9.13 -1.49 -3.61
C ILE A 31 -10.00 -1.80 -2.37
N GLU A 32 -9.89 -0.93 -1.37
CA GLU A 32 -10.63 -1.05 -0.12
C GLU A 32 -12.13 -1.01 -0.38
N LEU A 33 -12.55 -0.03 -1.13
CA LEU A 33 -13.95 0.15 -1.45
C LEU A 33 -14.48 -0.95 -2.39
N ASP A 34 -13.60 -1.50 -3.20
CA ASP A 34 -14.00 -2.57 -4.10
C ASP A 34 -14.14 -3.90 -3.37
N LEU A 35 -13.14 -4.25 -2.60
CA LEU A 35 -13.09 -5.53 -1.90
C LEU A 35 -14.02 -5.55 -0.70
N ARG A 36 -13.83 -4.57 0.18
CA ARG A 36 -14.55 -4.39 1.44
C ARG A 36 -14.16 -5.45 2.46
N GLY A 37 -14.73 -6.62 2.34
CA GLY A 37 -14.48 -7.64 3.30
C GLY A 37 -13.33 -8.55 2.91
N SER A 38 -13.54 -9.30 1.83
CA SER A 38 -12.59 -10.31 1.36
C SER A 38 -13.21 -11.07 0.18
N ASP A 39 -12.37 -11.47 -0.77
CA ASP A 39 -12.75 -12.27 -1.96
C ASP A 39 -11.51 -12.51 -2.80
N ASN A 40 -11.22 -11.58 -3.66
CA ASN A 40 -10.04 -11.61 -4.48
C ASN A 40 -9.47 -10.23 -4.53
N ILE A 41 -8.57 -9.99 -3.63
CA ILE A 41 -7.98 -8.67 -3.52
C ILE A 41 -7.05 -8.41 -4.69
N LYS A 42 -6.47 -9.48 -5.24
CA LYS A 42 -5.59 -9.35 -6.39
C LYS A 42 -6.35 -8.74 -7.57
N THR A 43 -7.60 -9.11 -7.70
CA THR A 43 -8.43 -8.63 -8.76
C THR A 43 -8.73 -7.14 -8.56
N SER A 44 -8.93 -6.74 -7.30
CA SER A 44 -9.11 -5.35 -6.97
C SER A 44 -7.83 -4.57 -7.28
N ILE A 45 -6.67 -5.18 -6.96
CA ILE A 45 -5.37 -4.63 -7.30
C ILE A 45 -5.31 -4.38 -8.80
N ILE A 46 -5.71 -5.39 -9.57
CA ILE A 46 -5.72 -5.34 -11.02
C ILE A 46 -6.50 -4.12 -11.52
N TYR A 47 -7.75 -3.93 -11.03
CA TYR A 47 -8.59 -2.82 -11.52
C TYR A 47 -7.91 -1.48 -11.33
N VAL A 48 -7.32 -1.32 -10.19
CA VAL A 48 -6.72 -0.09 -9.79
C VAL A 48 -5.42 0.14 -10.54
N TYR A 49 -4.59 -0.88 -10.59
CA TYR A 49 -3.29 -0.81 -11.23
C TYR A 49 -3.42 -0.70 -12.75
N SER A 50 -4.49 -1.23 -13.30
CA SER A 50 -4.73 -1.16 -14.72
C SER A 50 -5.27 0.21 -15.15
N SER A 51 -5.87 0.94 -14.24
CA SER A 51 -6.38 2.24 -14.57
C SER A 51 -5.34 3.31 -14.21
N HIS A 52 -4.64 3.10 -13.12
CA HIS A 52 -3.63 4.03 -12.61
C HIS A 52 -2.26 3.65 -13.16
N LEU A 53 -2.25 3.33 -14.44
CA LEU A 53 -1.08 2.84 -15.18
C LEU A 53 0.17 3.69 -15.00
N ASP A 54 0.03 5.00 -15.14
CA ASP A 54 1.20 5.89 -15.10
C ASP A 54 1.92 5.81 -13.77
N GLU A 55 1.15 5.84 -12.70
CA GLU A 55 1.63 5.69 -11.36
C GLU A 55 2.41 4.41 -11.22
N ILE A 56 1.75 3.35 -11.63
CA ILE A 56 2.27 2.00 -11.51
C ILE A 56 3.57 1.83 -12.30
N ARG A 57 3.59 2.30 -13.54
CA ARG A 57 4.79 2.14 -14.39
C ARG A 57 5.97 2.99 -13.92
N LYS A 58 5.69 4.12 -13.28
CA LYS A 58 6.77 4.98 -12.77
C LYS A 58 7.44 4.35 -11.57
N ASN A 59 6.63 3.93 -10.63
CA ASN A 59 7.14 3.38 -9.40
C ASN A 59 6.68 1.97 -9.25
N LYS A 60 7.09 1.19 -10.22
CA LYS A 60 6.72 -0.20 -10.36
C LYS A 60 7.05 -1.02 -9.12
N GLU A 61 8.16 -0.71 -8.50
CA GLU A 61 8.62 -1.44 -7.37
C GLU A 61 7.88 -1.07 -6.11
N PHE A 62 7.46 0.19 -6.02
CA PHE A 62 6.72 0.66 -4.86
C PHE A 62 5.36 0.00 -4.86
N TYR A 63 4.68 0.09 -5.99
CA TYR A 63 3.38 -0.47 -6.12
C TYR A 63 3.39 -1.99 -6.10
N ASP A 64 4.47 -2.59 -6.59
CA ASP A 64 4.61 -4.05 -6.54
C ASP A 64 4.69 -4.54 -5.10
N MET A 65 5.58 -3.94 -4.33
CA MET A 65 5.78 -4.34 -2.95
C MET A 65 4.57 -4.08 -2.10
N ILE A 66 3.89 -2.95 -2.30
CA ILE A 66 2.69 -2.72 -1.50
C ILE A 66 1.60 -3.71 -1.87
N ALA A 67 1.41 -3.97 -3.18
CA ALA A 67 0.38 -4.93 -3.64
C ALA A 67 0.61 -6.30 -3.03
N GLU A 68 1.88 -6.68 -2.94
CA GLU A 68 2.29 -7.91 -2.31
C GLU A 68 1.80 -7.93 -0.84
N ILE A 69 2.21 -6.92 -0.10
CA ILE A 69 1.94 -6.79 1.32
C ILE A 69 0.45 -6.61 1.64
N LEU A 70 -0.26 -5.83 0.81
CA LEU A 70 -1.70 -5.59 0.98
C LEU A 70 -2.48 -6.90 1.08
N GLN A 71 -2.17 -7.80 0.17
CA GLN A 71 -2.86 -9.09 0.13
C GLN A 71 -2.38 -9.97 1.30
N ARG A 72 -1.08 -10.01 1.41
CA ARG A 72 -0.30 -10.79 2.35
C ARG A 72 -0.75 -10.53 3.80
N TYR A 73 -1.00 -9.28 4.14
CA TYR A 73 -1.41 -8.93 5.47
C TYR A 73 -2.89 -8.71 5.65
N TYR A 74 -3.66 -8.57 4.56
CA TYR A 74 -5.11 -8.38 4.71
C TYR A 74 -5.74 -9.65 5.27
N LYS A 75 -5.10 -10.77 4.99
CA LYS A 75 -5.52 -12.06 5.54
C LYS A 75 -5.12 -12.19 7.01
N LYS A 76 -4.17 -11.39 7.43
CA LYS A 76 -3.64 -11.50 8.77
C LYS A 76 -4.27 -10.50 9.72
N ILE A 77 -4.30 -9.24 9.33
CA ILE A 77 -4.86 -8.21 10.20
C ILE A 77 -6.08 -7.50 9.58
N GLY A 78 -6.12 -7.42 8.27
CA GLY A 78 -7.23 -6.77 7.61
C GLY A 78 -6.74 -5.69 6.68
N ILE A 79 -7.45 -5.49 5.58
CA ILE A 79 -7.01 -4.54 4.55
C ILE A 79 -7.00 -3.10 5.08
N GLU A 80 -7.99 -2.75 5.89
CA GLU A 80 -8.12 -1.41 6.47
C GLU A 80 -6.88 -1.08 7.31
N ASN A 81 -6.42 -2.10 8.00
CA ASN A 81 -5.27 -2.00 8.86
C ASN A 81 -4.03 -1.81 8.04
N VAL A 82 -3.86 -2.64 7.03
CA VAL A 82 -2.69 -2.59 6.17
C VAL A 82 -2.60 -1.25 5.44
N ASN A 83 -3.73 -0.79 4.93
CA ASN A 83 -3.80 0.51 4.22
C ASN A 83 -3.29 1.63 5.11
N GLN A 84 -3.72 1.62 6.35
CA GLN A 84 -3.33 2.64 7.31
C GLN A 84 -1.82 2.50 7.60
N LEU A 85 -1.35 1.27 7.70
CA LEU A 85 0.06 1.02 7.96
C LEU A 85 0.93 1.48 6.79
N ILE A 86 0.46 1.25 5.56
CA ILE A 86 1.16 1.69 4.36
C ILE A 86 1.24 3.21 4.36
N LEU A 87 0.13 3.85 4.70
CA LEU A 87 0.07 5.31 4.81
C LEU A 87 1.06 5.80 5.84
N THR A 88 1.11 5.14 6.98
CA THR A 88 2.03 5.48 8.04
C THR A 88 3.50 5.33 7.57
N THR A 89 3.74 4.36 6.73
CA THR A 89 5.05 4.07 6.21
C THR A 89 5.55 5.15 5.24
N ILE A 90 4.62 5.76 4.51
CA ILE A 90 5.01 6.82 3.59
C ILE A 90 4.90 8.18 4.26
N LYS A 91 4.45 8.19 5.51
CA LYS A 91 4.37 9.41 6.32
C LYS A 91 5.73 9.90 6.78
N LEU A 92 6.48 10.35 5.83
CA LEU A 92 7.73 11.00 6.01
C LEU A 92 7.62 12.25 5.20
N GLU A 93 7.87 13.37 5.81
CA GLU A 93 7.81 14.60 5.09
C GLU A 93 8.90 14.64 4.04
N HIS A 94 8.61 15.27 2.91
CA HIS A 94 9.56 15.42 1.80
C HIS A 94 10.56 16.56 2.11
N HIS A 95 10.90 16.68 3.39
CA HIS A 95 11.82 17.67 3.90
C HIS A 95 13.19 17.29 3.36
N HIS A 96 13.73 18.10 2.45
CA HIS A 96 14.90 17.72 1.62
C HIS A 96 14.48 16.56 0.74
N HIS A 97 13.97 16.88 -0.42
CA HIS A 97 13.36 15.87 -1.28
C HIS A 97 14.23 15.52 -2.46
N HIS A 98 14.54 14.23 -2.58
CA HIS A 98 15.32 13.74 -3.72
C HIS A 98 14.38 13.59 -4.94
N HIS A 99 13.11 13.63 -4.65
CA HIS A 99 12.06 13.65 -5.63
C HIS A 99 11.08 14.64 -5.12
N MET A 1 -0.99 -3.60 14.23
CA MET A 1 -0.08 -2.59 13.67
C MET A 1 1.30 -3.19 13.41
N SER A 2 1.52 -4.44 13.81
CA SER A 2 2.79 -5.08 13.60
C SER A 2 2.88 -5.52 12.14
N ILE A 3 3.71 -4.85 11.38
CA ILE A 3 3.84 -5.13 9.97
C ILE A 3 5.31 -4.99 9.52
N LEU A 4 6.15 -4.38 10.38
CA LEU A 4 7.59 -4.22 10.08
C LEU A 4 8.30 -5.57 9.99
N GLU A 5 7.61 -6.60 10.38
CA GLU A 5 8.08 -7.96 10.34
C GLU A 5 8.24 -8.40 8.88
N ASP A 6 7.48 -7.77 8.00
CA ASP A 6 7.47 -8.14 6.60
C ASP A 6 8.73 -7.64 5.90
N PRO A 7 9.44 -8.53 5.20
CA PRO A 7 10.67 -8.17 4.47
C PRO A 7 10.42 -7.15 3.36
N GLU A 8 9.29 -7.21 2.70
CA GLU A 8 9.02 -6.28 1.61
C GLU A 8 8.66 -4.93 2.16
N PHE A 9 7.99 -4.95 3.29
CA PHE A 9 7.57 -3.74 3.98
C PHE A 9 8.78 -2.94 4.44
N VAL A 10 9.77 -3.63 4.96
CA VAL A 10 10.98 -2.95 5.40
C VAL A 10 11.71 -2.35 4.17
N LYS A 11 11.62 -3.04 3.03
CA LYS A 11 12.19 -2.51 1.78
C LYS A 11 11.50 -1.20 1.43
N LEU A 12 10.17 -1.15 1.58
CA LEU A 12 9.37 0.06 1.33
C LEU A 12 9.85 1.22 2.17
N ARG A 13 10.15 0.93 3.43
CA ARG A 13 10.67 1.93 4.38
C ARG A 13 11.99 2.52 3.87
N GLN A 14 12.82 1.68 3.30
CA GLN A 14 14.11 2.08 2.79
C GLN A 14 13.99 2.75 1.41
N PHE A 15 12.99 2.32 0.66
CA PHE A 15 12.77 2.75 -0.71
C PHE A 15 12.08 4.11 -0.79
N LYS A 16 11.02 4.30 0.01
CA LYS A 16 10.20 5.52 0.04
C LYS A 16 9.38 5.68 -1.24
N GLY A 17 8.13 6.00 -1.07
CA GLY A 17 7.29 6.22 -2.18
C GLY A 17 7.24 7.67 -2.54
N LYS A 18 7.75 8.00 -3.71
CA LYS A 18 7.76 9.37 -4.22
C LYS A 18 6.48 9.60 -5.04
N VAL A 19 5.48 8.92 -4.64
CA VAL A 19 4.18 8.95 -5.25
C VAL A 19 3.28 9.88 -4.48
N ASN A 20 2.23 10.36 -5.13
CA ASN A 20 1.30 11.28 -4.48
C ASN A 20 0.56 10.54 -3.38
N PHE A 21 0.62 11.10 -2.18
CA PHE A 21 -0.04 10.57 -1.00
C PHE A 21 -1.54 10.38 -1.26
N ASN A 22 -2.12 11.30 -2.01
CA ASN A 22 -3.56 11.27 -2.27
C ASN A 22 -3.91 10.11 -3.13
N LEU A 23 -3.02 9.80 -4.06
CA LEU A 23 -3.29 8.75 -4.96
C LEU A 23 -3.07 7.42 -4.28
N VAL A 24 -2.03 7.31 -3.44
CA VAL A 24 -1.80 6.07 -2.67
C VAL A 24 -3.01 5.76 -1.82
N MET A 25 -3.49 6.78 -1.12
CA MET A 25 -4.67 6.67 -0.30
C MET A 25 -5.88 6.23 -1.14
N GLN A 26 -5.97 6.77 -2.34
CA GLN A 26 -7.04 6.43 -3.26
C GLN A 26 -6.87 5.01 -3.81
N ILE A 27 -5.63 4.58 -4.05
CA ILE A 27 -5.33 3.21 -4.50
C ILE A 27 -5.87 2.23 -3.47
N LEU A 28 -5.48 2.46 -2.22
CA LEU A 28 -5.87 1.63 -1.09
C LEU A 28 -7.39 1.64 -0.92
N ASP A 29 -7.98 2.77 -1.15
CA ASP A 29 -9.42 2.96 -1.02
C ASP A 29 -10.17 2.25 -2.14
N GLU A 30 -9.68 2.44 -3.35
CA GLU A 30 -10.31 1.89 -4.55
C GLU A 30 -10.29 0.36 -4.51
N ILE A 31 -9.16 -0.22 -4.10
CA ILE A 31 -9.06 -1.67 -3.99
C ILE A 31 -9.95 -2.16 -2.84
N GLU A 32 -9.99 -1.39 -1.76
CA GLU A 32 -10.79 -1.70 -0.59
C GLU A 32 -12.26 -1.82 -0.93
N LEU A 33 -12.79 -0.79 -1.58
CA LEU A 33 -14.21 -0.75 -1.92
C LEU A 33 -14.58 -1.83 -2.93
N ASP A 34 -13.64 -2.21 -3.77
CA ASP A 34 -13.87 -3.26 -4.74
C ASP A 34 -13.84 -4.62 -4.08
N LEU A 35 -12.82 -4.82 -3.25
CA LEU A 35 -12.60 -6.06 -2.51
C LEU A 35 -13.74 -6.37 -1.56
N ARG A 36 -13.97 -5.45 -0.60
CA ARG A 36 -14.93 -5.63 0.50
C ARG A 36 -14.50 -6.73 1.49
N GLY A 37 -14.20 -7.88 0.94
CA GLY A 37 -13.81 -9.03 1.70
C GLY A 37 -14.30 -10.25 0.98
N SER A 38 -15.36 -10.04 0.23
CA SER A 38 -15.99 -11.06 -0.55
C SER A 38 -15.20 -11.41 -1.81
N ASP A 39 -14.68 -10.42 -2.52
CA ASP A 39 -13.99 -10.66 -3.78
C ASP A 39 -12.48 -10.85 -3.50
N ASN A 40 -11.64 -10.74 -4.51
CA ASN A 40 -10.22 -10.99 -4.31
C ASN A 40 -9.48 -9.69 -4.36
N ILE A 41 -8.69 -9.43 -3.35
CA ILE A 41 -7.94 -8.20 -3.25
C ILE A 41 -6.94 -8.05 -4.39
N LYS A 42 -6.33 -9.15 -4.83
CA LYS A 42 -5.34 -9.09 -5.89
C LYS A 42 -6.02 -8.73 -7.21
N THR A 43 -7.27 -9.11 -7.32
CA THR A 43 -8.06 -8.81 -8.46
C THR A 43 -8.38 -7.31 -8.46
N SER A 44 -8.75 -6.80 -7.28
CA SER A 44 -9.01 -5.40 -7.08
C SER A 44 -7.75 -4.57 -7.42
N ILE A 45 -6.59 -5.09 -7.00
CA ILE A 45 -5.27 -4.51 -7.30
C ILE A 45 -5.13 -4.27 -8.81
N ILE A 46 -5.53 -5.26 -9.59
CA ILE A 46 -5.41 -5.22 -11.04
C ILE A 46 -6.14 -4.02 -11.65
N TYR A 47 -7.42 -3.82 -11.30
CA TYR A 47 -8.22 -2.73 -11.90
C TYR A 47 -7.60 -1.37 -11.62
N VAL A 48 -7.19 -1.20 -10.40
CA VAL A 48 -6.68 0.05 -9.93
C VAL A 48 -5.34 0.38 -10.58
N TYR A 49 -4.45 -0.59 -10.61
CA TYR A 49 -3.13 -0.40 -11.22
C TYR A 49 -3.24 -0.22 -12.73
N SER A 50 -4.15 -0.96 -13.35
CA SER A 50 -4.33 -0.90 -14.79
C SER A 50 -4.97 0.43 -15.24
N SER A 51 -5.62 1.09 -14.33
CA SER A 51 -6.25 2.35 -14.60
C SER A 51 -5.30 3.52 -14.27
N HIS A 52 -4.71 3.47 -13.08
CA HIS A 52 -3.88 4.58 -12.59
C HIS A 52 -2.41 4.30 -12.90
N LEU A 53 -2.18 3.78 -14.09
CA LEU A 53 -0.87 3.32 -14.60
C LEU A 53 0.26 4.30 -14.39
N ASP A 54 -0.01 5.58 -14.61
CA ASP A 54 1.03 6.62 -14.59
C ASP A 54 1.85 6.61 -13.32
N GLU A 55 1.19 6.65 -12.18
CA GLU A 55 1.90 6.71 -10.92
C GLU A 55 2.51 5.36 -10.60
N ILE A 56 1.81 4.30 -11.00
CA ILE A 56 2.25 2.93 -10.77
C ILE A 56 3.62 2.71 -11.42
N ARG A 57 3.76 3.19 -12.64
CA ARG A 57 4.96 2.98 -13.40
C ARG A 57 6.19 3.76 -12.87
N LYS A 58 5.96 4.92 -12.21
CA LYS A 58 7.09 5.66 -11.56
C LYS A 58 7.75 4.79 -10.49
N ASN A 59 6.95 4.33 -9.56
CA ASN A 59 7.42 3.60 -8.41
C ASN A 59 6.86 2.21 -8.45
N LYS A 60 7.20 1.48 -9.50
CA LYS A 60 6.72 0.12 -9.73
C LYS A 60 7.07 -0.79 -8.56
N GLU A 61 8.24 -0.59 -7.97
CA GLU A 61 8.70 -1.39 -6.86
C GLU A 61 7.81 -1.18 -5.65
N PHE A 62 7.40 0.05 -5.44
CA PHE A 62 6.54 0.40 -4.31
C PHE A 62 5.20 -0.28 -4.46
N TYR A 63 4.59 -0.11 -5.62
CA TYR A 63 3.29 -0.66 -5.87
C TYR A 63 3.27 -2.16 -5.96
N ASP A 64 4.33 -2.74 -6.47
CA ASP A 64 4.40 -4.19 -6.57
C ASP A 64 4.55 -4.80 -5.19
N MET A 65 5.44 -4.23 -4.38
CA MET A 65 5.64 -4.72 -3.03
C MET A 65 4.44 -4.50 -2.15
N ILE A 66 3.80 -3.33 -2.22
CA ILE A 66 2.61 -3.12 -1.39
C ILE A 66 1.50 -4.07 -1.77
N ALA A 67 1.37 -4.36 -3.08
CA ALA A 67 0.32 -5.24 -3.60
C ALA A 67 0.34 -6.60 -2.92
N GLU A 68 1.51 -7.17 -2.76
CA GLU A 68 1.64 -8.47 -2.14
C GLU A 68 1.43 -8.38 -0.61
N ILE A 69 1.94 -7.30 0.00
CA ILE A 69 1.80 -7.08 1.44
C ILE A 69 0.34 -6.87 1.82
N LEU A 70 -0.37 -6.09 1.00
CA LEU A 70 -1.79 -5.82 1.20
C LEU A 70 -2.57 -7.11 1.29
N GLN A 71 -2.31 -8.03 0.38
CA GLN A 71 -2.98 -9.34 0.38
C GLN A 71 -2.66 -10.09 1.67
N ARG A 72 -1.38 -10.18 1.93
CA ARG A 72 -0.81 -10.92 3.02
C ARG A 72 -1.33 -10.44 4.38
N TYR A 73 -1.24 -9.17 4.64
CA TYR A 73 -1.60 -8.64 5.93
C TYR A 73 -3.09 -8.36 6.08
N TYR A 74 -3.81 -8.17 5.00
CA TYR A 74 -5.25 -7.97 5.13
C TYR A 74 -5.89 -9.26 5.63
N LYS A 75 -5.31 -10.39 5.27
CA LYS A 75 -5.79 -11.69 5.72
C LYS A 75 -5.43 -11.92 7.20
N LYS A 76 -4.45 -11.18 7.69
CA LYS A 76 -4.00 -11.36 9.06
C LYS A 76 -4.58 -10.31 10.01
N ILE A 77 -4.47 -9.06 9.65
CA ILE A 77 -4.89 -7.98 10.54
C ILE A 77 -6.08 -7.21 9.97
N GLY A 78 -6.17 -7.16 8.67
CA GLY A 78 -7.28 -6.49 8.03
C GLY A 78 -6.79 -5.41 7.12
N ILE A 79 -7.50 -5.19 6.02
CA ILE A 79 -7.06 -4.21 5.02
C ILE A 79 -7.01 -2.81 5.61
N GLU A 80 -7.96 -2.50 6.50
CA GLU A 80 -8.05 -1.20 7.15
C GLU A 80 -6.74 -0.86 7.85
N ASN A 81 -6.23 -1.83 8.57
CA ASN A 81 -5.01 -1.68 9.36
C ASN A 81 -3.84 -1.43 8.42
N VAL A 82 -3.74 -2.27 7.40
CA VAL A 82 -2.63 -2.24 6.43
C VAL A 82 -2.59 -0.92 5.67
N ASN A 83 -3.75 -0.47 5.18
CA ASN A 83 -3.86 0.79 4.41
C ASN A 83 -3.25 1.95 5.15
N GLN A 84 -3.56 2.01 6.43
CA GLN A 84 -3.10 3.08 7.30
C GLN A 84 -1.57 2.96 7.44
N LEU A 85 -1.10 1.74 7.67
CA LEU A 85 0.31 1.46 7.85
C LEU A 85 1.13 1.81 6.59
N ILE A 86 0.55 1.55 5.42
CA ILE A 86 1.20 1.90 4.15
C ILE A 86 1.38 3.42 4.07
N LEU A 87 0.36 4.14 4.49
CA LEU A 87 0.40 5.60 4.51
C LEU A 87 1.49 6.08 5.46
N THR A 88 1.60 5.42 6.60
CA THR A 88 2.64 5.71 7.58
C THR A 88 4.04 5.46 6.97
N THR A 89 4.15 4.47 6.10
CA THR A 89 5.42 4.06 5.50
C THR A 89 6.02 5.18 4.64
N ILE A 90 5.18 5.88 3.92
CA ILE A 90 5.66 6.97 3.08
C ILE A 90 5.66 8.29 3.80
N LYS A 91 5.07 8.30 4.98
CA LYS A 91 5.01 9.48 5.80
C LYS A 91 6.09 9.48 6.86
N LEU A 92 7.20 8.82 6.59
CA LEU A 92 8.35 8.89 7.48
C LEU A 92 9.07 10.23 7.34
N GLU A 93 8.40 11.24 7.76
CA GLU A 93 8.82 12.60 7.65
C GLU A 93 9.72 12.98 8.82
N HIS A 94 10.93 13.43 8.49
CA HIS A 94 11.92 13.84 9.48
C HIS A 94 11.38 14.96 10.35
N HIS A 95 11.31 14.72 11.63
CA HIS A 95 10.72 15.68 12.52
C HIS A 95 11.77 16.50 13.23
N HIS A 96 12.26 17.49 12.55
CA HIS A 96 13.17 18.50 13.08
C HIS A 96 13.00 19.70 12.22
N HIS A 97 13.09 20.85 12.80
CA HIS A 97 12.95 22.07 12.08
C HIS A 97 13.96 23.05 12.60
N HIS A 98 15.19 22.87 12.17
CA HIS A 98 16.30 23.73 12.58
C HIS A 98 17.49 23.41 11.72
N HIS A 99 18.09 24.41 11.12
CA HIS A 99 19.30 24.18 10.37
C HIS A 99 20.48 24.64 11.21
N MET A 1 2.75 -4.22 17.90
CA MET A 1 2.38 -4.37 16.52
C MET A 1 3.26 -3.51 15.66
N SER A 2 4.33 -4.09 15.23
CA SER A 2 5.23 -3.47 14.33
C SER A 2 5.33 -4.34 13.11
N ILE A 3 4.94 -3.82 11.99
CA ILE A 3 4.83 -4.58 10.74
C ILE A 3 6.21 -4.68 10.03
N LEU A 4 7.25 -4.71 10.82
CA LEU A 4 8.61 -4.86 10.32
C LEU A 4 8.92 -6.35 10.21
N GLU A 5 7.85 -7.13 10.30
CA GLU A 5 7.85 -8.58 10.23
C GLU A 5 8.18 -9.01 8.80
N ASP A 6 7.95 -8.11 7.88
CA ASP A 6 8.09 -8.39 6.47
C ASP A 6 9.24 -7.60 5.82
N PRO A 7 10.10 -8.30 5.05
CA PRO A 7 11.21 -7.70 4.31
C PRO A 7 10.78 -6.68 3.24
N GLU A 8 9.60 -6.86 2.66
CA GLU A 8 9.13 -5.98 1.60
C GLU A 8 8.79 -4.63 2.21
N PHE A 9 8.08 -4.67 3.32
CA PHE A 9 7.68 -3.48 4.06
C PHE A 9 8.91 -2.69 4.55
N VAL A 10 9.90 -3.39 5.09
CA VAL A 10 11.09 -2.72 5.59
C VAL A 10 11.84 -2.00 4.45
N LYS A 11 11.80 -2.59 3.25
CA LYS A 11 12.35 -1.94 2.08
C LYS A 11 11.56 -0.69 1.74
N LEU A 12 10.22 -0.77 1.81
CA LEU A 12 9.35 0.39 1.53
C LEU A 12 9.67 1.53 2.48
N ARG A 13 9.96 1.19 3.71
CA ARG A 13 10.28 2.16 4.75
C ARG A 13 11.51 2.99 4.35
N GLN A 14 12.48 2.31 3.77
CA GLN A 14 13.72 2.94 3.31
C GLN A 14 13.50 3.63 1.96
N PHE A 15 12.60 3.05 1.19
CA PHE A 15 12.22 3.49 -0.14
C PHE A 15 11.55 4.87 -0.08
N LYS A 16 10.93 5.20 1.06
CA LYS A 16 10.27 6.50 1.35
C LYS A 16 8.95 6.65 0.59
N GLY A 17 8.97 6.36 -0.69
CA GLY A 17 7.79 6.44 -1.48
C GLY A 17 8.04 7.18 -2.78
N LYS A 18 8.22 8.50 -2.66
CA LYS A 18 8.33 9.43 -3.82
C LYS A 18 7.05 9.36 -4.65
N VAL A 19 5.96 9.12 -3.96
CA VAL A 19 4.64 8.97 -4.52
C VAL A 19 3.73 10.03 -3.93
N ASN A 20 2.57 10.20 -4.49
CA ASN A 20 1.63 11.15 -3.94
C ASN A 20 0.83 10.47 -2.86
N PHE A 21 0.77 11.08 -1.70
CA PHE A 21 0.04 10.56 -0.56
C PHE A 21 -1.43 10.32 -0.89
N ASN A 22 -2.02 11.25 -1.63
CA ASN A 22 -3.45 11.18 -1.89
C ASN A 22 -3.73 10.07 -2.84
N LEU A 23 -2.79 9.87 -3.75
CA LEU A 23 -2.94 8.88 -4.77
C LEU A 23 -2.80 7.49 -4.16
N VAL A 24 -1.85 7.31 -3.26
CA VAL A 24 -1.68 6.00 -2.60
C VAL A 24 -2.88 5.69 -1.73
N MET A 25 -3.34 6.71 -1.02
CA MET A 25 -4.53 6.57 -0.18
C MET A 25 -5.73 6.20 -1.03
N GLN A 26 -5.79 6.76 -2.23
CA GLN A 26 -6.82 6.44 -3.18
C GLN A 26 -6.65 5.02 -3.72
N ILE A 27 -5.40 4.61 -3.98
CA ILE A 27 -5.10 3.23 -4.44
C ILE A 27 -5.64 2.25 -3.41
N LEU A 28 -5.34 2.54 -2.16
CA LEU A 28 -5.77 1.75 -1.03
C LEU A 28 -7.29 1.72 -0.94
N ASP A 29 -7.91 2.88 -1.09
CA ASP A 29 -9.37 3.02 -0.98
C ASP A 29 -10.06 2.29 -2.11
N GLU A 30 -9.56 2.51 -3.31
CA GLU A 30 -10.12 2.01 -4.54
C GLU A 30 -10.12 0.46 -4.55
N ILE A 31 -9.03 -0.16 -4.06
CA ILE A 31 -8.99 -1.62 -3.96
C ILE A 31 -9.89 -2.10 -2.82
N GLU A 32 -9.86 -1.37 -1.70
CA GLU A 32 -10.62 -1.71 -0.52
C GLU A 32 -12.13 -1.70 -0.81
N LEU A 33 -12.60 -0.63 -1.42
CA LEU A 33 -14.02 -0.49 -1.75
C LEU A 33 -14.46 -1.59 -2.73
N ASP A 34 -13.54 -2.00 -3.59
CA ASP A 34 -13.84 -3.05 -4.54
C ASP A 34 -13.86 -4.39 -3.84
N LEU A 35 -12.87 -4.62 -2.98
CA LEU A 35 -12.71 -5.86 -2.19
C LEU A 35 -14.00 -6.26 -1.45
N ARG A 36 -14.76 -5.27 -0.99
CA ARG A 36 -16.02 -5.54 -0.29
C ARG A 36 -17.12 -6.10 -1.22
N GLY A 37 -16.91 -6.07 -2.52
CA GLY A 37 -17.91 -6.60 -3.44
C GLY A 37 -17.31 -7.47 -4.54
N SER A 38 -16.02 -7.49 -4.60
CA SER A 38 -15.29 -8.24 -5.59
C SER A 38 -15.06 -9.66 -5.08
N ASP A 39 -14.30 -10.43 -5.82
CA ASP A 39 -14.02 -11.80 -5.43
C ASP A 39 -12.71 -11.86 -4.66
N ASN A 40 -11.76 -11.02 -5.01
CA ASN A 40 -10.46 -11.06 -4.37
C ASN A 40 -9.83 -9.70 -4.39
N ILE A 41 -8.93 -9.46 -3.46
CA ILE A 41 -8.20 -8.23 -3.40
C ILE A 41 -7.23 -8.11 -4.60
N LYS A 42 -6.73 -9.24 -5.11
CA LYS A 42 -5.83 -9.20 -6.26
C LYS A 42 -6.59 -8.71 -7.49
N THR A 43 -7.87 -9.08 -7.57
CA THR A 43 -8.74 -8.66 -8.63
C THR A 43 -8.90 -7.15 -8.53
N SER A 44 -9.12 -6.68 -7.31
CA SER A 44 -9.22 -5.26 -7.01
C SER A 44 -7.93 -4.52 -7.46
N ILE A 45 -6.78 -5.15 -7.19
CA ILE A 45 -5.47 -4.64 -7.59
C ILE A 45 -5.43 -4.40 -9.11
N ILE A 46 -5.96 -5.37 -9.86
CA ILE A 46 -5.97 -5.33 -11.33
C ILE A 46 -6.57 -4.02 -11.86
N TYR A 47 -7.76 -3.67 -11.36
CA TYR A 47 -8.48 -2.48 -11.85
C TYR A 47 -7.69 -1.23 -11.55
N VAL A 48 -7.34 -1.09 -10.30
CA VAL A 48 -6.69 0.10 -9.78
C VAL A 48 -5.33 0.34 -10.44
N TYR A 49 -4.55 -0.71 -10.59
CA TYR A 49 -3.25 -0.61 -11.19
C TYR A 49 -3.34 -0.36 -12.69
N SER A 50 -4.39 -0.90 -13.31
CA SER A 50 -4.62 -0.67 -14.73
C SER A 50 -5.12 0.76 -14.94
N SER A 51 -5.82 1.28 -13.98
CA SER A 51 -6.33 2.62 -14.03
C SER A 51 -5.20 3.62 -13.83
N HIS A 52 -4.46 3.46 -12.76
CA HIS A 52 -3.46 4.46 -12.39
C HIS A 52 -2.07 4.00 -12.82
N LEU A 53 -1.97 3.44 -14.03
CA LEU A 53 -0.72 2.91 -14.63
C LEU A 53 0.45 3.88 -14.52
N ASP A 54 0.16 5.15 -14.71
CA ASP A 54 1.17 6.22 -14.68
C ASP A 54 2.03 6.20 -13.40
N GLU A 55 1.39 6.16 -12.25
CA GLU A 55 2.14 6.08 -11.01
C GLU A 55 2.71 4.66 -10.79
N ILE A 56 1.96 3.64 -11.23
CA ILE A 56 2.39 2.23 -11.05
C ILE A 56 3.73 1.99 -11.75
N ARG A 57 3.87 2.53 -12.96
CA ARG A 57 5.10 2.36 -13.74
C ARG A 57 6.24 3.18 -13.13
N LYS A 58 5.90 4.32 -12.56
CA LYS A 58 6.83 5.21 -11.95
C LYS A 58 7.43 4.56 -10.70
N ASN A 59 6.57 4.05 -9.85
CA ASN A 59 7.02 3.38 -8.64
C ASN A 59 6.67 1.95 -8.66
N LYS A 60 7.21 1.29 -9.66
CA LYS A 60 6.96 -0.11 -9.92
C LYS A 60 7.29 -0.99 -8.71
N GLU A 61 8.35 -0.65 -7.99
CA GLU A 61 8.78 -1.41 -6.83
C GLU A 61 7.82 -1.25 -5.69
N PHE A 62 7.36 -0.02 -5.50
CA PHE A 62 6.45 0.30 -4.42
C PHE A 62 5.16 -0.45 -4.60
N TYR A 63 4.60 -0.34 -5.80
CA TYR A 63 3.33 -0.96 -6.11
C TYR A 63 3.42 -2.47 -6.28
N ASP A 64 4.58 -2.97 -6.62
CA ASP A 64 4.76 -4.41 -6.72
C ASP A 64 4.79 -5.02 -5.32
N MET A 65 5.63 -4.42 -4.46
CA MET A 65 5.76 -4.88 -3.09
C MET A 65 4.49 -4.69 -2.28
N ILE A 66 3.88 -3.50 -2.35
CA ILE A 66 2.66 -3.27 -1.56
C ILE A 66 1.54 -4.17 -1.99
N ALA A 67 1.45 -4.47 -3.30
CA ALA A 67 0.38 -5.30 -3.82
C ALA A 67 0.32 -6.65 -3.12
N GLU A 68 1.47 -7.29 -2.93
CA GLU A 68 1.45 -8.56 -2.24
C GLU A 68 1.30 -8.38 -0.72
N ILE A 69 1.88 -7.30 -0.18
CA ILE A 69 1.75 -6.98 1.26
C ILE A 69 0.28 -6.77 1.62
N LEU A 70 -0.40 -6.02 0.77
CA LEU A 70 -1.82 -5.71 0.95
C LEU A 70 -2.63 -6.97 1.05
N GLN A 71 -2.36 -7.91 0.19
CA GLN A 71 -3.09 -9.17 0.19
C GLN A 71 -2.75 -9.99 1.43
N ARG A 72 -1.47 -10.13 1.68
CA ARG A 72 -0.93 -10.91 2.75
C ARG A 72 -1.38 -10.37 4.11
N TYR A 73 -1.23 -9.09 4.31
CA TYR A 73 -1.56 -8.50 5.57
C TYR A 73 -3.02 -8.19 5.74
N TYR A 74 -3.79 -8.17 4.66
CA TYR A 74 -5.23 -8.04 4.80
C TYR A 74 -5.76 -9.31 5.45
N LYS A 75 -5.07 -10.41 5.19
CA LYS A 75 -5.40 -11.67 5.79
C LYS A 75 -4.85 -11.74 7.22
N LYS A 76 -3.62 -11.29 7.39
CA LYS A 76 -2.94 -11.36 8.69
C LYS A 76 -3.49 -10.35 9.73
N ILE A 77 -3.70 -9.09 9.33
CA ILE A 77 -4.14 -8.06 10.28
C ILE A 77 -5.40 -7.31 9.84
N GLY A 78 -5.66 -7.24 8.55
CA GLY A 78 -6.86 -6.58 8.06
C GLY A 78 -6.51 -5.46 7.10
N ILE A 79 -7.30 -5.29 6.04
CA ILE A 79 -6.98 -4.34 4.98
C ILE A 79 -6.92 -2.89 5.49
N GLU A 80 -7.81 -2.56 6.43
CA GLU A 80 -7.89 -1.22 7.00
C GLU A 80 -6.58 -0.86 7.68
N ASN A 81 -6.07 -1.83 8.40
CA ASN A 81 -4.85 -1.71 9.15
C ASN A 81 -3.68 -1.57 8.22
N VAL A 82 -3.68 -2.34 7.15
CA VAL A 82 -2.61 -2.30 6.17
C VAL A 82 -2.59 -0.94 5.48
N ASN A 83 -3.79 -0.43 5.14
CA ASN A 83 -3.94 0.89 4.51
C ASN A 83 -3.21 1.94 5.33
N GLN A 84 -3.48 1.93 6.62
CA GLN A 84 -2.93 2.88 7.56
C GLN A 84 -1.40 2.70 7.61
N LEU A 85 -0.96 1.46 7.69
CA LEU A 85 0.46 1.16 7.79
C LEU A 85 1.25 1.54 6.52
N ILE A 86 0.62 1.38 5.36
CA ILE A 86 1.24 1.80 4.10
C ILE A 86 1.38 3.32 4.09
N LEU A 87 0.34 4.00 4.58
CA LEU A 87 0.37 5.45 4.70
C LEU A 87 1.45 5.87 5.68
N THR A 88 1.57 5.12 6.75
CA THR A 88 2.59 5.30 7.77
C THR A 88 4.00 5.19 7.15
N THR A 89 4.14 4.34 6.15
CA THR A 89 5.40 4.12 5.50
C THR A 89 5.83 5.35 4.70
N ILE A 90 4.93 5.90 3.89
CA ILE A 90 5.26 7.06 3.06
C ILE A 90 5.30 8.36 3.89
N LYS A 91 4.59 8.37 5.01
CA LYS A 91 4.64 9.52 5.92
C LYS A 91 5.85 9.39 6.82
N LEU A 92 6.52 8.24 6.71
CA LEU A 92 7.71 7.89 7.42
C LEU A 92 7.78 8.24 8.91
N GLU A 93 8.48 9.29 9.24
CA GLU A 93 8.66 9.66 10.61
C GLU A 93 7.48 10.41 11.16
N HIS A 94 6.54 9.65 11.71
CA HIS A 94 5.34 10.17 12.37
C HIS A 94 4.67 8.99 13.09
N HIS A 95 5.47 7.99 13.45
CA HIS A 95 4.94 6.81 14.09
C HIS A 95 5.75 6.41 15.32
N HIS A 96 5.22 6.72 16.46
CA HIS A 96 5.79 6.34 17.74
C HIS A 96 4.69 5.69 18.54
N HIS A 97 5.00 4.69 19.31
CA HIS A 97 3.94 3.97 20.00
C HIS A 97 3.88 4.33 21.49
N HIS A 98 5.02 4.44 22.14
CA HIS A 98 5.04 4.83 23.54
C HIS A 98 6.31 5.54 23.91
N HIS A 99 6.18 6.82 24.12
CA HIS A 99 7.23 7.69 24.60
C HIS A 99 6.59 9.06 24.80
N MET A 1 5.86 -7.79 15.49
CA MET A 1 4.51 -8.29 15.22
C MET A 1 3.84 -7.40 14.20
N SER A 2 2.60 -7.76 13.85
CA SER A 2 1.75 -7.01 12.98
C SER A 2 2.29 -6.95 11.53
N ILE A 3 3.19 -6.02 11.24
CA ILE A 3 3.68 -5.84 9.89
C ILE A 3 5.21 -5.59 9.86
N LEU A 4 5.81 -5.31 11.03
CA LEU A 4 7.25 -4.98 11.10
C LEU A 4 8.11 -6.23 10.91
N GLU A 5 7.45 -7.34 10.75
CA GLU A 5 8.06 -8.63 10.58
C GLU A 5 8.44 -8.86 9.13
N ASP A 6 7.97 -8.01 8.24
CA ASP A 6 8.12 -8.29 6.83
C ASP A 6 9.37 -7.66 6.24
N PRO A 7 10.14 -8.44 5.46
CA PRO A 7 11.31 -7.93 4.75
C PRO A 7 10.96 -6.88 3.68
N GLU A 8 9.76 -6.97 3.11
CA GLU A 8 9.37 -6.02 2.09
C GLU A 8 9.02 -4.70 2.76
N PHE A 9 8.37 -4.78 3.90
CA PHE A 9 7.95 -3.60 4.64
C PHE A 9 9.15 -2.81 5.15
N VAL A 10 10.14 -3.52 5.70
CA VAL A 10 11.34 -2.84 6.19
C VAL A 10 12.08 -2.16 5.03
N LYS A 11 12.05 -2.78 3.86
CA LYS A 11 12.63 -2.19 2.69
C LYS A 11 11.85 -0.96 2.27
N LEU A 12 10.52 -0.98 2.39
CA LEU A 12 9.69 0.20 2.08
C LEU A 12 10.07 1.40 2.93
N ARG A 13 10.35 1.15 4.20
CA ARG A 13 10.78 2.21 5.13
C ARG A 13 12.09 2.85 4.68
N GLN A 14 12.99 2.03 4.23
CA GLN A 14 14.31 2.48 3.79
C GLN A 14 14.24 3.07 2.38
N PHE A 15 13.28 2.61 1.62
CA PHE A 15 13.11 2.99 0.24
C PHE A 15 12.37 4.31 0.11
N LYS A 16 11.14 4.36 0.64
CA LYS A 16 10.22 5.52 0.49
C LYS A 16 9.75 5.67 -0.95
N GLY A 17 8.62 6.29 -1.13
CA GLY A 17 8.07 6.39 -2.44
C GLY A 17 8.02 7.79 -2.94
N LYS A 18 8.24 7.95 -4.22
CA LYS A 18 8.15 9.24 -4.88
C LYS A 18 6.76 9.41 -5.45
N VAL A 19 5.85 8.82 -4.76
CA VAL A 19 4.45 8.75 -5.11
C VAL A 19 3.70 9.95 -4.58
N ASN A 20 2.51 10.15 -5.09
CA ASN A 20 1.61 11.13 -4.54
C ASN A 20 0.87 10.45 -3.43
N PHE A 21 1.00 10.96 -2.22
CA PHE A 21 0.32 10.40 -1.05
C PHE A 21 -1.19 10.29 -1.27
N ASN A 22 -1.74 11.26 -1.98
CA ASN A 22 -3.18 11.33 -2.20
C ASN A 22 -3.61 10.23 -3.12
N LEU A 23 -2.74 9.94 -4.06
CA LEU A 23 -3.02 8.97 -5.05
C LEU A 23 -2.87 7.58 -4.47
N VAL A 24 -1.83 7.35 -3.67
CA VAL A 24 -1.63 6.05 -3.00
C VAL A 24 -2.80 5.78 -2.08
N MET A 25 -3.20 6.81 -1.36
CA MET A 25 -4.33 6.73 -0.46
C MET A 25 -5.59 6.38 -1.24
N GLN A 26 -5.68 6.86 -2.46
CA GLN A 26 -6.79 6.54 -3.31
C GLN A 26 -6.67 5.11 -3.86
N ILE A 27 -5.44 4.69 -4.20
CA ILE A 27 -5.18 3.35 -4.74
C ILE A 27 -5.68 2.28 -3.76
N LEU A 28 -5.24 2.40 -2.53
CA LEU A 28 -5.61 1.46 -1.51
C LEU A 28 -7.08 1.59 -1.09
N ASP A 29 -7.58 2.80 -1.17
CA ASP A 29 -8.99 3.09 -0.89
C ASP A 29 -9.88 2.46 -1.96
N GLU A 30 -9.46 2.62 -3.18
CA GLU A 30 -10.20 2.16 -4.35
C GLU A 30 -10.32 0.64 -4.35
N ILE A 31 -9.26 -0.07 -3.93
CA ILE A 31 -9.35 -1.51 -3.83
C ILE A 31 -10.27 -1.88 -2.67
N GLU A 32 -10.13 -1.16 -1.57
CA GLU A 32 -10.89 -1.37 -0.36
C GLU A 32 -12.40 -1.22 -0.61
N LEU A 33 -12.81 -0.08 -1.18
CA LEU A 33 -14.22 0.18 -1.44
C LEU A 33 -14.82 -0.80 -2.44
N ASP A 34 -14.02 -1.23 -3.40
CA ASP A 34 -14.53 -2.14 -4.41
C ASP A 34 -14.63 -3.55 -3.84
N LEU A 35 -13.61 -3.92 -3.04
CA LEU A 35 -13.51 -5.24 -2.38
C LEU A 35 -14.66 -5.48 -1.41
N ARG A 36 -15.28 -4.38 -0.93
CA ARG A 36 -16.44 -4.45 -0.01
C ARG A 36 -17.55 -5.34 -0.57
N GLY A 37 -17.57 -5.47 -1.89
CA GLY A 37 -18.56 -6.29 -2.55
C GLY A 37 -18.35 -7.78 -2.28
N SER A 38 -17.52 -8.43 -3.09
CA SER A 38 -17.33 -9.87 -2.97
C SER A 38 -16.06 -10.39 -3.67
N ASP A 39 -15.31 -9.55 -4.38
CA ASP A 39 -14.16 -10.09 -5.15
C ASP A 39 -12.93 -10.33 -4.25
N ASN A 40 -11.80 -10.46 -4.86
CA ASN A 40 -10.59 -10.84 -4.18
C ASN A 40 -9.66 -9.66 -4.25
N ILE A 41 -8.89 -9.42 -3.21
CA ILE A 41 -8.02 -8.24 -3.18
C ILE A 41 -7.03 -8.20 -4.36
N LYS A 42 -6.52 -9.34 -4.80
CA LYS A 42 -5.64 -9.40 -5.97
C LYS A 42 -6.40 -8.94 -7.22
N THR A 43 -7.68 -9.22 -7.25
CA THR A 43 -8.53 -8.85 -8.33
C THR A 43 -8.82 -7.34 -8.25
N SER A 44 -9.06 -6.86 -7.03
CA SER A 44 -9.26 -5.45 -6.76
C SER A 44 -8.02 -4.65 -7.22
N ILE A 45 -6.83 -5.21 -6.95
CA ILE A 45 -5.54 -4.65 -7.37
C ILE A 45 -5.52 -4.40 -8.88
N ILE A 46 -5.97 -5.41 -9.64
CA ILE A 46 -6.00 -5.37 -11.10
C ILE A 46 -6.70 -4.11 -11.62
N TYR A 47 -7.91 -3.87 -11.11
CA TYR A 47 -8.74 -2.76 -11.60
C TYR A 47 -8.03 -1.43 -11.40
N VAL A 48 -7.62 -1.21 -10.17
CA VAL A 48 -7.03 0.05 -9.76
C VAL A 48 -5.69 0.30 -10.45
N TYR A 49 -4.88 -0.73 -10.54
CA TYR A 49 -3.59 -0.62 -11.18
C TYR A 49 -3.72 -0.40 -12.67
N SER A 50 -4.68 -1.07 -13.30
CA SER A 50 -4.92 -0.93 -14.73
C SER A 50 -5.50 0.46 -15.04
N SER A 51 -6.17 1.04 -14.08
CA SER A 51 -6.75 2.34 -14.25
C SER A 51 -5.68 3.44 -14.01
N HIS A 52 -4.96 3.32 -12.91
CA HIS A 52 -4.00 4.35 -12.50
C HIS A 52 -2.56 3.94 -12.86
N LEU A 53 -2.41 3.36 -14.06
CA LEU A 53 -1.15 2.83 -14.61
C LEU A 53 0.04 3.78 -14.46
N ASP A 54 -0.21 5.06 -14.67
CA ASP A 54 0.84 6.08 -14.65
C ASP A 54 1.67 6.06 -13.36
N GLU A 55 1.00 6.09 -12.23
CA GLU A 55 1.70 6.11 -10.96
C GLU A 55 2.31 4.74 -10.68
N ILE A 56 1.59 3.70 -11.10
CA ILE A 56 2.00 2.33 -10.91
C ILE A 56 3.35 2.10 -11.57
N ARG A 57 3.46 2.48 -12.83
CA ARG A 57 4.70 2.26 -13.58
C ARG A 57 5.77 3.30 -13.21
N LYS A 58 5.38 4.38 -12.56
CA LYS A 58 6.32 5.42 -12.17
C LYS A 58 7.11 4.90 -10.98
N ASN A 59 6.38 4.38 -10.02
CA ASN A 59 6.97 3.84 -8.80
C ASN A 59 6.67 2.37 -8.72
N LYS A 60 7.02 1.66 -9.77
CA LYS A 60 6.72 0.24 -9.94
C LYS A 60 7.25 -0.63 -8.81
N GLU A 61 8.46 -0.34 -8.34
CA GLU A 61 9.06 -1.10 -7.25
C GLU A 61 8.21 -0.99 -5.98
N PHE A 62 7.66 0.20 -5.76
CA PHE A 62 6.84 0.47 -4.61
C PHE A 62 5.53 -0.28 -4.71
N TYR A 63 4.89 -0.17 -5.85
CA TYR A 63 3.60 -0.82 -6.06
C TYR A 63 3.70 -2.32 -6.11
N ASP A 64 4.80 -2.83 -6.63
CA ASP A 64 5.06 -4.26 -6.68
C ASP A 64 5.09 -4.84 -5.26
N MET A 65 5.84 -4.17 -4.39
CA MET A 65 5.95 -4.57 -3.00
C MET A 65 4.66 -4.36 -2.23
N ILE A 66 4.02 -3.19 -2.37
CA ILE A 66 2.81 -2.95 -1.59
C ILE A 66 1.64 -3.82 -2.01
N ALA A 67 1.47 -4.09 -3.32
CA ALA A 67 0.39 -4.97 -3.81
C ALA A 67 0.51 -6.34 -3.17
N GLU A 68 1.75 -6.76 -3.04
CA GLU A 68 2.11 -7.98 -2.39
C GLU A 68 1.71 -7.92 -0.91
N ILE A 69 2.21 -6.90 -0.22
CA ILE A 69 1.95 -6.71 1.20
C ILE A 69 0.45 -6.55 1.52
N LEU A 70 -0.26 -5.84 0.66
CA LEU A 70 -1.71 -5.63 0.83
C LEU A 70 -2.45 -6.96 0.98
N GLN A 71 -2.22 -7.89 0.08
CA GLN A 71 -2.92 -9.20 0.11
C GLN A 71 -2.39 -10.02 1.31
N ARG A 72 -1.08 -10.07 1.36
CA ARG A 72 -0.26 -10.80 2.31
C ARG A 72 -0.60 -10.43 3.77
N TYR A 73 -0.88 -9.18 4.01
CA TYR A 73 -1.20 -8.72 5.34
C TYR A 73 -2.66 -8.55 5.60
N TYR A 74 -3.47 -8.54 4.56
CA TYR A 74 -4.89 -8.50 4.74
C TYR A 74 -5.36 -9.81 5.36
N LYS A 75 -4.57 -10.85 5.12
CA LYS A 75 -4.81 -12.16 5.69
C LYS A 75 -4.35 -12.22 7.16
N LYS A 76 -3.50 -11.30 7.59
CA LYS A 76 -3.03 -11.30 8.99
C LYS A 76 -3.78 -10.31 9.85
N ILE A 77 -3.83 -9.08 9.38
CA ILE A 77 -4.39 -8.00 10.16
C ILE A 77 -5.61 -7.40 9.50
N GLY A 78 -5.67 -7.49 8.20
CA GLY A 78 -6.80 -6.97 7.49
C GLY A 78 -6.39 -5.86 6.57
N ILE A 79 -7.10 -5.72 5.47
CA ILE A 79 -6.76 -4.75 4.43
C ILE A 79 -6.77 -3.32 4.95
N GLU A 80 -7.76 -2.99 5.75
CA GLU A 80 -7.92 -1.65 6.26
C GLU A 80 -6.77 -1.25 7.16
N ASN A 81 -6.29 -2.21 7.91
CA ASN A 81 -5.11 -2.02 8.75
C ASN A 81 -3.91 -1.74 7.89
N VAL A 82 -3.74 -2.56 6.85
CA VAL A 82 -2.60 -2.44 5.94
C VAL A 82 -2.66 -1.11 5.20
N ASN A 83 -3.85 -0.72 4.76
CA ASN A 83 -4.10 0.55 4.09
C ASN A 83 -3.55 1.72 4.89
N GLN A 84 -3.87 1.72 6.15
CA GLN A 84 -3.42 2.74 7.06
C GLN A 84 -1.89 2.62 7.23
N LEU A 85 -1.41 1.41 7.42
CA LEU A 85 0.01 1.15 7.62
C LEU A 85 0.86 1.56 6.42
N ILE A 86 0.39 1.33 5.21
CA ILE A 86 1.11 1.73 4.00
C ILE A 86 1.23 3.26 3.95
N LEU A 87 0.16 3.94 4.33
CA LEU A 87 0.18 5.41 4.38
C LEU A 87 1.18 5.87 5.43
N THR A 88 1.22 5.11 6.50
CA THR A 88 2.13 5.35 7.59
C THR A 88 3.60 5.13 7.14
N THR A 89 3.80 4.19 6.24
CA THR A 89 5.12 3.85 5.77
C THR A 89 5.75 5.03 5.03
N ILE A 90 4.95 5.70 4.23
CA ILE A 90 5.46 6.80 3.44
C ILE A 90 5.32 8.17 4.11
N LYS A 91 4.27 8.39 4.89
CA LYS A 91 4.07 9.72 5.43
C LYS A 91 3.90 9.70 6.97
N LEU A 92 4.67 8.85 7.61
CA LEU A 92 4.81 8.83 9.06
C LEU A 92 6.03 8.00 9.40
N GLU A 93 7.16 8.61 9.27
CA GLU A 93 8.41 7.95 9.44
C GLU A 93 9.19 8.52 10.62
N HIS A 94 9.69 7.64 11.46
CA HIS A 94 10.49 8.04 12.61
C HIS A 94 11.81 7.25 12.57
N HIS A 95 12.00 6.48 11.54
CA HIS A 95 13.16 5.62 11.37
C HIS A 95 13.52 5.56 9.91
N HIS A 96 14.56 6.25 9.53
CA HIS A 96 14.94 6.33 8.13
C HIS A 96 16.36 5.83 7.87
N HIS A 97 16.43 4.62 7.36
CA HIS A 97 17.65 3.93 6.86
C HIS A 97 18.61 3.50 7.99
N HIS A 98 18.74 4.35 9.01
CA HIS A 98 19.59 4.14 10.21
C HIS A 98 21.06 4.27 9.87
N HIS A 99 21.50 3.51 8.94
CA HIS A 99 22.86 3.51 8.49
C HIS A 99 22.80 3.42 6.98
N MET A 1 1.67 -10.07 16.46
CA MET A 1 2.10 -9.87 15.07
C MET A 1 1.72 -8.47 14.67
N SER A 2 2.22 -7.99 13.56
CA SER A 2 1.91 -6.64 13.12
C SER A 2 2.01 -6.51 11.61
N ILE A 3 3.22 -6.26 11.15
CA ILE A 3 3.56 -6.04 9.76
C ILE A 3 5.05 -5.76 9.64
N LEU A 4 5.64 -5.31 10.78
CA LEU A 4 7.09 -5.00 10.86
C LEU A 4 7.91 -6.30 10.75
N GLU A 5 7.21 -7.38 10.75
CA GLU A 5 7.75 -8.71 10.63
C GLU A 5 8.22 -8.95 9.20
N ASP A 6 7.57 -8.31 8.26
CA ASP A 6 7.84 -8.54 6.85
C ASP A 6 8.98 -7.65 6.35
N PRO A 7 10.01 -8.23 5.72
CA PRO A 7 11.17 -7.49 5.21
C PRO A 7 10.81 -6.47 4.13
N GLU A 8 9.75 -6.70 3.38
CA GLU A 8 9.41 -5.81 2.29
C GLU A 8 8.88 -4.50 2.87
N PHE A 9 8.21 -4.59 4.00
CA PHE A 9 7.65 -3.43 4.66
C PHE A 9 8.77 -2.52 5.17
N VAL A 10 9.80 -3.10 5.78
CA VAL A 10 10.91 -2.32 6.27
C VAL A 10 11.69 -1.71 5.08
N LYS A 11 11.75 -2.44 3.98
CA LYS A 11 12.34 -1.93 2.76
C LYS A 11 11.59 -0.73 2.25
N LEU A 12 10.27 -0.79 2.29
CA LEU A 12 9.43 0.32 1.83
C LEU A 12 9.72 1.59 2.62
N ARG A 13 10.03 1.44 3.90
CA ARG A 13 10.42 2.56 4.76
C ARG A 13 11.72 3.19 4.26
N GLN A 14 12.57 2.36 3.69
CA GLN A 14 13.84 2.79 3.13
C GLN A 14 13.62 3.40 1.74
N PHE A 15 12.69 2.83 0.98
CA PHE A 15 12.29 3.37 -0.32
C PHE A 15 11.68 4.75 -0.12
N LYS A 16 10.95 4.91 0.99
CA LYS A 16 10.34 6.17 1.46
C LYS A 16 9.10 6.56 0.62
N GLY A 17 9.13 6.26 -0.65
CA GLY A 17 7.99 6.51 -1.47
C GLY A 17 8.32 7.12 -2.80
N LYS A 18 8.54 8.44 -2.79
CA LYS A 18 8.70 9.25 -4.01
C LYS A 18 7.44 9.12 -4.88
N VAL A 19 6.34 8.94 -4.18
CA VAL A 19 5.04 8.70 -4.74
C VAL A 19 4.12 9.83 -4.36
N ASN A 20 2.96 9.87 -4.96
CA ASN A 20 1.96 10.84 -4.55
C ASN A 20 1.20 10.20 -3.43
N PHE A 21 1.32 10.75 -2.25
CA PHE A 21 0.62 10.25 -1.06
C PHE A 21 -0.87 10.14 -1.31
N ASN A 22 -1.39 11.09 -2.06
CA ASN A 22 -2.82 11.20 -2.23
C ASN A 22 -3.30 10.13 -3.15
N LEU A 23 -2.47 9.82 -4.11
CA LEU A 23 -2.81 8.83 -5.07
C LEU A 23 -2.67 7.44 -4.46
N VAL A 24 -1.63 7.23 -3.65
CA VAL A 24 -1.44 5.94 -2.96
C VAL A 24 -2.61 5.70 -2.04
N MET A 25 -3.03 6.76 -1.35
CA MET A 25 -4.17 6.71 -0.48
C MET A 25 -5.41 6.31 -1.27
N GLN A 26 -5.55 6.89 -2.45
CA GLN A 26 -6.66 6.55 -3.34
C GLN A 26 -6.53 5.10 -3.84
N ILE A 27 -5.31 4.66 -4.15
CA ILE A 27 -5.05 3.28 -4.58
C ILE A 27 -5.59 2.31 -3.51
N LEU A 28 -5.16 2.55 -2.28
CA LEU A 28 -5.56 1.75 -1.14
C LEU A 28 -7.07 1.82 -0.91
N ASP A 29 -7.60 3.01 -1.07
CA ASP A 29 -9.02 3.26 -0.86
C ASP A 29 -9.85 2.56 -1.91
N GLU A 30 -9.43 2.71 -3.15
CA GLU A 30 -10.12 2.19 -4.31
C GLU A 30 -10.14 0.64 -4.28
N ILE A 31 -9.02 0.02 -3.88
CA ILE A 31 -9.01 -1.44 -3.76
C ILE A 31 -9.87 -1.86 -2.56
N GLU A 32 -9.78 -1.09 -1.47
CA GLU A 32 -10.51 -1.36 -0.23
C GLU A 32 -12.01 -1.38 -0.45
N LEU A 33 -12.52 -0.35 -1.12
CA LEU A 33 -13.95 -0.23 -1.37
C LEU A 33 -14.47 -1.38 -2.23
N ASP A 34 -13.66 -1.85 -3.17
CA ASP A 34 -14.06 -3.00 -3.99
C ASP A 34 -13.93 -4.29 -3.20
N LEU A 35 -12.75 -4.46 -2.59
CA LEU A 35 -12.37 -5.67 -1.83
C LEU A 35 -13.40 -6.09 -0.81
N ARG A 36 -14.00 -5.09 -0.16
CA ARG A 36 -14.98 -5.28 0.91
C ARG A 36 -16.06 -6.30 0.49
N GLY A 37 -16.46 -6.26 -0.77
CA GLY A 37 -17.42 -7.19 -1.28
C GLY A 37 -16.93 -7.89 -2.53
N SER A 38 -15.63 -8.03 -2.64
CA SER A 38 -15.03 -8.63 -3.80
C SER A 38 -14.23 -9.86 -3.36
N ASP A 39 -13.70 -9.80 -2.12
CA ASP A 39 -12.91 -10.87 -1.45
C ASP A 39 -11.52 -11.06 -2.07
N ASN A 40 -11.47 -11.22 -3.36
CA ASN A 40 -10.20 -11.36 -4.04
C ASN A 40 -9.61 -10.02 -4.34
N ILE A 41 -8.77 -9.56 -3.43
CA ILE A 41 -8.09 -8.27 -3.54
C ILE A 41 -7.22 -8.22 -4.79
N LYS A 42 -6.83 -9.40 -5.25
CA LYS A 42 -6.00 -9.56 -6.44
C LYS A 42 -6.65 -8.90 -7.62
N THR A 43 -7.92 -9.18 -7.75
CA THR A 43 -8.71 -8.65 -8.83
C THR A 43 -8.95 -7.16 -8.61
N SER A 44 -9.14 -6.77 -7.35
CA SER A 44 -9.30 -5.38 -6.97
C SER A 44 -8.03 -4.58 -7.35
N ILE A 45 -6.85 -5.20 -7.14
CA ILE A 45 -5.57 -4.61 -7.51
C ILE A 45 -5.57 -4.29 -9.00
N ILE A 46 -5.99 -5.27 -9.80
CA ILE A 46 -6.00 -5.17 -11.25
C ILE A 46 -6.76 -3.92 -11.74
N TYR A 47 -7.96 -3.68 -11.21
CA TYR A 47 -8.77 -2.54 -11.68
C TYR A 47 -8.05 -1.22 -11.43
N VAL A 48 -7.65 -1.06 -10.19
CA VAL A 48 -7.04 0.16 -9.71
C VAL A 48 -5.71 0.43 -10.39
N TYR A 49 -4.88 -0.59 -10.49
CA TYR A 49 -3.58 -0.46 -11.11
C TYR A 49 -3.71 -0.18 -12.60
N SER A 50 -4.68 -0.81 -13.25
CA SER A 50 -4.88 -0.63 -14.67
C SER A 50 -5.44 0.79 -14.98
N SER A 51 -6.14 1.36 -14.02
CA SER A 51 -6.68 2.70 -14.19
C SER A 51 -5.60 3.74 -13.90
N HIS A 52 -4.87 3.53 -12.83
CA HIS A 52 -3.88 4.51 -12.37
C HIS A 52 -2.47 4.04 -12.75
N LEU A 53 -2.34 3.48 -13.97
CA LEU A 53 -1.07 2.92 -14.49
C LEU A 53 0.11 3.84 -14.32
N ASP A 54 -0.10 5.12 -14.48
CA ASP A 54 0.98 6.11 -14.41
C ASP A 54 1.79 6.02 -13.14
N GLU A 55 1.14 6.03 -12.00
CA GLU A 55 1.86 6.00 -10.75
C GLU A 55 2.43 4.59 -10.53
N ILE A 56 1.72 3.62 -11.07
CA ILE A 56 2.13 2.22 -10.96
C ILE A 56 3.45 2.02 -11.70
N ARG A 57 3.55 2.57 -12.90
CA ARG A 57 4.76 2.47 -13.70
C ARG A 57 5.87 3.38 -13.16
N LYS A 58 5.50 4.53 -12.60
CA LYS A 58 6.48 5.45 -12.00
C LYS A 58 7.16 4.80 -10.80
N ASN A 59 6.39 4.13 -9.98
CA ASN A 59 6.93 3.45 -8.83
C ASN A 59 6.58 1.99 -8.83
N LYS A 60 7.03 1.32 -9.87
CA LYS A 60 6.73 -0.09 -10.09
C LYS A 60 7.31 -0.97 -9.00
N GLU A 61 8.37 -0.51 -8.38
CA GLU A 61 8.99 -1.21 -7.27
C GLU A 61 8.05 -1.16 -6.07
N PHE A 62 7.61 0.05 -5.73
CA PHE A 62 6.76 0.31 -4.60
C PHE A 62 5.44 -0.45 -4.73
N TYR A 63 4.80 -0.31 -5.88
CA TYR A 63 3.52 -0.94 -6.12
C TYR A 63 3.59 -2.45 -6.17
N ASP A 64 4.70 -2.98 -6.64
CA ASP A 64 4.87 -4.43 -6.68
C ASP A 64 4.99 -4.98 -5.27
N MET A 65 5.78 -4.31 -4.45
CA MET A 65 5.99 -4.71 -3.08
C MET A 65 4.73 -4.54 -2.25
N ILE A 66 4.04 -3.41 -2.38
CA ILE A 66 2.83 -3.21 -1.60
C ILE A 66 1.74 -4.17 -2.01
N ALA A 67 1.63 -4.48 -3.31
CA ALA A 67 0.62 -5.43 -3.79
C ALA A 67 0.79 -6.78 -3.11
N GLU A 68 2.03 -7.18 -2.95
CA GLU A 68 2.38 -8.42 -2.25
C GLU A 68 1.91 -8.33 -0.79
N ILE A 69 2.30 -7.24 -0.14
CA ILE A 69 1.99 -7.00 1.27
C ILE A 69 0.47 -6.85 1.51
N LEU A 70 -0.22 -6.16 0.61
CA LEU A 70 -1.67 -5.95 0.72
C LEU A 70 -2.42 -7.28 0.75
N GLN A 71 -2.10 -8.16 -0.18
CA GLN A 71 -2.75 -9.47 -0.26
C GLN A 71 -2.41 -10.29 1.01
N ARG A 72 -1.15 -10.31 1.31
CA ARG A 72 -0.56 -11.04 2.41
C ARG A 72 -1.16 -10.59 3.75
N TYR A 73 -1.25 -9.30 3.93
CA TYR A 73 -1.69 -8.74 5.18
C TYR A 73 -3.17 -8.48 5.33
N TYR A 74 -3.93 -8.34 4.24
CA TYR A 74 -5.36 -8.18 4.40
C TYR A 74 -5.94 -9.48 4.96
N LYS A 75 -5.32 -10.60 4.59
CA LYS A 75 -5.74 -11.89 5.11
C LYS A 75 -5.29 -12.06 6.57
N LYS A 76 -4.10 -11.55 6.86
CA LYS A 76 -3.48 -11.69 8.17
C LYS A 76 -4.10 -10.75 9.22
N ILE A 77 -4.20 -9.47 8.91
CA ILE A 77 -4.72 -8.50 9.91
C ILE A 77 -5.96 -7.74 9.41
N GLY A 78 -6.05 -7.51 8.12
CA GLY A 78 -7.19 -6.82 7.57
C GLY A 78 -6.77 -5.64 6.71
N ILE A 79 -7.52 -5.40 5.64
CA ILE A 79 -7.19 -4.35 4.66
C ILE A 79 -7.17 -2.95 5.28
N GLU A 80 -8.13 -2.65 6.18
CA GLU A 80 -8.23 -1.32 6.81
C GLU A 80 -6.97 -1.01 7.57
N ASN A 81 -6.45 -2.03 8.22
CA ASN A 81 -5.25 -1.92 8.99
C ASN A 81 -4.06 -1.64 8.09
N VAL A 82 -3.93 -2.45 7.05
CA VAL A 82 -2.81 -2.36 6.11
C VAL A 82 -2.81 -1.03 5.38
N ASN A 83 -3.99 -0.56 5.03
CA ASN A 83 -4.20 0.72 4.32
C ASN A 83 -3.49 1.86 5.09
N GLN A 84 -3.75 1.91 6.37
CA GLN A 84 -3.17 2.93 7.25
C GLN A 84 -1.66 2.67 7.39
N LEU A 85 -1.28 1.41 7.48
CA LEU A 85 0.12 1.03 7.65
C LEU A 85 0.97 1.37 6.42
N ILE A 86 0.43 1.20 5.23
CA ILE A 86 1.12 1.59 4.01
C ILE A 86 1.28 3.10 3.97
N LEU A 87 0.26 3.81 4.40
CA LEU A 87 0.31 5.26 4.48
C LEU A 87 1.35 5.69 5.51
N THR A 88 1.40 4.96 6.62
CA THR A 88 2.40 5.17 7.67
C THR A 88 3.82 5.03 7.10
N THR A 89 3.96 4.15 6.14
CA THR A 89 5.23 3.86 5.53
C THR A 89 5.77 5.06 4.75
N ILE A 90 4.92 5.70 3.96
CA ILE A 90 5.34 6.83 3.15
C ILE A 90 5.31 8.15 3.93
N LYS A 91 4.75 8.10 5.11
CA LYS A 91 4.76 9.24 5.99
C LYS A 91 6.01 9.21 6.83
N LEU A 92 6.71 10.32 6.89
CA LEU A 92 7.90 10.44 7.71
C LEU A 92 7.48 10.41 9.16
N GLU A 93 6.56 11.31 9.47
CA GLU A 93 5.97 11.49 10.77
C GLU A 93 7.00 11.86 11.83
N HIS A 94 7.38 13.10 11.81
CA HIS A 94 8.22 13.68 12.80
C HIS A 94 7.47 14.86 13.32
N HIS A 95 7.29 14.93 14.59
CA HIS A 95 6.50 16.00 15.16
C HIS A 95 7.25 17.29 15.27
N HIS A 96 6.51 18.36 15.18
CA HIS A 96 7.04 19.69 15.27
C HIS A 96 7.21 20.01 16.74
N HIS A 97 8.39 19.73 17.25
CA HIS A 97 8.68 19.95 18.67
C HIS A 97 8.52 21.42 18.98
N HIS A 98 7.69 21.72 19.94
CA HIS A 98 7.37 23.07 20.28
C HIS A 98 7.20 23.19 21.78
N HIS A 99 7.68 24.25 22.35
CA HIS A 99 7.48 24.50 23.75
C HIS A 99 6.30 25.44 23.91
N MET A 1 0.08 0.33 14.89
CA MET A 1 1.01 -0.78 15.06
C MET A 1 1.77 -0.94 13.78
N SER A 2 3.02 -0.59 13.76
CA SER A 2 3.82 -0.71 12.59
C SER A 2 4.27 -2.16 12.41
N ILE A 3 3.64 -2.83 11.47
CA ILE A 3 3.92 -4.22 11.14
C ILE A 3 5.34 -4.43 10.60
N LEU A 4 6.27 -4.66 11.48
CA LEU A 4 7.67 -4.78 11.12
C LEU A 4 8.09 -6.23 10.91
N GLU A 5 7.11 -7.12 10.83
CA GLU A 5 7.38 -8.55 10.65
C GLU A 5 7.93 -8.77 9.25
N ASP A 6 7.38 -8.06 8.31
CA ASP A 6 7.65 -8.26 6.91
C ASP A 6 8.94 -7.53 6.45
N PRO A 7 9.84 -8.22 5.71
CA PRO A 7 11.09 -7.63 5.19
C PRO A 7 10.84 -6.65 4.03
N GLU A 8 9.80 -6.86 3.28
CA GLU A 8 9.51 -6.03 2.13
C GLU A 8 8.95 -4.70 2.61
N PHE A 9 8.26 -4.79 3.72
CA PHE A 9 7.72 -3.63 4.42
C PHE A 9 8.86 -2.67 4.81
N VAL A 10 9.96 -3.21 5.33
CA VAL A 10 11.09 -2.37 5.71
C VAL A 10 11.72 -1.74 4.46
N LYS A 11 11.72 -2.48 3.35
CA LYS A 11 12.20 -1.94 2.07
C LYS A 11 11.38 -0.71 1.67
N LEU A 12 10.08 -0.76 1.95
CA LEU A 12 9.18 0.37 1.71
C LEU A 12 9.53 1.54 2.62
N ARG A 13 9.90 1.23 3.85
CA ARG A 13 10.33 2.24 4.83
C ARG A 13 11.59 2.95 4.33
N GLN A 14 12.48 2.19 3.72
CA GLN A 14 13.71 2.74 3.17
C GLN A 14 13.44 3.49 1.86
N PHE A 15 12.40 3.08 1.17
CA PHE A 15 11.99 3.69 -0.09
C PHE A 15 11.47 5.11 0.17
N LYS A 16 10.62 5.22 1.22
CA LYS A 16 10.04 6.49 1.68
C LYS A 16 8.94 6.98 0.69
N GLY A 17 8.19 8.00 1.10
CA GLY A 17 7.13 8.55 0.28
C GLY A 17 7.61 9.31 -0.93
N LYS A 18 8.09 8.59 -1.91
CA LYS A 18 8.50 9.13 -3.21
C LYS A 18 7.28 9.21 -4.12
N VAL A 19 6.26 8.57 -3.68
CA VAL A 19 5.01 8.45 -4.41
C VAL A 19 4.06 9.57 -4.02
N ASN A 20 3.05 9.79 -4.82
CA ASN A 20 2.02 10.78 -4.48
C ASN A 20 1.15 10.24 -3.37
N PHE A 21 1.32 10.79 -2.17
CA PHE A 21 0.63 10.32 -0.96
C PHE A 21 -0.88 10.22 -1.14
N ASN A 22 -1.47 11.27 -1.68
CA ASN A 22 -2.92 11.35 -1.81
C ASN A 22 -3.41 10.35 -2.82
N LEU A 23 -2.56 10.06 -3.78
CA LEU A 23 -2.92 9.14 -4.81
C LEU A 23 -2.82 7.72 -4.29
N VAL A 24 -1.77 7.43 -3.52
CA VAL A 24 -1.59 6.10 -2.91
C VAL A 24 -2.74 5.82 -1.97
N MET A 25 -3.09 6.81 -1.18
CA MET A 25 -4.20 6.74 -0.25
C MET A 25 -5.48 6.37 -1.01
N GLN A 26 -5.61 6.90 -2.22
CA GLN A 26 -6.74 6.60 -3.08
C GLN A 26 -6.61 5.20 -3.69
N ILE A 27 -5.39 4.80 -4.07
CA ILE A 27 -5.12 3.45 -4.62
C ILE A 27 -5.59 2.40 -3.61
N LEU A 28 -5.13 2.59 -2.39
CA LEU A 28 -5.45 1.72 -1.28
C LEU A 28 -6.95 1.72 -1.02
N ASP A 29 -7.53 2.90 -1.06
CA ASP A 29 -8.98 3.10 -0.87
C ASP A 29 -9.77 2.37 -1.94
N GLU A 30 -9.35 2.57 -3.16
CA GLU A 30 -10.01 2.05 -4.33
C GLU A 30 -10.02 0.50 -4.35
N ILE A 31 -8.91 -0.11 -3.93
CA ILE A 31 -8.88 -1.58 -3.83
C ILE A 31 -9.71 -2.04 -2.62
N GLU A 32 -9.62 -1.26 -1.55
CA GLU A 32 -10.30 -1.53 -0.29
C GLU A 32 -11.81 -1.58 -0.49
N LEU A 33 -12.34 -0.54 -1.11
CA LEU A 33 -13.77 -0.41 -1.33
C LEU A 33 -14.29 -1.43 -2.34
N ASP A 34 -13.43 -1.85 -3.27
CA ASP A 34 -13.84 -2.80 -4.29
C ASP A 34 -14.03 -4.17 -3.67
N LEU A 35 -13.10 -4.56 -2.81
CA LEU A 35 -13.19 -5.79 -2.08
C LEU A 35 -14.31 -5.66 -1.06
N ARG A 36 -14.15 -4.65 -0.19
CA ARG A 36 -15.04 -4.32 0.93
C ARG A 36 -15.13 -5.51 1.93
N GLY A 37 -15.81 -6.56 1.52
CA GLY A 37 -15.89 -7.74 2.33
C GLY A 37 -16.32 -8.98 1.55
N SER A 38 -16.56 -8.86 0.24
CA SER A 38 -17.09 -9.99 -0.50
C SER A 38 -16.26 -10.35 -1.73
N ASP A 39 -15.10 -9.74 -1.90
CA ASP A 39 -14.34 -10.04 -3.12
C ASP A 39 -12.87 -10.27 -2.80
N ASN A 40 -12.02 -10.27 -3.80
CA ASN A 40 -10.62 -10.59 -3.65
C ASN A 40 -9.81 -9.35 -3.86
N ILE A 41 -8.80 -9.18 -3.04
CA ILE A 41 -7.96 -8.03 -3.10
C ILE A 41 -7.15 -7.98 -4.40
N LYS A 42 -6.69 -9.14 -4.88
CA LYS A 42 -5.91 -9.17 -6.11
C LYS A 42 -6.76 -8.73 -7.28
N THR A 43 -8.04 -9.03 -7.22
CA THR A 43 -8.97 -8.65 -8.22
C THR A 43 -9.12 -7.12 -8.21
N SER A 44 -9.26 -6.58 -7.01
CA SER A 44 -9.36 -5.16 -6.80
C SER A 44 -8.07 -4.45 -7.28
N ILE A 45 -6.91 -5.08 -7.00
CA ILE A 45 -5.58 -4.59 -7.45
C ILE A 45 -5.59 -4.39 -8.96
N ILE A 46 -6.16 -5.36 -9.67
CA ILE A 46 -6.21 -5.36 -11.13
C ILE A 46 -6.84 -4.07 -11.68
N TYR A 47 -8.03 -3.72 -11.19
CA TYR A 47 -8.76 -2.55 -11.70
C TYR A 47 -7.98 -1.27 -11.44
N VAL A 48 -7.49 -1.15 -10.24
CA VAL A 48 -6.87 0.07 -9.79
C VAL A 48 -5.53 0.29 -10.46
N TYR A 49 -4.71 -0.74 -10.53
CA TYR A 49 -3.41 -0.61 -11.17
C TYR A 49 -3.55 -0.32 -12.65
N SER A 50 -4.51 -0.96 -13.28
CA SER A 50 -4.71 -0.79 -14.71
C SER A 50 -5.34 0.57 -15.05
N SER A 51 -5.98 1.18 -14.08
CA SER A 51 -6.63 2.44 -14.27
C SER A 51 -5.69 3.61 -13.88
N HIS A 52 -4.68 3.33 -13.08
CA HIS A 52 -3.78 4.38 -12.59
C HIS A 52 -2.34 4.04 -12.96
N LEU A 53 -2.18 3.50 -14.17
CA LEU A 53 -0.88 2.99 -14.70
C LEU A 53 0.29 3.95 -14.53
N ASP A 54 0.03 5.25 -14.68
CA ASP A 54 1.11 6.26 -14.64
C ASP A 54 1.89 6.20 -13.34
N GLU A 55 1.19 6.22 -12.22
CA GLU A 55 1.84 6.21 -10.92
C GLU A 55 2.40 4.80 -10.67
N ILE A 56 1.64 3.79 -11.12
CA ILE A 56 1.98 2.38 -10.91
C ILE A 56 3.30 2.02 -11.58
N ARG A 57 3.45 2.38 -12.83
CA ARG A 57 4.64 2.00 -13.60
C ARG A 57 5.85 2.85 -13.24
N LYS A 58 5.58 4.06 -12.78
CA LYS A 58 6.60 5.01 -12.39
C LYS A 58 7.26 4.54 -11.09
N ASN A 59 6.43 4.11 -10.19
CA ASN A 59 6.84 3.69 -8.87
C ASN A 59 6.52 2.22 -8.72
N LYS A 60 6.88 1.46 -9.75
CA LYS A 60 6.55 0.05 -9.86
C LYS A 60 7.12 -0.77 -8.71
N GLU A 61 8.28 -0.36 -8.20
CA GLU A 61 8.90 -1.07 -7.11
C GLU A 61 8.03 -0.99 -5.88
N PHE A 62 7.51 0.20 -5.65
CA PHE A 62 6.64 0.46 -4.52
C PHE A 62 5.35 -0.31 -4.67
N TYR A 63 4.72 -0.16 -5.83
CA TYR A 63 3.45 -0.77 -6.08
C TYR A 63 3.49 -2.27 -6.17
N ASP A 64 4.61 -2.81 -6.59
CA ASP A 64 4.75 -4.25 -6.64
C ASP A 64 4.91 -4.82 -5.25
N MET A 65 5.74 -4.18 -4.44
CA MET A 65 5.97 -4.61 -3.07
C MET A 65 4.72 -4.50 -2.24
N ILE A 66 4.02 -3.36 -2.33
CA ILE A 66 2.81 -3.20 -1.55
C ILE A 66 1.74 -4.20 -1.94
N ALA A 67 1.56 -4.45 -3.25
CA ALA A 67 0.53 -5.39 -3.74
C ALA A 67 0.67 -6.77 -3.10
N GLU A 68 1.91 -7.15 -2.89
CA GLU A 68 2.26 -8.42 -2.27
C GLU A 68 1.90 -8.36 -0.77
N ILE A 69 2.43 -7.37 -0.09
CA ILE A 69 2.23 -7.16 1.35
C ILE A 69 0.74 -6.97 1.67
N LEU A 70 0.04 -6.22 0.82
CA LEU A 70 -1.38 -5.97 0.98
C LEU A 70 -2.18 -7.26 1.06
N GLN A 71 -1.91 -8.20 0.17
CA GLN A 71 -2.63 -9.47 0.18
C GLN A 71 -2.26 -10.29 1.41
N ARG A 72 -0.97 -10.29 1.72
CA ARG A 72 -0.39 -11.00 2.82
C ARG A 72 -1.02 -10.53 4.15
N TYR A 73 -1.10 -9.24 4.32
CA TYR A 73 -1.65 -8.68 5.53
C TYR A 73 -3.15 -8.51 5.51
N TYR A 74 -3.77 -8.57 4.36
CA TYR A 74 -5.23 -8.49 4.30
C TYR A 74 -5.82 -9.72 4.96
N LYS A 75 -5.09 -10.82 4.88
CA LYS A 75 -5.49 -12.05 5.52
C LYS A 75 -5.19 -12.01 7.02
N LYS A 76 -4.19 -11.23 7.38
CA LYS A 76 -3.71 -11.20 8.75
C LYS A 76 -4.42 -10.11 9.61
N ILE A 77 -4.46 -8.88 9.13
CA ILE A 77 -5.04 -7.78 9.91
C ILE A 77 -6.21 -7.10 9.19
N GLY A 78 -6.30 -7.26 7.90
CA GLY A 78 -7.39 -6.67 7.16
C GLY A 78 -6.90 -5.55 6.31
N ILE A 79 -7.43 -5.45 5.10
CA ILE A 79 -6.97 -4.47 4.10
C ILE A 79 -7.04 -3.02 4.61
N GLU A 80 -8.10 -2.69 5.32
CA GLU A 80 -8.34 -1.35 5.86
C GLU A 80 -7.18 -0.94 6.76
N ASN A 81 -6.76 -1.90 7.55
CA ASN A 81 -5.65 -1.73 8.46
C ASN A 81 -4.33 -1.61 7.74
N VAL A 82 -4.14 -2.45 6.74
CA VAL A 82 -2.87 -2.46 6.00
C VAL A 82 -2.68 -1.14 5.27
N ASN A 83 -3.73 -0.68 4.61
CA ASN A 83 -3.73 0.59 3.85
C ASN A 83 -3.23 1.73 4.72
N GLN A 84 -3.77 1.80 5.92
CA GLN A 84 -3.42 2.81 6.88
C GLN A 84 -1.93 2.74 7.24
N LEU A 85 -1.45 1.55 7.40
CA LEU A 85 -0.07 1.35 7.80
C LEU A 85 0.89 1.63 6.65
N ILE A 86 0.45 1.38 5.43
CA ILE A 86 1.24 1.71 4.25
C ILE A 86 1.43 3.23 4.18
N LEU A 87 0.39 3.95 4.58
CA LEU A 87 0.43 5.40 4.65
C LEU A 87 1.47 5.86 5.69
N THR A 88 1.53 5.14 6.80
CA THR A 88 2.48 5.41 7.86
C THR A 88 3.92 5.12 7.37
N THR A 89 4.03 4.13 6.51
CA THR A 89 5.27 3.69 5.95
C THR A 89 5.91 4.77 5.08
N ILE A 90 5.11 5.34 4.19
CA ILE A 90 5.58 6.38 3.30
C ILE A 90 5.63 7.73 3.99
N LYS A 91 4.59 8.05 4.71
CA LYS A 91 4.48 9.28 5.37
C LYS A 91 4.65 9.09 6.85
N LEU A 92 5.86 8.76 7.23
CA LEU A 92 6.23 8.67 8.63
C LEU A 92 6.29 10.12 9.12
N GLU A 93 6.71 10.96 8.17
CA GLU A 93 6.82 12.39 8.30
C GLU A 93 7.91 12.78 9.28
N HIS A 94 9.04 13.06 8.73
CA HIS A 94 10.15 13.55 9.48
C HIS A 94 10.46 14.87 8.81
N HIS A 95 9.73 15.88 9.24
CA HIS A 95 9.68 17.17 8.57
C HIS A 95 11.03 17.77 8.20
N HIS A 96 11.22 17.95 6.92
CA HIS A 96 12.41 18.56 6.35
C HIS A 96 12.31 20.05 6.61
N HIS A 97 13.28 20.59 7.33
CA HIS A 97 13.27 22.01 7.68
C HIS A 97 13.59 22.90 6.48
N HIS A 98 12.63 23.77 6.15
CA HIS A 98 12.71 24.73 5.05
C HIS A 98 12.68 24.05 3.67
N HIS A 99 11.54 24.12 3.04
CA HIS A 99 11.32 23.59 1.72
C HIS A 99 11.72 24.67 0.72
N MET A 1 4.20 0.56 16.76
CA MET A 1 4.83 0.80 15.47
C MET A 1 4.02 0.15 14.38
N SER A 2 4.49 0.19 13.17
CA SER A 2 3.87 -0.50 12.09
C SER A 2 4.40 -1.95 12.04
N ILE A 3 3.98 -2.72 11.06
CA ILE A 3 4.43 -4.10 10.91
C ILE A 3 5.87 -4.20 10.39
N LEU A 4 6.80 -3.94 11.26
CA LEU A 4 8.22 -3.93 10.92
C LEU A 4 8.77 -5.35 10.88
N GLU A 5 7.92 -6.29 11.26
CA GLU A 5 8.20 -7.70 11.21
C GLU A 5 8.44 -8.15 9.78
N ASP A 6 7.89 -7.41 8.85
CA ASP A 6 7.95 -7.80 7.46
C ASP A 6 9.15 -7.16 6.77
N PRO A 7 10.02 -7.97 6.15
CA PRO A 7 11.19 -7.47 5.44
C PRO A 7 10.84 -6.58 4.25
N GLU A 8 9.76 -6.86 3.57
CA GLU A 8 9.38 -6.07 2.42
C GLU A 8 8.75 -4.76 2.83
N PHE A 9 8.08 -4.76 3.97
CA PHE A 9 7.49 -3.57 4.53
C PHE A 9 8.60 -2.58 4.92
N VAL A 10 9.68 -3.10 5.44
CA VAL A 10 10.80 -2.24 5.79
C VAL A 10 11.45 -1.69 4.50
N LYS A 11 11.44 -2.52 3.41
CA LYS A 11 11.91 -2.07 2.09
C LYS A 11 11.16 -0.80 1.67
N LEU A 12 9.89 -0.75 2.03
CA LEU A 12 9.01 0.37 1.74
C LEU A 12 9.43 1.61 2.55
N ARG A 13 9.84 1.40 3.78
CA ARG A 13 10.34 2.48 4.64
C ARG A 13 11.64 3.04 4.06
N GLN A 14 12.39 2.15 3.45
CA GLN A 14 13.63 2.48 2.78
C GLN A 14 13.37 3.10 1.40
N PHE A 15 12.21 2.79 0.82
CA PHE A 15 11.83 3.27 -0.50
C PHE A 15 11.35 4.71 -0.41
N LYS A 16 10.58 4.98 0.65
CA LYS A 16 10.03 6.31 0.99
C LYS A 16 8.89 6.72 0.05
N GLY A 17 8.43 7.94 0.21
CA GLY A 17 7.35 8.45 -0.57
C GLY A 17 7.80 9.03 -1.89
N LYS A 18 7.97 8.18 -2.88
CA LYS A 18 8.32 8.61 -4.24
C LYS A 18 7.06 8.67 -5.09
N VAL A 19 5.95 8.62 -4.41
CA VAL A 19 4.62 8.57 -4.99
C VAL A 19 3.80 9.71 -4.46
N ASN A 20 2.68 9.99 -5.10
CA ASN A 20 1.77 10.98 -4.56
C ASN A 20 0.98 10.31 -3.45
N PHE A 21 1.12 10.82 -2.25
CA PHE A 21 0.44 10.30 -1.08
C PHE A 21 -1.06 10.25 -1.27
N ASN A 22 -1.57 11.22 -1.99
CA ASN A 22 -3.01 11.36 -2.16
C ASN A 22 -3.51 10.31 -3.10
N LEU A 23 -2.65 9.95 -4.03
CA LEU A 23 -2.98 8.97 -5.01
C LEU A 23 -2.92 7.60 -4.38
N VAL A 24 -1.88 7.34 -3.56
CA VAL A 24 -1.76 6.06 -2.84
C VAL A 24 -2.94 5.85 -1.91
N MET A 25 -3.34 6.93 -1.21
CA MET A 25 -4.52 6.89 -0.35
C MET A 25 -5.72 6.45 -1.17
N GLN A 26 -5.85 7.02 -2.36
CA GLN A 26 -6.93 6.67 -3.28
C GLN A 26 -6.77 5.23 -3.78
N ILE A 27 -5.54 4.80 -4.09
CA ILE A 27 -5.26 3.42 -4.55
C ILE A 27 -5.76 2.43 -3.51
N LEU A 28 -5.34 2.64 -2.27
CA LEU A 28 -5.71 1.80 -1.16
C LEU A 28 -7.21 1.84 -0.92
N ASP A 29 -7.77 3.01 -1.03
CA ASP A 29 -9.21 3.23 -0.84
C ASP A 29 -10.02 2.51 -1.92
N GLU A 30 -9.60 2.72 -3.16
CA GLU A 30 -10.26 2.20 -4.35
C GLU A 30 -10.28 0.66 -4.33
N ILE A 31 -9.16 0.04 -3.94
CA ILE A 31 -9.13 -1.42 -3.83
C ILE A 31 -9.94 -1.89 -2.62
N GLU A 32 -9.85 -1.15 -1.51
CA GLU A 32 -10.50 -1.50 -0.26
C GLU A 32 -12.02 -1.55 -0.39
N LEU A 33 -12.59 -0.53 -0.98
CA LEU A 33 -14.03 -0.46 -1.16
C LEU A 33 -14.52 -1.47 -2.20
N ASP A 34 -13.64 -1.83 -3.12
CA ASP A 34 -13.96 -2.84 -4.14
C ASP A 34 -13.91 -4.23 -3.51
N LEU A 35 -12.88 -4.43 -2.71
CA LEU A 35 -12.64 -5.68 -2.03
C LEU A 35 -13.73 -5.96 -0.97
N ARG A 36 -13.84 -5.03 -0.03
CA ARG A 36 -14.79 -5.02 1.11
C ARG A 36 -14.96 -6.39 1.81
N GLY A 37 -15.82 -7.26 1.25
CA GLY A 37 -16.05 -8.61 1.80
C GLY A 37 -14.78 -9.43 1.79
N SER A 38 -13.90 -9.07 0.87
CA SER A 38 -12.57 -9.60 0.77
C SER A 38 -12.49 -11.04 0.27
N ASP A 39 -12.42 -11.22 -1.04
CA ASP A 39 -12.21 -12.54 -1.61
C ASP A 39 -10.96 -12.57 -2.48
N ASN A 40 -10.93 -11.74 -3.52
CA ASN A 40 -9.79 -11.68 -4.42
C ASN A 40 -9.29 -10.28 -4.56
N ILE A 41 -8.39 -9.92 -3.70
CA ILE A 41 -7.84 -8.59 -3.68
C ILE A 41 -6.94 -8.36 -4.88
N LYS A 42 -6.33 -9.42 -5.40
CA LYS A 42 -5.50 -9.34 -6.60
C LYS A 42 -6.30 -8.74 -7.77
N THR A 43 -7.56 -9.12 -7.87
CA THR A 43 -8.43 -8.67 -8.91
C THR A 43 -8.74 -7.18 -8.72
N SER A 44 -8.99 -6.79 -7.47
CA SER A 44 -9.23 -5.41 -7.11
C SER A 44 -7.98 -4.54 -7.44
N ILE A 45 -6.80 -5.12 -7.18
CA ILE A 45 -5.51 -4.48 -7.49
C ILE A 45 -5.44 -4.12 -8.99
N ILE A 46 -5.79 -5.10 -9.83
CA ILE A 46 -5.74 -4.98 -11.28
C ILE A 46 -6.49 -3.76 -11.80
N TYR A 47 -7.72 -3.55 -11.31
CA TYR A 47 -8.56 -2.45 -11.81
C TYR A 47 -7.88 -1.12 -11.54
N VAL A 48 -7.53 -0.94 -10.28
CA VAL A 48 -6.98 0.29 -9.80
C VAL A 48 -5.63 0.59 -10.42
N TYR A 49 -4.77 -0.40 -10.50
CA TYR A 49 -3.48 -0.24 -11.10
C TYR A 49 -3.59 0.12 -12.58
N SER A 50 -4.52 -0.49 -13.28
CA SER A 50 -4.71 -0.24 -14.68
C SER A 50 -5.35 1.15 -14.92
N SER A 51 -6.02 1.66 -13.91
CA SER A 51 -6.68 2.94 -14.02
C SER A 51 -5.75 4.07 -13.50
N HIS A 52 -4.60 3.70 -12.98
CA HIS A 52 -3.64 4.67 -12.45
C HIS A 52 -2.21 4.23 -12.84
N LEU A 53 -2.11 3.69 -14.07
CA LEU A 53 -0.88 3.05 -14.62
C LEU A 53 0.41 3.81 -14.43
N ASP A 54 0.38 5.10 -14.70
CA ASP A 54 1.61 5.90 -14.71
C ASP A 54 2.34 5.91 -13.37
N GLU A 55 1.62 6.17 -12.29
CA GLU A 55 2.23 6.20 -10.96
C GLU A 55 2.70 4.79 -10.59
N ILE A 56 1.91 3.80 -11.03
CA ILE A 56 2.22 2.40 -10.81
C ILE A 56 3.53 2.05 -11.51
N ARG A 57 3.68 2.56 -12.73
CA ARG A 57 4.84 2.29 -13.57
C ARG A 57 6.11 2.88 -12.96
N LYS A 58 6.02 4.14 -12.58
CA LYS A 58 7.13 4.89 -11.99
C LYS A 58 7.66 4.21 -10.73
N ASN A 59 6.77 3.60 -10.01
CA ASN A 59 7.11 3.00 -8.74
C ASN A 59 6.64 1.57 -8.73
N LYS A 60 6.95 0.89 -9.82
CA LYS A 60 6.56 -0.51 -10.05
C LYS A 60 6.98 -1.44 -8.90
N GLU A 61 8.13 -1.19 -8.33
CA GLU A 61 8.62 -1.97 -7.23
C GLU A 61 7.80 -1.69 -5.98
N PHE A 62 7.49 -0.42 -5.75
CA PHE A 62 6.69 0.01 -4.61
C PHE A 62 5.31 -0.60 -4.69
N TYR A 63 4.71 -0.47 -5.85
CA TYR A 63 3.37 -0.96 -6.06
C TYR A 63 3.28 -2.45 -6.04
N ASP A 64 4.31 -3.14 -6.49
CA ASP A 64 4.33 -4.60 -6.38
C ASP A 64 4.46 -5.00 -4.93
N MET A 65 5.41 -4.37 -4.22
CA MET A 65 5.65 -4.66 -2.81
C MET A 65 4.42 -4.40 -1.98
N ILE A 66 3.77 -3.26 -2.18
CA ILE A 66 2.57 -2.99 -1.41
C ILE A 66 1.46 -3.96 -1.79
N ALA A 67 1.29 -4.26 -3.08
CA ALA A 67 0.25 -5.20 -3.53
C ALA A 67 0.47 -6.56 -2.91
N GLU A 68 1.72 -6.96 -2.86
CA GLU A 68 2.15 -8.20 -2.27
C GLU A 68 1.72 -8.21 -0.79
N ILE A 69 2.17 -7.19 -0.07
CA ILE A 69 1.89 -7.00 1.34
C ILE A 69 0.38 -6.85 1.63
N LEU A 70 -0.33 -6.11 0.78
CA LEU A 70 -1.78 -5.92 0.92
C LEU A 70 -2.51 -7.26 0.96
N GLN A 71 -2.15 -8.14 0.05
CA GLN A 71 -2.76 -9.47 -0.02
C GLN A 71 -2.32 -10.31 1.19
N ARG A 72 -1.03 -10.35 1.36
CA ARG A 72 -0.34 -11.08 2.41
C ARG A 72 -0.86 -10.70 3.82
N TYR A 73 -1.05 -9.43 4.04
CA TYR A 73 -1.47 -8.94 5.33
C TYR A 73 -2.95 -8.71 5.49
N TYR A 74 -3.74 -8.67 4.40
CA TYR A 74 -5.18 -8.58 4.57
C TYR A 74 -5.64 -9.88 5.25
N LYS A 75 -4.91 -10.95 4.94
CA LYS A 75 -5.14 -12.26 5.53
C LYS A 75 -4.74 -12.25 7.01
N LYS A 76 -3.56 -11.70 7.26
CA LYS A 76 -2.98 -11.72 8.60
C LYS A 76 -3.60 -10.73 9.57
N ILE A 77 -3.72 -9.47 9.17
CA ILE A 77 -4.20 -8.45 10.10
C ILE A 77 -5.46 -7.72 9.63
N GLY A 78 -5.63 -7.61 8.33
CA GLY A 78 -6.80 -6.94 7.79
C GLY A 78 -6.40 -5.82 6.85
N ILE A 79 -7.17 -5.60 5.81
CA ILE A 79 -6.83 -4.62 4.78
C ILE A 79 -6.75 -3.19 5.34
N GLU A 80 -7.68 -2.84 6.25
CA GLU A 80 -7.70 -1.49 6.83
C GLU A 80 -6.43 -1.20 7.62
N ASN A 81 -5.93 -2.21 8.27
CA ASN A 81 -4.69 -2.11 9.03
C ASN A 81 -3.54 -1.84 8.10
N VAL A 82 -3.47 -2.63 7.04
CA VAL A 82 -2.39 -2.53 6.07
C VAL A 82 -2.43 -1.18 5.37
N ASN A 83 -3.62 -0.78 4.95
CA ASN A 83 -3.90 0.50 4.26
C ASN A 83 -3.29 1.67 5.05
N GLN A 84 -3.57 1.69 6.33
CA GLN A 84 -3.11 2.74 7.22
C GLN A 84 -1.57 2.65 7.37
N LEU A 85 -1.07 1.44 7.55
CA LEU A 85 0.35 1.23 7.74
C LEU A 85 1.17 1.63 6.52
N ILE A 86 0.62 1.40 5.33
CA ILE A 86 1.28 1.81 4.09
C ILE A 86 1.37 3.34 4.03
N LEU A 87 0.28 4.00 4.42
CA LEU A 87 0.23 5.45 4.46
C LEU A 87 1.26 6.00 5.44
N THR A 88 1.35 5.35 6.59
CA THR A 88 2.30 5.71 7.64
C THR A 88 3.76 5.56 7.15
N THR A 89 3.97 4.62 6.26
CA THR A 89 5.26 4.32 5.70
C THR A 89 5.75 5.44 4.75
N ILE A 90 4.88 5.93 3.91
CA ILE A 90 5.26 6.98 2.97
C ILE A 90 5.16 8.36 3.61
N LYS A 91 4.11 8.58 4.35
CA LYS A 91 3.85 9.82 5.01
C LYS A 91 4.31 9.69 6.42
N LEU A 92 5.32 10.42 6.82
CA LEU A 92 5.80 10.31 8.17
C LEU A 92 4.88 11.03 9.15
N GLU A 93 3.80 10.35 9.46
CA GLU A 93 2.79 10.81 10.35
C GLU A 93 2.77 9.91 11.59
N HIS A 94 2.34 10.48 12.69
CA HIS A 94 2.29 9.79 13.95
C HIS A 94 1.22 10.42 14.82
N HIS A 95 0.12 9.70 15.02
CA HIS A 95 -1.03 10.13 15.88
C HIS A 95 -1.83 11.29 15.22
N HIS A 96 -1.47 11.60 13.98
CA HIS A 96 -2.04 12.68 13.18
C HIS A 96 -1.70 14.04 13.74
N HIS A 97 -0.90 14.80 13.00
CA HIS A 97 -0.47 16.12 13.41
C HIS A 97 0.39 16.78 12.33
N HIS A 98 1.03 15.97 11.52
CA HIS A 98 2.01 16.48 10.56
C HIS A 98 1.35 17.19 9.40
N HIS A 99 1.50 18.49 9.40
CA HIS A 99 0.98 19.32 8.35
C HIS A 99 2.01 20.40 8.03
#